data_5OGT
#
_entry.id   5OGT
#
_cell.length_a   100.270
_cell.length_b   103.240
_cell.length_c   102.720
_cell.angle_alpha   90.000
_cell.angle_beta   113.280
_cell.angle_gamma   90.000
#
_symmetry.space_group_name_H-M   'P 1 2 1'
#
loop_
_entity.id
_entity.type
_entity.pdbx_description
1 polymer 'Chromate reductase'
2 non-polymer 'FLAVIN MONONUCLEOTIDE'
3 water water
#
_entity_poly.entity_id   1
_entity_poly.type   'polypeptide(L)'
_entity_poly.pdbx_seq_one_letter_code
;MALLFTPLELGGLRLKNRLAMSPMDQYSATLEGEVTDWHLLHYPTRALGGVGLILVEATAVEPLGRTSPYDLGIWSEDHL
PGLKELARRIREAGAVPGIQLHHAGRKAGTARPWEGGKPLGWRVVGPSPIPFDEGYPVPEPLDEAGMERILQAFVEGARR
ALRAGFQVIELHMAHGYLLSSFLSPLSNQRTDAYGGSLENRMRFPLQVAQAVREVVPRELPLFVRVSATDWGEGGWSLED
TLAFARRLKELGVDLLDCSSGGVVLRVRIPLAPGFQVPFADAVRKRVGLRTGAVGLITTPEQAETLLQAGSADLVLLGRV
LLRDPYFPLRAAKALGVAPEVPPQYQRGF
;
_entity_poly.pdbx_strand_id   A,B,C,D
#
loop_
_chem_comp.id
_chem_comp.type
_chem_comp.name
_chem_comp.formula
FMN non-polymer 'FLAVIN MONONUCLEOTIDE' 'C17 H21 N4 O9 P'
#
# COMPACT_ATOMS: atom_id res chain seq x y z
N ALA A 2 -8.33 48.51 2.88
CA ALA A 2 -9.45 47.67 2.34
C ALA A 2 -9.41 46.26 2.94
N LEU A 3 -10.33 45.99 3.87
CA LEU A 3 -10.45 44.66 4.50
C LEU A 3 -10.59 43.51 3.51
N LEU A 4 -11.23 43.76 2.36
CA LEU A 4 -11.40 42.74 1.32
C LEU A 4 -10.07 42.11 0.86
N PHE A 5 -9.00 42.90 0.81
CA PHE A 5 -7.66 42.40 0.45
C PHE A 5 -6.64 42.45 1.60
N THR A 6 -7.15 42.21 2.81
CA THR A 6 -6.36 42.07 4.03
C THR A 6 -6.37 40.56 4.36
N PRO A 7 -5.22 39.99 4.79
CA PRO A 7 -5.19 38.55 5.13
C PRO A 7 -6.16 38.11 6.25
N LEU A 8 -6.65 36.88 6.14
CA LEU A 8 -7.55 36.27 7.13
C LEU A 8 -6.91 35.04 7.77
N GLU A 9 -6.87 35.01 9.09
CA GLU A 9 -6.37 33.85 9.82
C GLU A 9 -7.52 32.96 10.25
N LEU A 10 -7.50 31.73 9.76
CA LEU A 10 -8.39 30.65 10.22
C LEU A 10 -7.55 29.43 10.54
N GLY A 11 -7.76 28.90 11.74
CA GLY A 11 -6.98 27.76 12.22
C GLY A 11 -5.50 28.09 12.18
N GLY A 12 -4.74 27.26 11.48
CA GLY A 12 -3.30 27.47 11.28
C GLY A 12 -2.95 28.19 9.99
N LEU A 13 -3.93 28.49 9.14
CA LEU A 13 -3.68 29.08 7.81
C LEU A 13 -3.77 30.59 7.80
N ARG A 14 -3.24 31.17 6.71
CA ARG A 14 -3.46 32.56 6.36
C ARG A 14 -3.91 32.64 4.91
N LEU A 15 -5.17 32.97 4.70
CA LEU A 15 -5.67 33.24 3.36
C LEU A 15 -5.21 34.65 2.96
N LYS A 16 -4.70 34.84 1.74
CA LYS A 16 -4.15 36.15 1.32
C LYS A 16 -5.22 37.27 1.13
N ASN A 17 -6.48 36.88 1.01
CA ASN A 17 -7.59 37.83 0.97
C ASN A 17 -8.87 37.17 1.48
N ARG A 18 -9.98 37.92 1.41
CA ARG A 18 -11.26 37.44 1.93
C ARG A 18 -12.29 37.08 0.88
N LEU A 19 -11.82 36.67 -0.29
CA LEU A 19 -12.71 36.19 -1.34
C LEU A 19 -12.53 34.69 -1.53
N ALA A 20 -13.66 34.01 -1.71
CA ALA A 20 -13.68 32.58 -1.96
C ALA A 20 -14.65 32.24 -3.09
N MET A 21 -14.28 31.21 -3.85
CA MET A 21 -15.16 30.61 -4.85
C MET A 21 -16.14 29.65 -4.18
N SER A 22 -17.43 30.00 -4.25
CA SER A 22 -18.51 29.20 -3.70
C SER A 22 -18.60 27.84 -4.43
N PRO A 23 -19.05 26.76 -3.72
CA PRO A 23 -19.21 25.45 -4.40
C PRO A 23 -20.26 25.46 -5.51
N MET A 24 -19.89 24.95 -6.68
CA MET A 24 -20.76 24.95 -7.87
C MET A 24 -20.60 23.70 -8.77
N ASP A 25 -21.49 22.74 -8.54
CA ASP A 25 -21.60 21.51 -9.36
C ASP A 25 -21.49 21.78 -10.87
N GLN A 26 -20.54 21.11 -11.52
CA GLN A 26 -20.31 21.20 -12.97
C GLN A 26 -20.89 20.04 -13.79
N TYR A 27 -21.37 18.98 -13.12
CA TYR A 27 -21.97 17.82 -13.79
C TYR A 27 -21.11 17.27 -14.96
N SER A 28 -19.79 17.23 -14.76
CA SER A 28 -18.83 16.88 -15.82
C SER A 28 -17.83 15.77 -15.43
N ALA A 29 -18.07 15.06 -14.33
CA ALA A 29 -17.25 13.92 -13.93
C ALA A 29 -17.55 12.70 -14.80
N THR A 30 -16.73 11.66 -14.67
CA THR A 30 -17.05 10.36 -15.27
C THR A 30 -18.23 9.73 -14.51
N LEU A 31 -18.73 8.63 -15.07
CA LEU A 31 -19.73 7.77 -14.42
C LEU A 31 -19.28 7.12 -13.12
N GLU A 32 -17.97 7.00 -12.90
CA GLU A 32 -17.42 6.55 -11.61
C GLU A 32 -17.05 7.70 -10.66
N GLY A 33 -17.55 8.92 -10.92
CA GLY A 33 -17.25 10.09 -10.07
C GLY A 33 -15.85 10.70 -10.16
N GLU A 34 -15.09 10.39 -11.21
CA GLU A 34 -13.70 10.81 -11.34
C GLU A 34 -13.51 12.21 -11.98
N VAL A 35 -12.44 12.88 -11.57
CA VAL A 35 -12.02 14.17 -12.13
C VAL A 35 -11.67 14.00 -13.62
N THR A 36 -12.06 14.99 -14.43
CA THR A 36 -11.82 15.02 -15.88
C THR A 36 -11.10 16.31 -16.26
N ASP A 37 -10.71 16.39 -17.55
CA ASP A 37 -10.15 17.61 -18.15
C ASP A 37 -10.97 18.89 -17.85
N TRP A 38 -12.30 18.80 -17.85
CA TRP A 38 -13.14 19.97 -17.56
C TRP A 38 -12.75 20.67 -16.24
N HIS A 39 -12.61 19.89 -15.17
CA HIS A 39 -12.30 20.43 -13.84
C HIS A 39 -10.89 21.02 -13.77
N LEU A 40 -9.96 20.39 -14.48
CA LEU A 40 -8.55 20.83 -14.49
C LEU A 40 -8.31 22.13 -15.27
N LEU A 41 -9.26 22.52 -16.10
CA LEU A 41 -9.27 23.87 -16.71
C LEU A 41 -10.10 24.88 -15.88
N HIS A 42 -11.33 24.49 -15.54
CA HIS A 42 -12.29 25.33 -14.78
C HIS A 42 -11.73 25.93 -13.47
N TYR A 43 -11.20 25.07 -12.60
CA TYR A 43 -10.79 25.52 -11.27
C TYR A 43 -9.49 26.36 -11.26
N PRO A 44 -8.42 25.90 -11.93
CA PRO A 44 -7.22 26.74 -11.88
C PRO A 44 -7.36 28.09 -12.59
N THR A 45 -8.26 28.20 -13.56
CA THR A 45 -8.62 29.50 -14.15
C THR A 45 -9.01 30.52 -13.04
N ARG A 46 -9.85 30.07 -12.11
CA ARG A 46 -10.31 30.96 -11.03
C ARG A 46 -9.24 31.22 -9.95
N ALA A 47 -8.34 30.27 -9.75
CA ALA A 47 -7.20 30.48 -8.85
C ALA A 47 -6.25 31.56 -9.40
N LEU A 48 -5.91 31.52 -10.69
CA LEU A 48 -5.22 32.64 -11.34
C LEU A 48 -6.01 33.94 -11.24
N GLY A 49 -7.34 33.84 -11.39
CA GLY A 49 -8.25 34.96 -11.24
C GLY A 49 -8.18 35.72 -9.92
N GLY A 50 -7.64 35.08 -8.86
CA GLY A 50 -7.22 35.78 -7.66
C GLY A 50 -7.90 35.48 -6.32
N VAL A 51 -8.84 34.52 -6.25
CA VAL A 51 -9.41 34.13 -4.93
C VAL A 51 -8.35 33.53 -3.97
N GLY A 52 -8.47 33.84 -2.68
CA GLY A 52 -7.63 33.22 -1.67
C GLY A 52 -7.96 31.75 -1.39
N LEU A 53 -9.21 31.36 -1.62
CA LEU A 53 -9.69 30.03 -1.27
C LEU A 53 -10.67 29.54 -2.33
N ILE A 54 -10.46 28.32 -2.82
CA ILE A 54 -11.40 27.69 -3.74
C ILE A 54 -12.07 26.49 -3.06
N LEU A 55 -13.39 26.56 -2.95
CA LEU A 55 -14.20 25.44 -2.47
C LEU A 55 -14.75 24.64 -3.65
N VAL A 56 -14.16 23.48 -3.88
CA VAL A 56 -14.58 22.59 -4.96
C VAL A 56 -16.03 22.12 -4.72
N GLU A 57 -16.78 21.97 -5.81
CA GLU A 57 -18.18 21.50 -5.81
C GLU A 57 -18.53 20.28 -4.90
N ALA A 58 -19.81 20.17 -4.59
CA ALA A 58 -20.38 19.03 -3.85
C ALA A 58 -19.79 17.69 -4.32
N THR A 59 -19.11 16.99 -3.41
CA THR A 59 -18.47 15.71 -3.71
C THR A 59 -19.13 14.60 -2.86
N ALA A 60 -19.60 13.56 -3.54
CA ALA A 60 -20.45 12.54 -2.93
C ALA A 60 -19.65 11.54 -2.09
N VAL A 61 -20.06 11.39 -0.83
CA VAL A 61 -19.43 10.46 0.12
C VAL A 61 -19.82 8.98 -0.08
N GLU A 62 -20.92 8.72 -0.78
CA GLU A 62 -21.26 7.37 -1.24
C GLU A 62 -22.06 7.53 -2.54
N PRO A 63 -22.09 6.49 -3.41
CA PRO A 63 -22.75 6.59 -4.73
C PRO A 63 -24.22 7.03 -4.76
N LEU A 64 -25.01 6.59 -3.78
CA LEU A 64 -26.42 7.03 -3.60
C LEU A 64 -26.53 8.48 -3.09
N GLY A 65 -25.44 9.02 -2.57
CA GLY A 65 -25.35 10.44 -2.22
C GLY A 65 -25.17 11.43 -3.38
N ARG A 66 -25.03 10.94 -4.62
CA ARG A 66 -24.86 11.84 -5.78
C ARG A 66 -26.15 12.55 -6.20
N THR A 67 -26.01 13.82 -6.57
CA THR A 67 -27.09 14.58 -7.19
C THR A 67 -27.38 14.07 -8.59
N SER A 68 -26.32 13.73 -9.33
CA SER A 68 -26.43 13.26 -10.71
C SER A 68 -25.43 12.14 -11.01
N PRO A 69 -25.60 11.44 -12.14
CA PRO A 69 -24.58 10.44 -12.51
C PRO A 69 -23.21 11.02 -12.93
N TYR A 70 -23.06 12.35 -12.89
CA TYR A 70 -21.84 13.06 -13.30
C TYR A 70 -21.23 13.95 -12.19
N ASP A 71 -21.65 13.70 -10.95
CA ASP A 71 -21.06 14.35 -9.78
C ASP A 71 -19.67 13.77 -9.49
N LEU A 72 -18.81 14.58 -8.86
CA LEU A 72 -17.56 14.10 -8.26
C LEU A 72 -17.88 13.17 -7.09
N GLY A 73 -17.00 12.20 -6.87
CA GLY A 73 -17.12 11.31 -5.72
C GLY A 73 -15.83 11.21 -4.95
N ILE A 74 -15.94 10.73 -3.72
CA ILE A 74 -14.78 10.48 -2.84
C ILE A 74 -14.95 9.19 -1.99
N TRP A 75 -15.78 8.25 -2.48
CA TRP A 75 -16.10 6.99 -1.75
C TRP A 75 -15.04 5.88 -1.91
N SER A 76 -13.99 6.13 -2.69
CA SER A 76 -13.04 5.09 -3.10
C SER A 76 -11.61 5.65 -3.19
N GLU A 77 -10.64 4.77 -2.89
CA GLU A 77 -9.21 5.12 -2.98
C GLU A 77 -8.76 5.40 -4.43
N ASP A 78 -9.49 4.86 -5.41
CA ASP A 78 -9.25 5.19 -6.83
C ASP A 78 -9.75 6.57 -7.30
N HIS A 79 -10.40 7.34 -6.42
CA HIS A 79 -10.62 8.78 -6.65
C HIS A 79 -9.41 9.64 -6.27
N LEU A 80 -8.48 9.07 -5.52
CA LEU A 80 -7.33 9.81 -4.99
C LEU A 80 -6.36 10.44 -6.04
N PRO A 81 -5.96 9.69 -7.09
CA PRO A 81 -5.10 10.32 -8.13
C PRO A 81 -5.68 11.56 -8.81
N GLY A 82 -6.96 11.52 -9.18
CA GLY A 82 -7.62 12.67 -9.81
C GLY A 82 -7.77 13.88 -8.89
N LEU A 83 -8.26 13.64 -7.67
CA LEU A 83 -8.43 14.70 -6.66
C LEU A 83 -7.12 15.38 -6.23
N LYS A 84 -6.08 14.57 -6.10
CA LYS A 84 -4.74 15.03 -5.78
C LYS A 84 -4.17 15.94 -6.89
N GLU A 85 -4.40 15.56 -8.15
CA GLU A 85 -3.99 16.39 -9.29
C GLU A 85 -4.77 17.72 -9.31
N LEU A 86 -6.05 17.69 -8.97
CA LEU A 86 -6.89 18.89 -8.94
C LEU A 86 -6.42 19.92 -7.90
N ALA A 87 -6.21 19.44 -6.67
CA ALA A 87 -5.71 20.26 -5.56
C ALA A 87 -4.33 20.87 -5.85
N ARG A 88 -3.45 20.05 -6.42
CA ARG A 88 -2.10 20.48 -6.80
C ARG A 88 -2.15 21.65 -7.81
N ARG A 89 -3.00 21.54 -8.83
CA ARG A 89 -3.13 22.59 -9.83
C ARG A 89 -3.79 23.88 -9.34
N ILE A 90 -4.70 23.78 -8.36
CA ILE A 90 -5.29 24.95 -7.70
C ILE A 90 -4.22 25.70 -6.91
N ARG A 91 -3.46 24.96 -6.11
CA ARG A 91 -2.35 25.49 -5.32
C ARG A 91 -1.29 26.21 -6.14
N GLU A 92 -0.87 25.60 -7.25
CA GLU A 92 0.15 26.21 -8.11
C GLU A 92 -0.32 27.44 -8.90
N ALA A 93 -1.63 27.58 -9.08
CA ALA A 93 -2.22 28.79 -9.65
C ALA A 93 -2.46 29.89 -8.60
N GLY A 94 -2.24 29.58 -7.32
CA GLY A 94 -2.17 30.59 -6.25
C GLY A 94 -3.15 30.51 -5.06
N ALA A 95 -4.12 29.58 -5.12
CA ALA A 95 -5.20 29.51 -4.12
C ALA A 95 -5.08 28.34 -3.16
N VAL A 96 -5.63 28.47 -1.96
CA VAL A 96 -5.76 27.34 -1.05
C VAL A 96 -6.89 26.45 -1.59
N PRO A 97 -6.62 25.14 -1.79
CA PRO A 97 -7.68 24.23 -2.23
C PRO A 97 -8.54 23.70 -1.06
N GLY A 98 -9.85 23.82 -1.22
CA GLY A 98 -10.82 23.24 -0.28
C GLY A 98 -11.85 22.43 -1.05
N ILE A 99 -12.68 21.69 -0.31
CA ILE A 99 -13.70 20.80 -0.88
C ILE A 99 -14.90 20.64 0.04
N GLN A 100 -16.08 20.59 -0.58
CA GLN A 100 -17.36 20.35 0.09
C GLN A 100 -17.74 18.87 0.02
N LEU A 101 -18.07 18.27 1.17
CA LEU A 101 -18.53 16.86 1.27
C LEU A 101 -20.06 16.78 1.37
N HIS A 102 -20.66 15.79 0.69
CA HIS A 102 -22.07 15.87 0.26
C HIS A 102 -22.81 14.54 0.26
N HIS A 103 -24.10 14.58 0.61
CA HIS A 103 -25.02 13.46 0.40
C HIS A 103 -26.41 14.04 0.03
N ALA A 104 -26.88 13.71 -1.17
CA ALA A 104 -28.07 14.34 -1.77
C ALA A 104 -29.43 13.98 -1.13
N GLY A 105 -29.51 12.82 -0.50
CA GLY A 105 -30.70 12.45 0.29
C GLY A 105 -31.88 12.16 -0.63
N ARG A 106 -33.06 12.69 -0.29
CA ARG A 106 -34.26 12.49 -1.12
C ARG A 106 -34.24 13.21 -2.48
N LYS A 107 -33.24 14.08 -2.69
CA LYS A 107 -33.02 14.74 -3.96
C LYS A 107 -31.90 14.11 -4.82
N ALA A 108 -31.39 12.96 -4.41
CA ALA A 108 -30.39 12.24 -5.18
C ALA A 108 -30.93 11.70 -6.51
N GLY A 109 -30.03 11.53 -7.48
CA GLY A 109 -30.33 10.82 -8.73
C GLY A 109 -31.25 11.51 -9.72
N THR A 110 -30.89 12.73 -10.11
CA THR A 110 -31.60 13.47 -11.18
C THR A 110 -30.69 13.62 -12.38
N ALA A 111 -31.28 13.93 -13.53
CA ALA A 111 -30.51 14.22 -14.74
C ALA A 111 -29.85 15.59 -14.62
N ARG A 112 -28.86 15.82 -15.47
CA ARG A 112 -28.24 17.14 -15.62
C ARG A 112 -29.27 18.24 -15.92
N PRO A 113 -29.04 19.50 -15.46
CA PRO A 113 -29.93 20.65 -15.73
C PRO A 113 -30.25 20.92 -17.20
N TRP A 114 -29.26 20.71 -18.07
CA TRP A 114 -29.44 20.87 -19.52
C TRP A 114 -29.91 19.61 -20.28
N GLU A 115 -30.17 18.51 -19.57
CA GLU A 115 -30.82 17.32 -20.14
C GLU A 115 -32.22 17.08 -19.57
N GLY A 116 -32.81 18.12 -19.00
CA GLY A 116 -34.17 18.07 -18.47
C GLY A 116 -34.28 17.99 -16.96
N GLY A 117 -33.23 17.50 -16.30
CA GLY A 117 -33.23 17.46 -14.84
C GLY A 117 -34.26 16.55 -14.16
N LYS A 118 -34.73 15.52 -14.85
CA LYS A 118 -35.76 14.61 -14.28
C LYS A 118 -35.20 13.46 -13.41
N PRO A 119 -35.94 13.07 -12.34
CA PRO A 119 -35.56 11.93 -11.48
C PRO A 119 -35.38 10.62 -12.25
N LEU A 120 -34.32 9.90 -11.95
CA LEU A 120 -33.99 8.62 -12.59
C LEU A 120 -34.47 7.37 -11.80
N GLY A 121 -35.20 7.58 -10.70
CA GLY A 121 -35.81 6.47 -9.96
C GLY A 121 -34.88 5.62 -9.12
N TRP A 122 -33.90 6.29 -8.49
CA TRP A 122 -32.94 5.61 -7.60
C TRP A 122 -33.62 5.31 -6.27
N ARG A 123 -32.99 4.40 -5.55
CA ARG A 123 -33.49 3.97 -4.26
C ARG A 123 -32.96 4.90 -3.16
N VAL A 124 -33.45 6.14 -3.18
CA VAL A 124 -32.92 7.20 -2.31
C VAL A 124 -33.35 7.03 -0.85
N VAL A 125 -32.62 7.70 0.05
CA VAL A 125 -32.87 7.66 1.50
C VAL A 125 -33.16 9.04 2.07
N GLY A 126 -33.75 9.04 3.27
CA GLY A 126 -34.10 10.26 4.00
C GLY A 126 -34.59 10.00 5.42
N PRO A 127 -34.97 11.07 6.14
CA PRO A 127 -35.53 10.93 7.50
C PRO A 127 -36.94 10.31 7.52
N SER A 128 -37.83 10.81 6.64
CA SER A 128 -39.25 10.42 6.56
C SER A 128 -39.67 10.10 5.13
N PRO A 129 -40.71 9.24 4.94
CA PRO A 129 -41.13 8.84 3.58
C PRO A 129 -42.04 9.86 2.84
N ILE A 130 -41.53 11.08 2.67
CA ILE A 130 -42.23 12.15 1.95
C ILE A 130 -41.44 12.48 0.67
N PRO A 131 -42.06 12.38 -0.52
CA PRO A 131 -41.32 12.79 -1.73
C PRO A 131 -41.03 14.30 -1.76
N PHE A 132 -39.95 14.69 -2.43
CA PHE A 132 -39.58 16.12 -2.59
C PHE A 132 -40.64 16.86 -3.38
N ASP A 133 -41.11 16.24 -4.47
CA ASP A 133 -42.19 16.78 -5.30
C ASP A 133 -42.81 15.66 -6.14
N GLU A 134 -43.89 16.00 -6.85
CA GLU A 134 -44.52 15.14 -7.86
C GLU A 134 -43.47 14.60 -8.85
N GLY A 135 -43.58 13.32 -9.17
CA GLY A 135 -42.58 12.63 -10.00
C GLY A 135 -41.39 12.04 -9.24
N TYR A 136 -41.13 12.49 -8.01
CA TYR A 136 -39.95 12.06 -7.26
C TYR A 136 -40.20 10.77 -6.48
N PRO A 137 -39.16 9.91 -6.36
CA PRO A 137 -39.28 8.68 -5.61
C PRO A 137 -39.47 8.96 -4.11
N VAL A 138 -40.21 8.06 -3.44
CA VAL A 138 -40.46 8.18 -2.00
C VAL A 138 -39.20 7.68 -1.28
N PRO A 139 -38.51 8.54 -0.50
CA PRO A 139 -37.30 8.06 0.17
C PRO A 139 -37.57 7.00 1.25
N GLU A 140 -36.59 6.13 1.46
CA GLU A 140 -36.66 5.10 2.47
C GLU A 140 -36.08 5.67 3.78
N PRO A 141 -36.87 5.61 4.88
CA PRO A 141 -36.37 6.14 6.15
C PRO A 141 -35.13 5.39 6.67
N LEU A 142 -34.14 6.14 7.13
CA LEU A 142 -32.94 5.55 7.68
C LEU A 142 -33.18 4.99 9.08
N ASP A 143 -32.65 3.80 9.33
CA ASP A 143 -32.54 3.27 10.69
C ASP A 143 -31.18 3.67 11.23
N GLU A 144 -30.89 3.29 12.48
CA GLU A 144 -29.67 3.74 13.14
C GLU A 144 -28.39 3.19 12.53
N ALA A 145 -28.45 2.01 11.94
CA ALA A 145 -27.31 1.41 11.26
C ALA A 145 -26.98 2.13 9.94
N GLY A 146 -28.03 2.54 9.21
CA GLY A 146 -27.88 3.37 8.01
C GLY A 146 -27.26 4.72 8.30
N MET A 147 -27.69 5.35 9.40
CA MET A 147 -27.11 6.62 9.84
C MET A 147 -25.61 6.50 10.15
N GLU A 148 -25.25 5.43 10.86
CA GLU A 148 -23.85 5.14 11.21
C GLU A 148 -22.99 4.89 9.96
N ARG A 149 -23.52 4.17 8.99
CA ARG A 149 -22.82 3.93 7.74
C ARG A 149 -22.46 5.25 7.03
N ILE A 150 -23.46 6.11 6.84
CA ILE A 150 -23.29 7.43 6.22
C ILE A 150 -22.36 8.31 7.05
N LEU A 151 -22.49 8.27 8.38
CA LEU A 151 -21.58 9.01 9.25
C LEU A 151 -20.14 8.57 9.03
N GLN A 152 -19.90 7.26 8.95
CA GLN A 152 -18.53 6.73 8.69
C GLN A 152 -18.02 7.18 7.32
N ALA A 153 -18.91 7.22 6.33
CA ALA A 153 -18.56 7.68 5.00
C ALA A 153 -18.10 9.15 5.00
N PHE A 154 -18.70 9.98 5.86
CA PHE A 154 -18.26 11.38 6.02
C PHE A 154 -16.86 11.46 6.64
N VAL A 155 -16.60 10.64 7.66
CA VAL A 155 -15.31 10.57 8.35
C VAL A 155 -14.20 10.07 7.41
N GLU A 156 -14.51 9.04 6.63
CA GLU A 156 -13.55 8.49 5.65
C GLU A 156 -13.35 9.41 4.46
N GLY A 157 -14.44 10.01 3.98
CA GLY A 157 -14.39 11.04 2.95
C GLY A 157 -13.46 12.20 3.31
N ALA A 158 -13.51 12.63 4.57
CA ALA A 158 -12.67 13.71 5.07
C ALA A 158 -11.19 13.33 5.16
N ARG A 159 -10.90 12.12 5.66
CA ARG A 159 -9.50 11.63 5.71
C ARG A 159 -8.89 11.57 4.30
N ARG A 160 -9.70 11.15 3.33
CA ARG A 160 -9.24 11.01 1.95
C ARG A 160 -9.00 12.37 1.27
N ALA A 161 -9.84 13.36 1.58
CA ALA A 161 -9.62 14.75 1.15
C ALA A 161 -8.28 15.32 1.67
N LEU A 162 -7.99 15.04 2.93
CA LEU A 162 -6.70 15.42 3.54
C LEU A 162 -5.51 14.72 2.86
N ARG A 163 -5.62 13.42 2.58
CA ARG A 163 -4.56 12.70 1.86
C ARG A 163 -4.30 13.25 0.44
N ALA A 164 -5.34 13.78 -0.20
CA ALA A 164 -5.21 14.42 -1.51
C ALA A 164 -4.61 15.83 -1.50
N GLY A 165 -4.48 16.45 -0.32
CA GLY A 165 -3.88 17.78 -0.17
C GLY A 165 -4.82 18.96 0.07
N PHE A 166 -6.12 18.72 0.21
CA PHE A 166 -7.10 19.79 0.52
C PHE A 166 -6.92 20.25 1.97
N GLN A 167 -6.97 21.57 2.19
CA GLN A 167 -6.70 22.18 3.51
C GLN A 167 -7.91 22.81 4.23
N VAL A 168 -9.03 22.93 3.51
CA VAL A 168 -10.33 23.33 4.08
C VAL A 168 -11.36 22.26 3.69
N ILE A 169 -12.13 21.80 4.69
CA ILE A 169 -13.21 20.83 4.48
C ILE A 169 -14.51 21.53 4.90
N GLU A 170 -15.51 21.54 4.02
CA GLU A 170 -16.86 22.06 4.34
C GLU A 170 -17.88 20.90 4.33
N LEU A 171 -18.74 20.85 5.34
CA LEU A 171 -19.85 19.89 5.38
C LEU A 171 -21.10 20.55 4.79
N HIS A 172 -21.72 19.90 3.81
CA HIS A 172 -22.92 20.41 3.14
C HIS A 172 -24.16 19.93 3.91
N MET A 173 -24.66 20.81 4.80
CA MET A 173 -25.87 20.53 5.58
C MET A 173 -27.00 21.50 5.20
N ALA A 174 -27.14 21.78 3.91
CA ALA A 174 -28.04 22.83 3.39
C ALA A 174 -28.84 22.35 2.15
N HIS A 175 -29.67 23.24 1.61
CA HIS A 175 -30.32 23.10 0.29
C HIS A 175 -31.22 21.85 0.07
N GLY A 176 -31.75 21.27 1.17
CA GLY A 176 -32.69 20.14 1.08
C GLY A 176 -32.09 18.76 0.90
N TYR A 177 -30.76 18.67 0.89
CA TYR A 177 -30.07 17.40 0.80
C TYR A 177 -30.07 16.71 2.18
N LEU A 178 -29.33 15.61 2.38
CA LEU A 178 -29.59 14.73 3.53
C LEU A 178 -29.71 15.42 4.89
N LEU A 179 -28.64 16.03 5.38
CA LEU A 179 -28.62 16.63 6.72
C LEU A 179 -29.50 17.88 6.88
N SER A 180 -29.63 18.67 5.82
CA SER A 180 -30.61 19.76 5.77
C SER A 180 -32.07 19.26 5.96
N SER A 181 -32.40 18.13 5.31
CA SER A 181 -33.72 17.51 5.44
C SER A 181 -34.02 16.92 6.83
N PHE A 182 -32.99 16.60 7.60
CA PHE A 182 -33.18 16.23 9.01
C PHE A 182 -33.56 17.44 9.87
N LEU A 183 -33.02 18.61 9.53
CA LEU A 183 -33.23 19.83 10.33
C LEU A 183 -34.67 20.39 10.20
N SER A 184 -35.15 20.50 8.98
CA SER A 184 -36.44 21.15 8.71
C SER A 184 -37.61 20.23 9.09
N PRO A 185 -38.67 20.78 9.73
CA PRO A 185 -39.90 19.97 9.95
C PRO A 185 -40.73 19.67 8.67
N LEU A 186 -40.48 20.42 7.59
CA LEU A 186 -41.16 20.18 6.30
C LEU A 186 -40.82 18.86 5.63
N SER A 187 -39.62 18.36 5.89
CA SER A 187 -39.13 17.08 5.39
C SER A 187 -38.97 15.99 6.46
N ASN A 188 -38.84 16.39 7.74
CA ASN A 188 -38.65 15.46 8.87
C ASN A 188 -39.86 15.48 9.80
N GLN A 189 -40.63 14.39 9.76
CA GLN A 189 -41.77 14.16 10.65
C GLN A 189 -41.58 12.90 11.50
N ARG A 190 -40.34 12.60 11.90
CA ARG A 190 -40.07 11.36 12.66
C ARG A 190 -40.61 11.51 14.09
N THR A 191 -40.90 10.36 14.70
CA THR A 191 -41.35 10.28 16.11
C THR A 191 -40.37 9.53 17.04
N ASP A 192 -39.20 9.17 16.52
CA ASP A 192 -38.13 8.58 17.35
C ASP A 192 -37.21 9.68 17.88
N ALA A 193 -36.01 9.30 18.31
CA ALA A 193 -34.99 10.24 18.80
C ALA A 193 -34.46 11.31 17.81
N TYR A 194 -34.76 11.19 16.52
CA TYR A 194 -34.20 12.06 15.46
C TYR A 194 -35.22 12.99 14.79
N GLY A 195 -36.40 13.11 15.42
CA GLY A 195 -37.48 13.98 14.94
C GLY A 195 -38.34 14.52 16.08
N GLY A 196 -39.16 15.51 15.74
CA GLY A 196 -40.00 16.23 16.71
C GLY A 196 -39.36 17.52 17.18
N SER A 197 -38.75 17.48 18.36
CA SER A 197 -38.08 18.66 18.94
C SER A 197 -36.90 19.15 18.12
N LEU A 198 -36.51 20.40 18.39
CA LEU A 198 -35.33 21.03 17.78
C LEU A 198 -34.07 20.21 18.07
N GLU A 199 -33.92 19.79 19.31
CA GLU A 199 -32.76 19.01 19.78
C GLU A 199 -32.67 17.66 19.06
N ASN A 200 -33.83 17.03 18.84
CA ASN A 200 -33.89 15.77 18.11
C ASN A 200 -33.49 15.95 16.66
N ARG A 201 -34.05 16.97 16.00
CA ARG A 201 -33.76 17.28 14.60
C ARG A 201 -32.29 17.66 14.34
N MET A 202 -31.64 18.28 15.32
CA MET A 202 -30.19 18.59 15.25
C MET A 202 -29.25 17.40 15.52
N ARG A 203 -29.78 16.30 16.04
CA ARG A 203 -28.97 15.20 16.60
C ARG A 203 -28.03 14.52 15.61
N PHE A 204 -28.58 14.01 14.51
CA PHE A 204 -27.79 13.35 13.45
C PHE A 204 -26.81 14.34 12.79
N PRO A 205 -27.28 15.56 12.43
CA PRO A 205 -26.32 16.57 11.92
C PRO A 205 -25.15 16.93 12.86
N LEU A 206 -25.41 17.00 14.17
CA LEU A 206 -24.37 17.29 15.17
C LEU A 206 -23.40 16.12 15.40
N GLN A 207 -23.91 14.90 15.34
CA GLN A 207 -23.06 13.68 15.37
C GLN A 207 -22.07 13.63 14.19
N VAL A 208 -22.53 14.00 13.00
CA VAL A 208 -21.64 14.01 11.81
C VAL A 208 -20.52 15.03 12.01
N ALA A 209 -20.89 16.23 12.45
CA ALA A 209 -19.94 17.32 12.67
C ALA A 209 -18.83 16.96 13.68
N GLN A 210 -19.26 16.40 14.81
CA GLN A 210 -18.36 15.98 15.87
C GLN A 210 -17.35 14.94 15.40
N ALA A 211 -17.85 13.90 14.74
CA ALA A 211 -16.99 12.82 14.24
C ALA A 211 -15.96 13.29 13.21
N VAL A 212 -16.35 14.16 12.28
CA VAL A 212 -15.41 14.73 11.28
C VAL A 212 -14.35 15.64 11.97
N ARG A 213 -14.80 16.48 12.91
CA ARG A 213 -13.90 17.36 13.66
C ARG A 213 -12.75 16.59 14.36
N GLU A 214 -13.03 15.36 14.82
CA GLU A 214 -12.03 14.53 15.49
C GLU A 214 -10.94 14.02 14.57
N VAL A 215 -11.22 13.89 13.28
CA VAL A 215 -10.21 13.44 12.30
C VAL A 215 -9.52 14.58 11.52
N VAL A 216 -10.04 15.81 11.61
CA VAL A 216 -9.42 16.96 10.95
C VAL A 216 -8.59 17.70 12.00
N PRO A 217 -7.27 17.81 11.81
CA PRO A 217 -6.46 18.56 12.82
C PRO A 217 -6.85 20.04 12.97
N ARG A 218 -6.72 20.59 14.18
CA ARG A 218 -7.08 22.01 14.47
C ARG A 218 -6.40 23.09 13.59
N GLU A 219 -5.28 22.75 12.95
CA GLU A 219 -4.58 23.64 12.03
C GLU A 219 -5.36 23.87 10.75
N LEU A 220 -6.17 22.89 10.34
CA LEU A 220 -6.97 22.97 9.12
C LEU A 220 -8.44 23.31 9.44
N PRO A 221 -9.02 24.35 8.79
CA PRO A 221 -10.40 24.75 9.12
C PRO A 221 -11.49 23.77 8.69
N LEU A 222 -12.52 23.65 9.53
CA LEU A 222 -13.74 22.92 9.22
C LEU A 222 -14.91 23.93 9.12
N PHE A 223 -15.59 23.92 7.97
CA PHE A 223 -16.77 24.78 7.69
C PHE A 223 -18.05 23.92 7.68
N VAL A 224 -19.19 24.57 7.90
CA VAL A 224 -20.51 23.97 7.70
C VAL A 224 -21.37 24.94 6.89
N ARG A 225 -22.05 24.43 5.88
CA ARG A 225 -23.03 25.21 5.13
C ARG A 225 -24.43 24.82 5.57
N VAL A 226 -25.26 25.82 5.86
CA VAL A 226 -26.63 25.63 6.35
C VAL A 226 -27.59 26.46 5.52
N SER A 227 -28.83 26.01 5.40
CA SER A 227 -29.92 26.90 5.02
C SER A 227 -30.40 27.58 6.30
N ALA A 228 -30.08 28.87 6.45
CA ALA A 228 -30.49 29.67 7.62
C ALA A 228 -32.02 29.75 7.83
N THR A 229 -32.78 29.67 6.74
CA THR A 229 -34.24 29.53 6.76
C THR A 229 -34.66 28.71 5.54
N ASP A 230 -35.82 28.08 5.63
CA ASP A 230 -36.43 27.39 4.45
C ASP A 230 -37.54 28.18 3.75
N TRP A 231 -37.84 29.38 4.27
CA TRP A 231 -38.87 30.29 3.68
C TRP A 231 -40.32 29.77 3.73
N GLY A 232 -40.53 28.57 4.28
CA GLY A 232 -41.85 27.95 4.41
C GLY A 232 -42.47 28.20 5.78
N GLU A 233 -43.76 28.51 5.80
CA GLU A 233 -44.54 28.72 7.03
C GLU A 233 -44.47 27.50 7.98
N GLY A 234 -44.07 27.73 9.22
CA GLY A 234 -43.81 26.64 10.19
C GLY A 234 -42.60 25.77 9.88
N GLY A 235 -41.61 26.33 9.20
CA GLY A 235 -40.36 25.63 8.88
C GLY A 235 -39.18 26.07 9.73
N TRP A 236 -37.98 25.73 9.28
CA TRP A 236 -36.75 26.10 9.97
C TRP A 236 -36.50 27.62 9.88
N SER A 237 -36.23 28.24 11.03
CA SER A 237 -36.10 29.69 11.16
C SER A 237 -34.67 30.17 11.46
N LEU A 238 -34.48 31.49 11.39
CA LEU A 238 -33.24 32.13 11.84
C LEU A 238 -32.94 31.83 13.32
N GLU A 239 -33.96 31.83 14.17
CA GLU A 239 -33.79 31.50 15.60
C GLU A 239 -33.26 30.08 15.83
N ASP A 240 -33.78 29.11 15.08
CA ASP A 240 -33.26 27.74 15.07
C ASP A 240 -31.77 27.71 14.66
N THR A 241 -31.43 28.48 13.60
CA THR A 241 -30.05 28.63 13.13
C THR A 241 -29.08 29.14 14.20
N LEU A 242 -29.54 30.06 15.06
CA LEU A 242 -28.72 30.55 16.18
C LEU A 242 -28.41 29.46 17.21
N ALA A 243 -29.43 28.67 17.54
CA ALA A 243 -29.27 27.54 18.47
C ALA A 243 -28.31 26.49 17.90
N PHE A 244 -28.48 26.18 16.62
CA PHE A 244 -27.61 25.25 15.90
C PHE A 244 -26.15 25.76 15.81
N ALA A 245 -25.98 27.06 15.52
CA ALA A 245 -24.64 27.66 15.45
C ALA A 245 -23.89 27.63 16.79
N ARG A 246 -24.61 27.92 17.87
CA ARG A 246 -24.08 27.76 19.25
C ARG A 246 -23.48 26.37 19.48
N ARG A 247 -24.23 25.32 19.11
CA ARG A 247 -23.78 23.94 19.27
C ARG A 247 -22.58 23.59 18.37
N LEU A 248 -22.55 24.12 17.13
CA LEU A 248 -21.39 23.95 16.25
C LEU A 248 -20.13 24.62 16.82
N LYS A 249 -20.29 25.83 17.35
CA LYS A 249 -19.19 26.57 18.00
C LYS A 249 -18.55 25.77 19.15
N GLU A 250 -19.39 25.18 19.99
CA GLU A 250 -18.91 24.37 21.12
C GLU A 250 -18.13 23.11 20.69
N LEU A 251 -18.49 22.54 19.54
CA LEU A 251 -17.76 21.36 19.00
C LEU A 251 -16.45 21.69 18.28
N GLY A 252 -16.16 22.98 18.08
CA GLY A 252 -14.91 23.38 17.42
C GLY A 252 -15.01 23.69 15.93
N VAL A 253 -16.22 23.85 15.41
CA VAL A 253 -16.41 24.27 14.01
C VAL A 253 -15.85 25.70 13.85
N ASP A 254 -15.15 25.93 12.75
CA ASP A 254 -14.42 27.19 12.54
C ASP A 254 -15.28 28.35 12.00
N LEU A 255 -16.24 28.03 11.13
CA LEU A 255 -17.01 29.05 10.39
C LEU A 255 -18.33 28.46 9.88
N LEU A 256 -19.41 29.25 9.96
CA LEU A 256 -20.72 28.85 9.41
C LEU A 256 -21.02 29.59 8.07
N ASP A 257 -21.20 28.81 7.02
CA ASP A 257 -21.45 29.33 5.65
C ASP A 257 -22.96 29.48 5.43
N CYS A 258 -23.45 30.73 5.40
CA CYS A 258 -24.88 31.02 5.56
C CYS A 258 -25.65 31.18 4.24
N SER A 259 -26.33 30.10 3.84
CA SER A 259 -27.19 30.09 2.64
C SER A 259 -28.66 30.00 3.11
N SER A 260 -29.58 29.67 2.20
CA SER A 260 -31.01 29.49 2.53
C SER A 260 -31.73 28.69 1.42
N GLY A 261 -32.95 28.25 1.71
CA GLY A 261 -33.80 27.60 0.68
C GLY A 261 -33.45 26.17 0.32
N GLY A 262 -34.18 25.64 -0.66
CA GLY A 262 -33.91 24.31 -1.25
C GLY A 262 -34.56 23.07 -0.62
N VAL A 263 -35.16 23.22 0.57
CA VAL A 263 -35.83 22.11 1.27
C VAL A 263 -37.12 21.72 0.54
N VAL A 264 -37.98 22.71 0.33
CA VAL A 264 -39.21 22.54 -0.47
C VAL A 264 -39.19 23.49 -1.64
N LEU A 265 -40.10 23.23 -2.58
CA LEU A 265 -40.11 23.89 -3.87
C LEU A 265 -41.10 25.07 -4.01
N ARG A 266 -42.23 25.02 -3.31
CA ARG A 266 -43.30 26.04 -3.48
C ARG A 266 -43.29 27.12 -2.38
N VAL A 267 -42.26 27.96 -2.41
CA VAL A 267 -42.05 29.02 -1.42
C VAL A 267 -41.63 30.33 -2.12
N ARG A 268 -42.01 31.48 -1.55
CA ARG A 268 -41.67 32.81 -2.10
C ARG A 268 -40.35 33.23 -1.48
N ILE A 269 -39.40 33.65 -2.31
CA ILE A 269 -38.07 34.06 -1.83
C ILE A 269 -37.76 35.51 -2.27
N PRO A 270 -37.58 36.45 -1.30
CA PRO A 270 -37.37 37.87 -1.65
C PRO A 270 -35.94 38.16 -2.13
N LEU A 271 -35.63 37.64 -3.32
CA LEU A 271 -34.33 37.80 -3.98
C LEU A 271 -33.94 39.27 -4.21
N ALA A 272 -32.74 39.64 -3.78
CA ALA A 272 -32.16 40.98 -3.95
C ALA A 272 -30.66 40.93 -3.61
N PRO A 273 -29.88 41.92 -4.08
CA PRO A 273 -28.46 41.97 -3.67
C PRO A 273 -28.32 41.87 -2.16
N GLY A 274 -27.54 40.89 -1.72
CA GLY A 274 -27.26 40.70 -0.30
C GLY A 274 -28.37 40.15 0.59
N PHE A 275 -29.37 39.48 0.02
CA PHE A 275 -30.56 39.04 0.80
C PHE A 275 -30.28 38.01 1.91
N GLN A 276 -29.17 37.28 1.81
CA GLN A 276 -28.76 36.31 2.83
C GLN A 276 -27.76 36.89 3.86
N VAL A 277 -27.23 38.09 3.61
CA VAL A 277 -26.26 38.72 4.54
C VAL A 277 -26.80 38.90 6.00
N PRO A 278 -28.11 39.23 6.20
CA PRO A 278 -28.58 39.37 7.59
C PRO A 278 -28.50 38.11 8.45
N PHE A 279 -28.54 36.93 7.82
CA PHE A 279 -28.39 35.66 8.51
C PHE A 279 -26.95 35.49 8.99
N ALA A 280 -25.99 35.77 8.13
CA ALA A 280 -24.58 35.77 8.51
C ALA A 280 -24.29 36.79 9.62
N ASP A 281 -24.92 37.95 9.52
CA ASP A 281 -24.76 39.04 10.50
C ASP A 281 -25.27 38.67 11.91
N ALA A 282 -26.44 38.04 11.97
CA ALA A 282 -27.06 37.65 13.23
C ALA A 282 -26.32 36.54 13.97
N VAL A 283 -25.75 35.56 13.26
CA VAL A 283 -24.94 34.48 13.87
C VAL A 283 -23.63 35.05 14.42
N ARG A 284 -22.92 35.80 13.57
CA ARG A 284 -21.65 36.38 13.94
C ARG A 284 -21.74 37.30 15.16
N LYS A 285 -22.79 38.12 15.22
CA LYS A 285 -22.97 39.08 16.32
C LYS A 285 -23.70 38.52 17.56
N ARG A 286 -24.66 37.62 17.38
CA ARG A 286 -25.41 37.07 18.53
C ARG A 286 -24.83 35.78 19.14
N VAL A 287 -24.00 35.06 18.38
CA VAL A 287 -23.32 33.82 18.85
C VAL A 287 -21.80 33.95 18.99
N GLY A 288 -21.18 34.80 18.18
CA GLY A 288 -19.71 34.92 18.14
C GLY A 288 -18.98 33.85 17.35
N LEU A 289 -19.70 33.14 16.48
CA LEU A 289 -19.09 32.19 15.52
C LEU A 289 -18.77 32.91 14.21
N ARG A 290 -17.57 32.71 13.66
CA ARG A 290 -17.18 33.28 12.36
C ARG A 290 -18.12 32.87 11.21
N THR A 291 -18.37 33.80 10.27
CA THR A 291 -19.32 33.53 9.17
C THR A 291 -18.82 33.83 7.73
N GLY A 292 -19.47 33.13 6.78
CA GLY A 292 -19.31 33.36 5.34
C GLY A 292 -20.62 33.86 4.76
N ALA A 293 -20.57 34.99 4.04
CA ALA A 293 -21.73 35.60 3.38
C ALA A 293 -21.76 35.24 1.90
N VAL A 294 -22.95 34.93 1.39
CA VAL A 294 -23.12 34.46 0.01
C VAL A 294 -24.53 34.77 -0.45
N GLY A 295 -24.68 35.15 -1.72
CA GLY A 295 -26.01 35.38 -2.34
C GLY A 295 -26.12 36.73 -3.04
N LEU A 296 -25.95 36.72 -4.36
CA LEU A 296 -26.00 37.95 -5.18
C LEU A 296 -25.06 39.04 -4.69
N ILE A 297 -23.81 38.64 -4.43
CA ILE A 297 -22.70 39.57 -4.22
C ILE A 297 -21.89 39.65 -5.52
N THR A 298 -21.89 40.82 -6.14
CA THR A 298 -21.34 41.03 -7.49
C THR A 298 -20.42 42.24 -7.71
N THR A 299 -20.29 43.15 -6.73
CA THR A 299 -19.39 44.32 -6.87
C THR A 299 -18.35 44.41 -5.71
N PRO A 300 -17.18 45.03 -5.96
CA PRO A 300 -16.14 45.30 -4.93
C PRO A 300 -16.59 46.12 -3.70
N GLU A 301 -17.40 47.14 -3.94
CA GLU A 301 -17.82 48.08 -2.91
C GLU A 301 -18.87 47.45 -1.96
N GLN A 302 -19.76 46.66 -2.55
CA GLN A 302 -20.71 45.82 -1.83
C GLN A 302 -20.04 44.89 -0.82
N ALA A 303 -19.08 44.10 -1.32
CA ALA A 303 -18.37 43.13 -0.48
C ALA A 303 -17.54 43.82 0.62
N GLU A 304 -16.89 44.93 0.28
CA GLU A 304 -16.12 45.69 1.28
C GLU A 304 -17.00 46.21 2.42
N THR A 305 -18.18 46.73 2.07
CA THR A 305 -19.08 47.36 3.04
C THR A 305 -19.67 46.37 4.07
N LEU A 306 -20.04 45.17 3.64
CA LEU A 306 -20.54 44.15 4.55
C LEU A 306 -19.43 43.69 5.53
N LEU A 307 -18.18 43.67 5.08
CA LEU A 307 -17.05 43.41 6.01
C LEU A 307 -16.87 44.53 7.05
N GLN A 308 -16.88 45.79 6.61
CA GLN A 308 -16.79 46.99 7.47
C GLN A 308 -17.90 47.02 8.53
N ALA A 309 -19.10 46.61 8.13
CA ALA A 309 -20.25 46.52 9.06
C ALA A 309 -20.15 45.39 10.11
N GLY A 310 -19.15 44.52 10.00
CA GLY A 310 -19.03 43.33 10.86
C GLY A 310 -19.99 42.18 10.54
N SER A 311 -20.59 42.17 9.36
CA SER A 311 -21.61 41.14 9.02
C SER A 311 -21.04 39.76 8.71
N ALA A 312 -19.79 39.68 8.23
CA ALA A 312 -19.09 38.41 8.01
C ALA A 312 -17.57 38.54 8.04
N ASP A 313 -16.90 37.37 8.10
CA ASP A 313 -15.44 37.29 8.01
C ASP A 313 -14.94 36.99 6.59
N LEU A 314 -15.77 36.29 5.80
CA LEU A 314 -15.41 35.84 4.46
C LEU A 314 -16.58 36.11 3.52
N VAL A 315 -16.24 36.49 2.29
CA VAL A 315 -17.21 36.68 1.21
C VAL A 315 -17.08 35.59 0.15
N LEU A 316 -18.18 34.90 -0.12
CA LEU A 316 -18.25 33.86 -1.13
C LEU A 316 -18.95 34.30 -2.42
N LEU A 317 -18.30 34.04 -3.56
CA LEU A 317 -18.78 34.39 -4.90
C LEU A 317 -19.10 33.14 -5.75
N GLY A 318 -20.29 33.09 -6.34
CA GLY A 318 -20.69 31.98 -7.22
C GLY A 318 -20.78 32.47 -8.66
N ARG A 319 -21.97 32.92 -9.03
CA ARG A 319 -22.32 33.21 -10.43
C ARG A 319 -21.41 34.24 -11.13
N VAL A 320 -21.00 35.30 -10.44
CA VAL A 320 -20.07 36.29 -11.04
C VAL A 320 -18.76 35.65 -11.57
N LEU A 321 -18.27 34.62 -10.88
CA LEU A 321 -17.09 33.86 -11.31
C LEU A 321 -17.33 32.83 -12.43
N LEU A 322 -18.58 32.48 -12.76
CA LEU A 322 -18.83 31.68 -13.97
C LEU A 322 -18.66 32.56 -15.24
N ARG A 323 -19.11 33.81 -15.16
CA ARG A 323 -19.05 34.77 -16.28
C ARG A 323 -17.86 35.75 -16.24
N ASP A 324 -17.15 35.82 -15.11
CA ASP A 324 -15.99 36.73 -14.97
C ASP A 324 -14.98 36.16 -13.95
N PRO A 325 -14.16 35.18 -14.38
CA PRO A 325 -13.27 34.50 -13.46
C PRO A 325 -12.13 35.37 -12.89
N TYR A 326 -11.74 36.44 -13.58
CA TYR A 326 -10.67 37.35 -13.09
C TYR A 326 -11.21 38.59 -12.30
N PHE A 327 -12.49 38.54 -11.90
CA PHE A 327 -13.12 39.57 -11.07
C PHE A 327 -12.24 40.10 -9.90
N PRO A 328 -11.68 39.21 -9.05
CA PRO A 328 -10.90 39.67 -7.89
C PRO A 328 -9.64 40.52 -8.20
N LEU A 329 -8.99 40.27 -9.33
CA LEU A 329 -7.85 41.10 -9.75
C LEU A 329 -8.30 42.52 -10.09
N ARG A 330 -9.39 42.63 -10.86
CA ARG A 330 -9.92 43.95 -11.25
C ARG A 330 -10.64 44.67 -10.10
N ALA A 331 -11.25 43.89 -9.20
CA ALA A 331 -11.84 44.42 -7.97
C ALA A 331 -10.81 45.13 -7.08
N ALA A 332 -9.61 44.56 -6.98
CA ALA A 332 -8.54 45.13 -6.17
C ALA A 332 -8.21 46.53 -6.65
N LYS A 333 -7.94 46.63 -7.95
CA LYS A 333 -7.62 47.88 -8.62
C LYS A 333 -8.70 48.94 -8.36
N ALA A 334 -9.95 48.55 -8.55
CA ALA A 334 -11.11 49.42 -8.26
C ALA A 334 -11.19 49.94 -6.80
N LEU A 335 -10.64 49.20 -5.85
CA LEU A 335 -10.54 49.66 -4.44
C LEU A 335 -9.20 50.33 -4.10
N GLY A 336 -8.36 50.62 -5.11
CA GLY A 336 -7.06 51.26 -4.87
C GLY A 336 -5.93 50.40 -4.30
N VAL A 337 -6.09 49.07 -4.32
CA VAL A 337 -4.99 48.15 -3.99
C VAL A 337 -4.40 47.70 -5.32
N ALA A 338 -3.08 47.71 -5.43
CA ALA A 338 -2.43 47.26 -6.67
C ALA A 338 -2.31 45.74 -6.54
N PRO A 339 -3.01 44.98 -7.41
CA PRO A 339 -3.09 43.53 -7.22
C PRO A 339 -1.80 42.76 -7.53
N GLU A 340 -1.65 41.59 -6.93
CA GLU A 340 -0.60 40.64 -7.31
C GLU A 340 -1.11 39.80 -8.48
N VAL A 341 -0.44 39.91 -9.62
CA VAL A 341 -0.84 39.23 -10.85
C VAL A 341 0.32 38.38 -11.37
N PRO A 342 0.00 37.33 -12.16
CA PRO A 342 1.09 36.61 -12.83
C PRO A 342 1.94 37.56 -13.69
N PRO A 343 3.28 37.44 -13.66
CA PRO A 343 4.13 38.39 -14.40
C PRO A 343 3.85 38.49 -15.92
N GLN A 344 3.38 37.39 -16.51
CA GLN A 344 2.94 37.32 -17.90
C GLN A 344 1.83 38.36 -18.26
N TYR A 345 1.00 38.72 -17.28
CA TYR A 345 -0.14 39.62 -17.46
C TYR A 345 0.05 41.04 -16.90
N GLN A 346 1.27 41.37 -16.49
CA GLN A 346 1.61 42.66 -15.86
C GLN A 346 1.22 43.90 -16.68
N ARG A 347 1.43 43.84 -18.00
N ARG A 347 1.42 43.84 -18.01
CA ARG A 347 1.08 44.95 -18.90
CA ARG A 347 1.06 44.96 -18.89
C ARG A 347 -0.43 45.06 -19.17
C ARG A 347 -0.46 45.08 -19.14
N GLY A 348 -1.21 44.05 -18.77
CA GLY A 348 -2.66 44.12 -18.80
C GLY A 348 -3.30 44.94 -17.68
N PHE A 349 -2.55 45.23 -16.63
CA PHE A 349 -3.06 45.98 -15.45
C PHE A 349 -2.38 47.34 -15.28
N ALA B 2 48.03 8.49 5.92
CA ALA B 2 47.01 9.57 5.79
C ALA B 2 45.66 9.18 6.42
N LEU B 3 45.37 9.76 7.59
CA LEU B 3 44.07 9.57 8.27
C LEU B 3 42.89 10.03 7.44
N LEU B 4 43.08 11.09 6.67
CA LEU B 4 42.02 11.64 5.82
C LEU B 4 41.44 10.57 4.90
N PHE B 5 42.30 9.67 4.42
CA PHE B 5 41.88 8.53 3.57
C PHE B 5 41.98 7.16 4.26
N THR B 6 41.76 7.14 5.58
CA THR B 6 41.64 5.91 6.36
C THR B 6 40.13 5.69 6.63
N PRO B 7 39.65 4.44 6.57
CA PRO B 7 38.21 4.23 6.85
C PRO B 7 37.76 4.67 8.26
N LEU B 8 36.49 5.06 8.37
CA LEU B 8 35.90 5.52 9.63
C LEU B 8 34.65 4.69 9.95
N GLU B 9 34.59 4.20 11.18
CA GLU B 9 33.45 3.44 11.66
C GLU B 9 32.53 4.31 12.52
N LEU B 10 31.30 4.48 12.02
CA LEU B 10 30.21 5.10 12.76
C LEU B 10 29.01 4.14 12.75
N GLY B 11 28.47 3.85 13.94
CA GLY B 11 27.36 2.92 14.11
C GLY B 11 27.73 1.55 13.56
N GLY B 12 26.97 1.06 12.58
CA GLY B 12 27.25 -0.19 11.89
C GLY B 12 28.01 -0.06 10.56
N LEU B 13 28.23 1.16 10.08
CA LEU B 13 28.86 1.39 8.77
C LEU B 13 30.36 1.57 8.84
N ARG B 14 30.99 1.51 7.67
CA ARG B 14 32.39 1.88 7.51
C ARG B 14 32.45 2.82 6.32
N LEU B 15 32.67 4.10 6.58
CA LEU B 15 32.89 5.06 5.50
C LEU B 15 34.30 4.80 4.93
N LYS B 16 34.48 4.93 3.61
CA LYS B 16 35.78 4.61 2.98
C LYS B 16 36.88 5.70 3.18
N ASN B 17 36.48 6.88 3.63
CA ASN B 17 37.40 7.95 4.03
C ASN B 17 36.68 8.90 4.98
N ARG B 18 37.31 10.02 5.33
CA ARG B 18 36.75 10.99 6.27
C ARG B 18 36.37 12.34 5.68
N LEU B 19 36.09 12.38 4.39
CA LEU B 19 35.54 13.58 3.75
C LEU B 19 34.03 13.40 3.48
N ALA B 20 33.25 14.41 3.87
CA ALA B 20 31.81 14.44 3.64
C ALA B 20 31.41 15.75 2.99
N MET B 21 30.39 15.69 2.14
CA MET B 21 29.79 16.89 1.57
C MET B 21 28.79 17.48 2.57
N SER B 22 29.09 18.68 3.04
CA SER B 22 28.21 19.44 3.95
C SER B 22 26.89 19.81 3.25
N PRO B 23 25.77 19.82 4.01
CA PRO B 23 24.47 20.19 3.40
C PRO B 23 24.42 21.62 2.84
N MET B 24 23.97 21.78 1.60
CA MET B 24 23.90 23.10 0.92
C MET B 24 22.66 23.27 0.00
N ASP B 25 21.68 24.02 0.50
CA ASP B 25 20.41 24.35 -0.19
C ASP B 25 20.68 24.82 -1.62
N GLN B 26 20.02 24.16 -2.58
CA GLN B 26 20.14 24.49 -4.01
C GLN B 26 18.99 25.37 -4.55
N TYR B 27 17.90 25.46 -3.81
CA TYR B 27 16.71 26.25 -4.19
C TYR B 27 16.18 25.86 -5.58
N SER B 28 16.15 24.55 -5.88
CA SER B 28 15.84 24.05 -7.23
C SER B 28 14.77 22.94 -7.28
N ALA B 29 14.07 22.74 -6.16
CA ALA B 29 12.98 21.79 -6.10
C ALA B 29 11.74 22.38 -6.78
N THR B 30 10.71 21.54 -7.00
CA THR B 30 9.40 22.02 -7.43
C THR B 30 8.73 22.80 -6.30
N LEU B 31 7.62 23.46 -6.63
CA LEU B 31 6.74 24.12 -5.67
C LEU B 31 6.14 23.19 -4.62
N GLU B 32 6.08 21.88 -4.93
CA GLU B 32 5.69 20.85 -3.96
C GLU B 32 6.88 20.17 -3.24
N GLY B 33 8.08 20.75 -3.34
CA GLY B 33 9.29 20.17 -2.73
C GLY B 33 9.82 18.85 -3.27
N GLU B 34 9.56 18.56 -4.55
CA GLU B 34 10.03 17.32 -5.21
C GLU B 34 11.42 17.45 -5.86
N VAL B 35 12.11 16.32 -5.94
CA VAL B 35 13.44 16.23 -6.58
C VAL B 35 13.29 16.48 -8.10
N THR B 36 14.19 17.32 -8.64
CA THR B 36 14.26 17.63 -10.08
C THR B 36 15.57 17.12 -10.71
N ASP B 37 15.67 17.26 -12.02
CA ASP B 37 16.91 16.97 -12.77
C ASP B 37 18.16 17.71 -12.23
N TRP B 38 18.00 18.92 -11.68
CA TRP B 38 19.14 19.64 -11.09
C TRP B 38 19.87 18.82 -10.01
N HIS B 39 19.13 18.34 -9.01
CA HIS B 39 19.72 17.54 -7.93
C HIS B 39 20.34 16.23 -8.47
N LEU B 40 19.66 15.57 -9.41
CA LEU B 40 20.15 14.33 -10.02
C LEU B 40 21.45 14.48 -10.85
N LEU B 41 21.81 15.70 -11.23
CA LEU B 41 23.15 15.98 -11.77
C LEU B 41 24.15 16.41 -10.67
N HIS B 42 23.68 17.29 -9.79
CA HIS B 42 24.51 17.93 -8.75
C HIS B 42 25.13 16.95 -7.74
N TYR B 43 24.33 16.06 -7.17
CA TYR B 43 24.84 15.18 -6.09
C TYR B 43 25.73 14.04 -6.62
N PRO B 44 25.30 13.34 -7.68
CA PRO B 44 26.17 12.26 -8.16
C PRO B 44 27.54 12.71 -8.69
N THR B 45 27.63 13.92 -9.23
CA THR B 45 28.93 14.50 -9.62
C THR B 45 29.95 14.51 -8.47
N ARG B 46 29.52 14.89 -7.26
CA ARG B 46 30.41 14.91 -6.07
C ARG B 46 30.70 13.52 -5.48
N ALA B 47 29.76 12.59 -5.65
CA ALA B 47 30.00 11.17 -5.31
C ALA B 47 31.09 10.57 -6.20
N LEU B 48 31.00 10.80 -7.50
CA LEU B 48 32.10 10.43 -8.41
C LEU B 48 33.41 11.13 -8.02
N GLY B 49 33.28 12.39 -7.59
CA GLY B 49 34.38 13.21 -7.09
C GLY B 49 35.15 12.69 -5.89
N GLY B 50 34.55 11.78 -5.11
CA GLY B 50 35.28 10.99 -4.13
C GLY B 50 34.91 11.02 -2.65
N VAL B 51 33.99 11.88 -2.21
CA VAL B 51 33.55 11.88 -0.79
C VAL B 51 33.02 10.51 -0.35
N GLY B 52 33.31 10.12 0.90
CA GLY B 52 32.75 8.91 1.49
C GLY B 52 31.29 9.05 1.93
N LEU B 53 30.89 10.28 2.29
CA LEU B 53 29.51 10.56 2.74
C LEU B 53 28.97 11.82 2.07
N ILE B 54 27.77 11.73 1.50
CA ILE B 54 27.05 12.91 1.02
C ILE B 54 25.85 13.18 1.92
N LEU B 55 25.83 14.38 2.54
CA LEU B 55 24.65 14.86 3.26
C LEU B 55 23.84 15.81 2.37
N VAL B 56 22.72 15.29 1.86
CA VAL B 56 21.77 16.08 1.08
C VAL B 56 21.24 17.28 1.88
N GLU B 57 21.04 18.39 1.17
CA GLU B 57 20.58 19.68 1.73
C GLU B 57 19.38 19.63 2.69
N ALA B 58 19.18 20.74 3.39
CA ALA B 58 18.05 20.93 4.32
C ALA B 58 16.71 20.52 3.71
N THR B 59 16.08 19.50 4.29
CA THR B 59 14.81 18.94 3.78
C THR B 59 13.68 19.16 4.81
N ALA B 60 12.63 19.84 4.38
CA ALA B 60 11.59 20.34 5.28
C ALA B 60 10.65 19.24 5.72
N VAL B 61 10.41 19.18 7.03
CA VAL B 61 9.51 18.18 7.62
C VAL B 61 8.02 18.57 7.55
N GLU B 62 7.72 19.86 7.37
CA GLU B 62 6.37 20.34 7.04
C GLU B 62 6.50 21.55 6.11
N PRO B 63 5.44 21.89 5.34
CA PRO B 63 5.52 23.00 4.37
C PRO B 63 5.93 24.36 4.96
N LEU B 64 5.34 24.72 6.11
CA LEU B 64 5.75 25.90 6.90
C LEU B 64 7.19 25.89 7.45
N GLY B 65 7.82 24.72 7.46
CA GLY B 65 9.23 24.58 7.82
C GLY B 65 10.25 24.88 6.73
N ARG B 66 9.81 25.24 5.52
CA ARG B 66 10.72 25.51 4.40
C ARG B 66 11.37 26.89 4.51
N THR B 67 12.62 26.97 4.05
CA THR B 67 13.33 28.25 3.91
C THR B 67 12.81 29.07 2.72
N SER B 68 12.50 28.38 1.62
CA SER B 68 12.01 29.00 0.40
C SER B 68 10.92 28.13 -0.24
N PRO B 69 10.21 28.67 -1.26
CA PRO B 69 9.26 27.80 -1.98
C PRO B 69 9.91 26.71 -2.86
N TYR B 70 11.25 26.70 -2.97
CA TYR B 70 11.99 25.71 -3.76
C TYR B 70 12.90 24.78 -2.93
N ASP B 71 12.60 24.65 -1.64
CA ASP B 71 13.29 23.72 -0.79
C ASP B 71 12.76 22.31 -1.06
N LEU B 72 13.64 21.31 -0.87
CA LEU B 72 13.20 19.92 -0.81
C LEU B 72 12.29 19.73 0.39
N GLY B 73 11.36 18.78 0.26
CA GLY B 73 10.43 18.39 1.34
C GLY B 73 10.42 16.90 1.60
N ILE B 74 9.92 16.52 2.78
CA ILE B 74 9.76 15.11 3.15
C ILE B 74 8.50 14.88 4.02
N TRP B 75 7.48 15.73 3.87
CA TRP B 75 6.23 15.67 4.65
C TRP B 75 5.15 14.77 4.02
N SER B 76 5.48 14.07 2.94
CA SER B 76 4.49 13.33 2.14
C SER B 76 5.08 12.07 1.53
N GLU B 77 4.27 11.03 1.43
CA GLU B 77 4.68 9.78 0.80
C GLU B 77 4.93 9.96 -0.72
N ASP B 78 4.36 11.00 -1.32
CA ASP B 78 4.65 11.36 -2.71
C ASP B 78 6.04 11.99 -2.94
N HIS B 79 6.76 12.34 -1.88
CA HIS B 79 8.19 12.69 -1.99
C HIS B 79 9.10 11.45 -2.16
N LEU B 80 8.56 10.26 -1.94
CA LEU B 80 9.34 9.02 -1.89
C LEU B 80 10.01 8.59 -3.22
N PRO B 81 9.28 8.64 -4.36
CA PRO B 81 9.94 8.25 -5.63
C PRO B 81 11.16 9.08 -6.03
N GLY B 82 11.08 10.39 -5.90
CA GLY B 82 12.21 11.29 -6.16
C GLY B 82 13.42 11.03 -5.25
N LEU B 83 13.17 11.01 -3.94
CA LEU B 83 14.22 10.83 -2.93
C LEU B 83 14.96 9.50 -3.06
N LYS B 84 14.21 8.47 -3.42
CA LYS B 84 14.74 7.12 -3.64
C LYS B 84 15.67 7.08 -4.86
N GLU B 85 15.25 7.72 -5.94
CA GLU B 85 16.09 7.85 -7.12
C GLU B 85 17.39 8.61 -6.80
N LEU B 86 17.31 9.62 -5.94
CA LEU B 86 18.49 10.42 -5.53
C LEU B 86 19.49 9.59 -4.71
N ALA B 87 18.99 8.94 -3.66
CA ALA B 87 19.81 8.03 -2.84
C ALA B 87 20.49 6.92 -3.68
N ARG B 88 19.70 6.30 -4.55
CA ARG B 88 20.21 5.28 -5.49
C ARG B 88 21.34 5.77 -6.41
N ARG B 89 21.15 6.93 -7.03
CA ARG B 89 22.18 7.48 -7.91
C ARG B 89 23.44 7.91 -7.16
N ILE B 90 23.29 8.39 -5.93
CA ILE B 90 24.43 8.75 -5.08
C ILE B 90 25.24 7.49 -4.73
N ARG B 91 24.54 6.39 -4.43
CA ARG B 91 25.18 5.13 -4.03
C ARG B 91 25.96 4.48 -5.17
N GLU B 92 25.33 4.42 -6.33
CA GLU B 92 25.97 3.86 -7.52
C GLU B 92 27.18 4.65 -8.05
N ALA B 93 27.25 5.96 -7.74
CA ALA B 93 28.47 6.77 -7.99
C ALA B 93 29.58 6.63 -6.93
N GLY B 94 29.28 5.98 -5.81
CA GLY B 94 30.28 5.48 -4.84
C GLY B 94 30.20 5.93 -3.39
N ALA B 95 29.26 6.82 -3.05
CA ALA B 95 29.18 7.42 -1.69
C ALA B 95 28.01 6.87 -0.90
N VAL B 96 28.13 6.92 0.44
CA VAL B 96 26.99 6.64 1.31
C VAL B 96 26.05 7.85 1.29
N PRO B 97 24.74 7.64 1.01
CA PRO B 97 23.76 8.72 1.02
C PRO B 97 23.19 9.03 2.41
N GLY B 98 23.21 10.32 2.77
CA GLY B 98 22.61 10.84 3.99
C GLY B 98 21.78 12.08 3.67
N ILE B 99 21.04 12.56 4.66
CA ILE B 99 20.13 13.69 4.48
C ILE B 99 19.92 14.44 5.81
N GLN B 100 19.80 15.77 5.71
CA GLN B 100 19.51 16.66 6.83
C GLN B 100 18.03 17.02 6.91
N LEU B 101 17.41 16.79 8.08
CA LEU B 101 16.00 17.18 8.37
C LEU B 101 15.89 18.58 9.06
N HIS B 102 14.91 19.37 8.62
CA HIS B 102 14.91 20.83 8.77
C HIS B 102 13.55 21.40 9.19
N HIS B 103 13.55 22.41 10.06
CA HIS B 103 12.40 23.30 10.26
C HIS B 103 12.90 24.72 10.45
N ALA B 104 12.55 25.59 9.50
CA ALA B 104 13.09 26.95 9.41
C ALA B 104 12.66 27.93 10.52
N GLY B 105 11.46 27.75 11.07
CA GLY B 105 11.02 28.53 12.25
C GLY B 105 10.71 29.96 11.87
N ARG B 106 11.25 30.92 12.63
CA ARG B 106 11.01 32.35 12.38
C ARG B 106 11.67 32.89 11.12
N LYS B 107 12.62 32.12 10.57
CA LYS B 107 13.25 32.44 9.28
C LYS B 107 12.62 31.70 8.08
N ALA B 108 11.42 31.15 8.22
CA ALA B 108 10.74 30.49 7.09
C ALA B 108 10.19 31.47 6.03
N GLY B 109 10.07 30.97 4.80
CA GLY B 109 9.42 31.70 3.71
C GLY B 109 10.09 32.98 3.22
N THR B 110 11.35 32.86 2.80
CA THR B 110 12.06 33.93 2.07
C THR B 110 12.22 33.54 0.60
N ALA B 111 12.38 34.52 -0.29
CA ALA B 111 12.68 34.24 -1.72
C ALA B 111 14.10 33.66 -1.86
N ARG B 112 14.35 33.01 -2.99
CA ARG B 112 15.73 32.58 -3.33
C ARG B 112 16.74 33.73 -3.22
N PRO B 113 18.01 33.43 -2.86
CA PRO B 113 19.07 34.46 -2.75
C PRO B 113 19.31 35.32 -3.99
N TRP B 114 19.13 34.74 -5.18
CA TRP B 114 19.32 35.46 -6.45
C TRP B 114 18.04 36.10 -7.04
N GLU B 115 16.93 36.04 -6.29
CA GLU B 115 15.71 36.81 -6.60
C GLU B 115 15.35 37.76 -5.47
N GLY B 116 16.36 38.16 -4.69
CA GLY B 116 16.22 39.21 -3.67
C GLY B 116 16.21 38.77 -2.21
N GLY B 117 15.87 37.51 -1.96
CA GLY B 117 15.95 36.93 -0.61
C GLY B 117 15.03 37.53 0.45
N LYS B 118 13.94 38.17 0.02
CA LYS B 118 13.07 38.90 0.95
C LYS B 118 11.95 38.03 1.53
N PRO B 119 11.47 38.36 2.75
CA PRO B 119 10.35 37.63 3.35
C PRO B 119 9.07 37.69 2.49
N LEU B 120 8.42 36.54 2.34
CA LEU B 120 7.15 36.44 1.62
C LEU B 120 5.93 36.66 2.53
N GLY B 121 6.15 36.77 3.84
CA GLY B 121 5.07 37.07 4.79
C GLY B 121 4.20 35.89 5.20
N TRP B 122 4.81 34.71 5.31
CA TRP B 122 4.11 33.52 5.81
C TRP B 122 3.81 33.61 7.31
N ARG B 123 2.84 32.79 7.71
CA ARG B 123 2.45 32.68 9.11
C ARG B 123 3.43 31.74 9.85
N VAL B 124 4.62 32.27 10.16
CA VAL B 124 5.73 31.49 10.74
C VAL B 124 5.58 31.25 12.25
N VAL B 125 6.28 30.22 12.75
CA VAL B 125 6.26 29.85 14.18
C VAL B 125 7.64 29.99 14.85
N GLY B 126 7.62 30.02 16.19
CA GLY B 126 8.83 30.19 17.01
C GLY B 126 8.58 30.06 18.51
N PRO B 127 9.62 30.33 19.32
CA PRO B 127 9.44 30.34 20.79
C PRO B 127 8.73 31.60 21.32
N SER B 128 9.15 32.75 20.79
CA SER B 128 8.79 34.08 21.29
C SER B 128 8.41 35.02 20.15
N PRO B 129 7.51 35.99 20.40
CA PRO B 129 7.05 36.88 19.32
C PRO B 129 8.06 38.01 19.00
N ILE B 130 9.24 37.63 18.52
CA ILE B 130 10.29 38.59 18.14
C ILE B 130 10.65 38.33 16.67
N PRO B 131 10.57 39.37 15.81
CA PRO B 131 11.00 39.16 14.42
C PRO B 131 12.53 39.02 14.32
N PHE B 132 12.98 38.19 13.38
CA PHE B 132 14.43 38.01 13.10
C PHE B 132 15.09 39.34 12.81
N ASP B 133 14.48 40.13 11.92
CA ASP B 133 14.91 41.50 11.60
C ASP B 133 13.77 42.32 10.98
N GLU B 134 13.99 43.63 10.86
CA GLU B 134 13.09 44.57 10.16
C GLU B 134 12.56 43.97 8.85
N GLY B 135 11.26 44.10 8.61
CA GLY B 135 10.62 43.52 7.44
C GLY B 135 10.10 42.10 7.61
N TYR B 136 10.68 41.33 8.54
CA TYR B 136 10.27 39.96 8.79
C TYR B 136 8.97 39.93 9.59
N PRO B 137 8.16 38.88 9.40
CA PRO B 137 6.92 38.75 10.16
C PRO B 137 7.19 38.37 11.62
N VAL B 138 6.22 38.66 12.49
CA VAL B 138 6.34 38.35 13.91
C VAL B 138 5.94 36.88 14.07
N PRO B 139 6.87 36.01 14.53
CA PRO B 139 6.47 34.60 14.68
C PRO B 139 5.43 34.39 15.78
N GLU B 140 4.63 33.35 15.62
CA GLU B 140 3.64 32.96 16.61
C GLU B 140 4.24 31.99 17.64
N PRO B 141 4.14 32.33 18.94
CA PRO B 141 4.64 31.38 19.95
C PRO B 141 3.94 30.03 19.92
N LEU B 142 4.72 28.95 19.87
CA LEU B 142 4.20 27.59 19.95
C LEU B 142 3.66 27.28 21.35
N ASP B 143 2.55 26.55 21.38
CA ASP B 143 2.06 25.89 22.60
C ASP B 143 2.48 24.43 22.58
N GLU B 144 2.17 23.69 23.64
CA GLU B 144 2.63 22.30 23.76
C GLU B 144 2.11 21.36 22.66
N ALA B 145 0.89 21.59 22.17
CA ALA B 145 0.34 20.74 21.11
C ALA B 145 1.04 21.01 19.76
N GLY B 146 1.37 22.28 19.50
CA GLY B 146 2.17 22.67 18.33
C GLY B 146 3.56 22.05 18.28
N MET B 147 4.23 21.99 19.43
CA MET B 147 5.54 21.33 19.55
C MET B 147 5.44 19.83 19.25
N GLU B 148 4.36 19.22 19.71
CA GLU B 148 4.07 17.80 19.47
C GLU B 148 3.85 17.49 18.00
N ARG B 149 3.15 18.37 17.29
CA ARG B 149 2.96 18.22 15.85
C ARG B 149 4.33 18.20 15.12
N ILE B 150 5.16 19.18 15.43
CA ILE B 150 6.47 19.30 14.79
C ILE B 150 7.40 18.14 15.22
N LEU B 151 7.37 17.76 16.49
CA LEU B 151 8.09 16.57 16.95
C LEU B 151 7.72 15.33 16.12
N GLN B 152 6.43 15.17 15.83
CA GLN B 152 5.94 14.02 15.08
C GLN B 152 6.33 14.07 13.60
N ALA B 153 6.41 15.28 13.04
CA ALA B 153 6.84 15.46 11.66
C ALA B 153 8.33 15.13 11.49
N PHE B 154 9.15 15.45 12.50
CA PHE B 154 10.57 15.01 12.51
C PHE B 154 10.71 13.48 12.56
N VAL B 155 9.88 12.82 13.37
CA VAL B 155 9.87 11.36 13.49
C VAL B 155 9.43 10.66 12.18
N GLU B 156 8.37 11.17 11.57
CA GLU B 156 7.86 10.60 10.32
C GLU B 156 8.77 10.91 9.14
N GLY B 157 9.36 12.10 9.14
CA GLY B 157 10.41 12.43 8.18
C GLY B 157 11.58 11.45 8.25
N ALA B 158 11.98 11.07 9.47
CA ALA B 158 13.08 10.13 9.69
C ALA B 158 12.77 8.73 9.17
N ARG B 159 11.59 8.22 9.51
CA ARG B 159 11.09 6.93 8.97
C ARG B 159 11.07 6.91 7.44
N ARG B 160 10.64 8.02 6.85
CA ARG B 160 10.50 8.15 5.40
C ARG B 160 11.87 8.19 4.68
N ALA B 161 12.85 8.88 5.28
CA ALA B 161 14.24 8.91 4.78
C ALA B 161 14.92 7.52 4.77
N LEU B 162 14.59 6.69 5.77
CA LEU B 162 15.06 5.30 5.82
C LEU B 162 14.41 4.42 4.76
N ARG B 163 13.10 4.55 4.56
CA ARG B 163 12.39 3.86 3.45
C ARG B 163 12.96 4.24 2.07
N ALA B 164 13.40 5.48 1.91
CA ALA B 164 14.03 5.93 0.66
C ALA B 164 15.46 5.42 0.44
N GLY B 165 16.06 4.85 1.48
CA GLY B 165 17.41 4.27 1.42
C GLY B 165 18.57 5.10 1.96
N PHE B 166 18.29 6.23 2.62
CA PHE B 166 19.34 7.02 3.29
C PHE B 166 19.81 6.30 4.55
N GLN B 167 21.13 6.30 4.76
CA GLN B 167 21.79 5.56 5.86
C GLN B 167 22.39 6.41 6.98
N VAL B 168 22.40 7.74 6.80
CA VAL B 168 22.77 8.72 7.85
C VAL B 168 21.71 9.81 7.87
N ILE B 169 21.18 10.11 9.05
CA ILE B 169 20.22 11.20 9.27
C ILE B 169 20.84 12.28 10.15
N GLU B 170 20.75 13.55 9.73
CA GLU B 170 21.19 14.72 10.54
C GLU B 170 19.98 15.60 10.90
N LEU B 171 19.90 15.98 12.17
CA LEU B 171 18.91 16.94 12.66
C LEU B 171 19.55 18.32 12.68
N HIS B 172 18.86 19.28 12.07
CA HIS B 172 19.37 20.64 11.92
C HIS B 172 18.85 21.51 13.08
N MET B 173 19.67 21.62 14.11
CA MET B 173 19.39 22.46 15.28
C MET B 173 20.35 23.69 15.38
N ALA B 174 20.63 24.32 14.24
CA ALA B 174 21.64 25.40 14.12
C ALA B 174 21.13 26.50 13.21
N HIS B 175 21.91 27.58 13.10
CA HIS B 175 21.71 28.68 12.14
C HIS B 175 20.44 29.54 12.37
N GLY B 176 19.93 29.53 13.60
CA GLY B 176 18.78 30.37 13.97
C GLY B 176 17.42 29.88 13.51
N TYR B 177 17.36 28.66 12.98
CA TYR B 177 16.10 28.06 12.58
C TYR B 177 15.43 27.48 13.84
N LEU B 178 14.32 26.75 13.70
CA LEU B 178 13.41 26.48 14.83
C LEU B 178 14.07 26.04 16.14
N LEU B 179 14.72 24.89 16.14
CA LEU B 179 15.31 24.35 17.39
C LEU B 179 16.50 25.17 17.91
N SER B 180 17.32 25.70 17.00
CA SER B 180 18.39 26.65 17.35
C SER B 180 17.85 27.88 18.12
N SER B 181 16.70 28.39 17.67
CA SER B 181 16.06 29.55 18.27
C SER B 181 15.48 29.29 19.67
N PHE B 182 15.12 28.06 19.97
CA PHE B 182 14.78 27.69 21.36
C PHE B 182 16.00 27.73 22.29
N LEU B 183 17.17 27.33 21.79
CA LEU B 183 18.39 27.28 22.62
C LEU B 183 18.90 28.65 23.07
N SER B 184 19.07 29.56 22.11
CA SER B 184 19.62 30.89 22.36
C SER B 184 18.63 31.79 23.13
N PRO B 185 19.10 32.52 24.17
CA PRO B 185 18.24 33.49 24.84
C PRO B 185 17.99 34.78 24.03
N LEU B 186 18.76 35.00 22.96
CA LEU B 186 18.54 36.11 22.05
C LEU B 186 17.21 36.03 21.28
N SER B 187 16.77 34.80 20.97
CA SER B 187 15.49 34.54 20.31
C SER B 187 14.42 33.90 21.22
N ASN B 188 14.84 33.23 22.31
CA ASN B 188 13.90 32.65 23.28
C ASN B 188 13.84 33.50 24.58
N GLN B 189 12.73 34.24 24.74
CA GLN B 189 12.45 35.00 25.98
C GLN B 189 11.18 34.52 26.71
N ARG B 190 10.93 33.20 26.65
CA ARG B 190 9.69 32.62 27.19
C ARG B 190 9.75 32.56 28.71
N THR B 191 8.58 32.74 29.34
CA THR B 191 8.43 32.68 30.80
C THR B 191 7.79 31.38 31.31
N ASP B 192 7.49 30.45 30.41
CA ASP B 192 6.93 29.14 30.77
C ASP B 192 8.09 28.15 30.93
N ALA B 193 7.79 26.86 31.02
CA ALA B 193 8.84 25.83 31.21
C ALA B 193 9.78 25.54 29.99
N TYR B 194 9.64 26.26 28.89
CA TYR B 194 10.49 26.09 27.69
C TYR B 194 11.45 27.26 27.38
N GLY B 195 11.49 28.26 28.26
CA GLY B 195 12.52 29.32 28.23
C GLY B 195 13.04 29.61 29.64
N GLY B 196 13.99 30.55 29.75
CA GLY B 196 14.62 30.91 31.02
C GLY B 196 15.92 30.17 31.30
N SER B 197 15.87 29.17 32.19
CA SER B 197 17.05 28.36 32.51
C SER B 197 17.58 27.58 31.31
N LEU B 198 18.86 27.20 31.35
CA LEU B 198 19.49 26.34 30.33
C LEU B 198 18.70 25.05 30.05
N GLU B 199 18.20 24.42 31.12
CA GLU B 199 17.49 23.14 31.01
C GLU B 199 16.12 23.33 30.36
N ASN B 200 15.46 24.42 30.70
CA ASN B 200 14.22 24.80 30.04
C ASN B 200 14.38 25.04 28.54
N ARG B 201 15.47 25.72 28.16
CA ARG B 201 15.70 26.03 26.74
C ARG B 201 16.11 24.80 25.91
N MET B 202 16.83 23.86 26.51
CA MET B 202 17.24 22.60 25.85
C MET B 202 16.13 21.54 25.74
N ARG B 203 14.94 21.79 26.29
CA ARG B 203 13.94 20.73 26.51
C ARG B 203 13.28 20.23 25.22
N PHE B 204 12.73 21.14 24.45
CA PHE B 204 12.09 20.79 23.18
C PHE B 204 13.10 20.20 22.16
N PRO B 205 14.31 20.79 22.04
CA PRO B 205 15.35 20.14 21.19
C PRO B 205 15.77 18.73 21.64
N LEU B 206 15.91 18.50 22.94
CA LEU B 206 16.28 17.16 23.45
C LEU B 206 15.17 16.13 23.24
N GLN B 207 13.92 16.55 23.45
CA GLN B 207 12.75 15.71 23.15
C GLN B 207 12.70 15.24 21.69
N VAL B 208 12.95 16.16 20.76
CA VAL B 208 13.05 15.84 19.32
C VAL B 208 14.15 14.80 19.04
N ALA B 209 15.34 15.04 19.57
CA ALA B 209 16.47 14.10 19.43
C ALA B 209 16.19 12.69 19.99
N GLN B 210 15.59 12.64 21.18
CA GLN B 210 15.19 11.39 21.84
C GLN B 210 14.22 10.55 21.00
N ALA B 211 13.16 11.18 20.50
CA ALA B 211 12.15 10.48 19.71
C ALA B 211 12.65 10.02 18.33
N VAL B 212 13.55 10.77 17.71
CA VAL B 212 14.17 10.35 16.44
C VAL B 212 15.11 9.16 16.65
N ARG B 213 15.92 9.23 17.70
CA ARG B 213 16.81 8.12 18.05
C ARG B 213 16.07 6.78 18.19
N GLU B 214 14.90 6.81 18.83
CA GLU B 214 14.03 5.63 19.00
C GLU B 214 13.61 4.93 17.69
N VAL B 215 13.39 5.70 16.62
CA VAL B 215 12.96 5.12 15.33
C VAL B 215 14.11 4.83 14.35
N VAL B 216 15.33 5.25 14.70
CA VAL B 216 16.50 5.02 13.88
C VAL B 216 17.34 3.89 14.52
N PRO B 217 17.44 2.72 13.85
CA PRO B 217 18.25 1.60 14.39
C PRO B 217 19.71 1.95 14.69
N ARG B 218 20.27 1.40 15.77
CA ARG B 218 21.63 1.74 16.23
C ARG B 218 22.76 1.57 15.19
N GLU B 219 22.55 0.70 14.20
CA GLU B 219 23.49 0.49 13.10
C GLU B 219 23.61 1.70 12.15
N LEU B 220 22.59 2.55 12.11
CA LEU B 220 22.58 3.73 11.25
C LEU B 220 22.88 4.99 12.07
N PRO B 221 23.90 5.80 11.66
CA PRO B 221 24.28 6.94 12.52
C PRO B 221 23.27 8.09 12.55
N LEU B 222 23.09 8.68 13.73
CA LEU B 222 22.33 9.92 13.92
C LEU B 222 23.28 11.08 14.26
N PHE B 223 23.23 12.12 13.44
CA PHE B 223 24.01 13.34 13.61
C PHE B 223 23.08 14.46 14.14
N VAL B 224 23.66 15.45 14.81
CA VAL B 224 22.99 16.72 15.14
C VAL B 224 23.92 17.88 14.77
N ARG B 225 23.40 18.87 14.05
CA ARG B 225 24.15 20.09 13.77
C ARG B 225 23.67 21.19 14.72
N VAL B 226 24.63 21.88 15.36
CA VAL B 226 24.35 22.97 16.31
C VAL B 226 25.24 24.20 16.04
N SER B 227 24.71 25.39 16.31
CA SER B 227 25.57 26.58 16.39
C SER B 227 26.23 26.61 17.77
N ALA B 228 27.51 26.30 17.84
CA ALA B 228 28.22 26.22 19.12
C ALA B 228 28.36 27.56 19.87
N THR B 229 28.26 28.65 19.13
CA THR B 229 28.04 29.98 19.70
C THR B 229 27.14 30.77 18.76
N ASP B 230 26.51 31.82 19.28
CA ASP B 230 25.76 32.78 18.42
C ASP B 230 26.48 34.12 18.19
N TRP B 231 27.68 34.27 18.77
CA TRP B 231 28.54 35.46 18.64
C TRP B 231 27.95 36.76 19.20
N GLY B 232 26.87 36.64 19.98
CA GLY B 232 26.16 37.80 20.55
C GLY B 232 26.36 37.84 22.06
N GLU B 233 26.42 39.06 22.61
CA GLU B 233 26.68 39.28 24.03
C GLU B 233 25.45 38.83 24.83
N GLY B 234 25.69 38.04 25.88
CA GLY B 234 24.60 37.41 26.64
C GLY B 234 23.92 36.26 25.93
N GLY B 235 24.53 35.76 24.85
CA GLY B 235 23.96 34.67 24.04
C GLY B 235 24.45 33.29 24.43
N TRP B 236 24.16 32.33 23.55
CA TRP B 236 24.57 30.93 23.71
C TRP B 236 26.08 30.77 23.53
N SER B 237 26.72 30.11 24.50
CA SER B 237 28.21 30.02 24.58
C SER B 237 28.73 28.62 24.32
N LEU B 238 30.06 28.52 24.27
CA LEU B 238 30.75 27.24 24.17
C LEU B 238 30.47 26.35 25.38
N GLU B 239 30.44 26.93 26.57
CA GLU B 239 30.08 26.16 27.80
C GLU B 239 28.68 25.54 27.72
N ASP B 240 27.70 26.31 27.22
CA ASP B 240 26.33 25.79 26.98
C ASP B 240 26.35 24.63 25.99
N THR B 241 27.04 24.80 24.86
CA THR B 241 27.27 23.70 23.90
C THR B 241 27.83 22.41 24.53
N LEU B 242 28.76 22.54 25.47
CA LEU B 242 29.31 21.36 26.18
C LEU B 242 28.26 20.64 27.06
N ALA B 243 27.46 21.41 27.78
CA ALA B 243 26.34 20.84 28.56
C ALA B 243 25.32 20.10 27.67
N PHE B 244 25.00 20.70 26.52
CA PHE B 244 24.05 20.13 25.54
C PHE B 244 24.61 18.86 24.86
N ALA B 245 25.89 18.88 24.51
CA ALA B 245 26.59 17.71 23.93
C ALA B 245 26.61 16.49 24.86
N ARG B 246 26.83 16.73 26.15
CA ARG B 246 26.76 15.68 27.18
C ARG B 246 25.38 15.01 27.20
N ARG B 247 24.31 15.81 27.17
CA ARG B 247 22.94 15.29 27.16
C ARG B 247 22.64 14.47 25.91
N LEU B 248 23.03 14.99 24.73
CA LEU B 248 22.90 14.27 23.46
C LEU B 248 23.63 12.92 23.45
N LYS B 249 24.86 12.91 23.97
CA LYS B 249 25.66 11.67 24.12
C LYS B 249 24.94 10.62 24.95
N GLU B 250 24.34 11.04 26.06
CA GLU B 250 23.54 10.15 26.90
C GLU B 250 22.30 9.58 26.19
N LEU B 251 21.72 10.36 25.28
CA LEU B 251 20.59 9.87 24.44
C LEU B 251 20.98 8.92 23.29
N GLY B 252 22.28 8.77 23.00
CA GLY B 252 22.74 7.87 21.95
C GLY B 252 23.06 8.53 20.61
N VAL B 253 23.15 9.85 20.58
CA VAL B 253 23.54 10.56 19.35
C VAL B 253 24.99 10.18 19.00
N ASP B 254 25.25 9.91 17.73
CA ASP B 254 26.54 9.39 17.28
C ASP B 254 27.60 10.47 17.06
N LEU B 255 27.21 11.64 16.54
CA LEU B 255 28.16 12.70 16.19
C LEU B 255 27.53 14.11 16.28
N LEU B 256 28.30 15.07 16.80
CA LEU B 256 27.90 16.49 16.81
C LEU B 256 28.60 17.31 15.70
N ASP B 257 27.82 17.79 14.75
CA ASP B 257 28.32 18.59 13.61
C ASP B 257 28.37 20.07 14.04
N CYS B 258 29.57 20.64 14.20
CA CYS B 258 29.78 21.93 14.93
C CYS B 258 29.91 23.16 14.00
N SER B 259 28.81 23.89 13.86
CA SER B 259 28.77 25.15 13.12
C SER B 259 28.67 26.31 14.13
N SER B 260 28.25 27.49 13.67
CA SER B 260 28.02 28.65 14.53
C SER B 260 27.23 29.73 13.81
N GLY B 261 26.73 30.69 14.58
CA GLY B 261 26.03 31.86 14.05
C GLY B 261 24.63 31.59 13.53
N GLY B 262 24.06 32.62 12.88
CA GLY B 262 22.75 32.55 12.23
C GLY B 262 21.55 32.93 13.08
N VAL B 263 21.71 33.00 14.41
CA VAL B 263 20.60 33.28 15.31
C VAL B 263 20.10 34.70 15.11
N VAL B 264 21.03 35.66 15.18
CA VAL B 264 20.74 37.08 14.86
C VAL B 264 21.68 37.61 13.78
N LEU B 265 21.32 38.76 13.21
CA LEU B 265 22.11 39.40 12.13
C LEU B 265 23.32 40.23 12.57
N ARG B 266 23.16 41.09 13.57
CA ARG B 266 24.14 42.15 13.84
C ARG B 266 25.23 41.76 14.84
N VAL B 267 26.16 40.92 14.39
CA VAL B 267 27.26 40.42 15.24
C VAL B 267 28.58 40.31 14.48
N ARG B 268 29.68 40.47 15.22
CA ARG B 268 31.05 40.34 14.68
C ARG B 268 31.47 38.88 14.69
N ILE B 269 31.87 38.37 13.53
CA ILE B 269 32.29 36.98 13.39
C ILE B 269 33.74 36.93 12.87
N PRO B 270 34.67 36.35 13.66
CA PRO B 270 36.08 36.41 13.27
C PRO B 270 36.42 35.34 12.24
N LEU B 271 36.13 35.63 10.98
CA LEU B 271 36.28 34.65 9.90
C LEU B 271 37.76 34.38 9.60
N ALA B 272 38.10 33.10 9.45
CA ALA B 272 39.46 32.65 9.16
C ALA B 272 39.44 31.16 8.87
N PRO B 273 40.46 30.63 8.16
CA PRO B 273 40.56 29.18 7.99
C PRO B 273 40.45 28.43 9.31
N GLY B 274 39.53 27.46 9.38
CA GLY B 274 39.37 26.63 10.57
C GLY B 274 38.78 27.29 11.82
N PHE B 275 38.03 28.39 11.65
CA PHE B 275 37.54 29.17 12.82
C PHE B 275 36.50 28.47 13.71
N GLN B 276 35.85 27.43 13.22
CA GLN B 276 34.91 26.62 14.02
C GLN B 276 35.52 25.33 14.57
N VAL B 277 36.73 25.00 14.13
CA VAL B 277 37.45 23.80 14.62
C VAL B 277 37.66 23.72 16.14
N PRO B 278 37.91 24.88 16.82
CA PRO B 278 38.00 24.82 18.29
C PRO B 278 36.75 24.34 19.02
N PHE B 279 35.59 24.44 18.37
CA PHE B 279 34.32 23.97 18.95
C PHE B 279 34.23 22.44 18.86
N ALA B 280 34.56 21.88 17.71
CA ALA B 280 34.68 20.43 17.58
C ALA B 280 35.73 19.85 18.51
N ASP B 281 36.85 20.56 18.67
CA ASP B 281 37.97 20.13 19.54
C ASP B 281 37.52 20.05 21.01
N ALA B 282 36.84 21.10 21.49
CA ALA B 282 36.45 21.19 22.90
C ALA B 282 35.43 20.11 23.29
N VAL B 283 34.38 19.95 22.48
CA VAL B 283 33.37 18.89 22.69
C VAL B 283 34.00 17.51 22.73
N ARG B 284 34.76 17.20 21.67
CA ARG B 284 35.39 15.90 21.52
C ARG B 284 36.33 15.53 22.68
N LYS B 285 37.17 16.47 23.11
CA LYS B 285 38.13 16.22 24.18
C LYS B 285 37.50 16.29 25.59
N ARG B 286 36.55 17.20 25.82
CA ARG B 286 35.99 17.40 27.17
C ARG B 286 34.73 16.59 27.51
N VAL B 287 33.99 16.18 26.47
CA VAL B 287 32.74 15.38 26.60
C VAL B 287 32.95 13.93 26.11
N GLY B 288 33.77 13.72 25.07
CA GLY B 288 34.02 12.37 24.55
C GLY B 288 33.02 11.92 23.51
N LEU B 289 32.27 12.86 22.96
CA LEU B 289 31.36 12.65 21.85
C LEU B 289 32.11 12.92 20.56
N ARG B 290 31.92 12.07 19.55
CA ARG B 290 32.55 12.26 18.24
C ARG B 290 32.03 13.54 17.55
N THR B 291 32.91 14.15 16.75
CA THR B 291 32.59 15.45 16.15
C THR B 291 32.91 15.54 14.65
N GLY B 292 32.20 16.46 14.02
CA GLY B 292 32.42 16.88 12.65
C GLY B 292 32.87 18.32 12.60
N ALA B 293 33.93 18.59 11.85
CA ALA B 293 34.48 19.93 11.68
C ALA B 293 34.10 20.53 10.33
N VAL B 294 33.70 21.81 10.33
CA VAL B 294 33.33 22.52 9.11
C VAL B 294 33.63 24.01 9.27
N GLY B 295 34.02 24.65 8.16
CA GLY B 295 34.16 26.11 8.09
C GLY B 295 35.48 26.55 7.47
N LEU B 296 35.44 26.89 6.18
CA LEU B 296 36.61 27.39 5.46
C LEU B 296 37.78 26.40 5.50
N ILE B 297 37.44 25.13 5.25
CA ILE B 297 38.41 24.06 5.08
C ILE B 297 38.51 23.83 3.58
N THR B 298 39.69 24.11 3.01
CA THR B 298 39.90 24.09 1.54
C THR B 298 41.18 23.41 1.03
N THR B 299 42.06 22.92 1.91
CA THR B 299 43.28 22.21 1.47
C THR B 299 43.39 20.82 2.13
N PRO B 300 44.02 19.83 1.44
CA PRO B 300 44.24 18.47 1.98
C PRO B 300 45.12 18.39 3.25
N GLU B 301 46.16 19.23 3.29
CA GLU B 301 47.09 19.30 4.42
C GLU B 301 46.43 19.84 5.70
N GLN B 302 45.60 20.88 5.54
CA GLN B 302 44.77 21.45 6.61
C GLN B 302 43.82 20.42 7.23
N ALA B 303 43.12 19.68 6.37
CA ALA B 303 42.16 18.67 6.82
C ALA B 303 42.85 17.51 7.56
N GLU B 304 43.97 17.04 7.00
CA GLU B 304 44.78 16.02 7.65
C GLU B 304 45.31 16.47 9.03
N THR B 305 45.77 17.71 9.13
CA THR B 305 46.39 18.23 10.39
C THR B 305 45.37 18.28 11.55
N LEU B 306 44.18 18.79 11.28
CA LEU B 306 43.15 18.85 12.33
C LEU B 306 42.72 17.44 12.85
N LEU B 307 42.73 16.44 11.97
CA LEU B 307 42.52 15.05 12.37
C LEU B 307 43.65 14.50 13.25
N GLN B 308 44.90 14.69 12.81
CA GLN B 308 46.09 14.29 13.59
C GLN B 308 46.07 14.83 15.05
N ALA B 309 45.61 16.07 15.22
CA ALA B 309 45.49 16.71 16.54
C ALA B 309 44.34 16.23 17.42
N GLY B 310 43.46 15.41 16.85
CA GLY B 310 42.27 14.92 17.53
C GLY B 310 41.17 15.96 17.67
N SER B 311 41.09 16.93 16.74
CA SER B 311 40.10 18.00 16.85
C SER B 311 38.71 17.53 16.39
N ALA B 312 38.67 16.50 15.54
CA ALA B 312 37.42 15.89 15.06
C ALA B 312 37.64 14.51 14.45
N ASP B 313 36.54 13.82 14.21
CA ASP B 313 36.55 12.50 13.51
C ASP B 313 36.24 12.59 12.01
N LEU B 314 35.49 13.63 11.60
CA LEU B 314 34.99 13.81 10.24
C LEU B 314 35.19 15.25 9.78
N VAL B 315 35.62 15.40 8.53
CA VAL B 315 35.83 16.70 7.91
C VAL B 315 34.73 16.92 6.87
N LEU B 316 33.93 17.95 7.08
CA LEU B 316 32.84 18.32 6.16
C LEU B 316 33.26 19.50 5.25
N LEU B 317 32.90 19.42 3.96
CA LEU B 317 33.27 20.42 2.92
C LEU B 317 32.04 21.03 2.22
N GLY B 318 31.93 22.36 2.28
CA GLY B 318 30.85 23.09 1.61
C GLY B 318 31.31 23.70 0.28
N ARG B 319 31.66 24.99 0.32
CA ARG B 319 31.87 25.82 -0.87
C ARG B 319 32.97 25.35 -1.85
N VAL B 320 33.99 24.66 -1.34
CA VAL B 320 35.06 24.12 -2.20
C VAL B 320 34.54 23.02 -3.16
N LEU B 321 33.48 22.32 -2.76
CA LEU B 321 32.81 21.32 -3.63
C LEU B 321 31.76 21.91 -4.61
N LEU B 322 31.41 23.18 -4.46
CA LEU B 322 30.62 23.88 -5.47
C LEU B 322 31.49 24.29 -6.67
N ARG B 323 32.73 24.71 -6.41
CA ARG B 323 33.64 25.15 -7.48
C ARG B 323 34.67 24.07 -7.89
N ASP B 324 34.78 22.98 -7.13
CA ASP B 324 35.71 21.92 -7.43
C ASP B 324 35.19 20.55 -6.96
N PRO B 325 34.24 19.97 -7.71
CA PRO B 325 33.61 18.71 -7.26
C PRO B 325 34.56 17.53 -7.05
N TYR B 326 35.63 17.44 -7.85
CA TYR B 326 36.58 16.30 -7.79
C TYR B 326 37.80 16.56 -6.86
N PHE B 327 37.66 17.51 -5.93
CA PHE B 327 38.70 17.83 -4.93
C PHE B 327 39.29 16.60 -4.20
N PRO B 328 38.44 15.69 -3.66
CA PRO B 328 38.96 14.51 -2.95
C PRO B 328 39.89 13.57 -3.73
N LEU B 329 39.63 13.36 -5.03
CA LEU B 329 40.50 12.52 -5.87
C LEU B 329 41.92 13.09 -6.01
N ARG B 330 42.01 14.40 -6.20
CA ARG B 330 43.32 15.09 -6.34
C ARG B 330 43.99 15.34 -4.98
N ALA B 331 43.17 15.52 -3.95
CA ALA B 331 43.65 15.55 -2.56
C ALA B 331 44.35 14.26 -2.14
N ALA B 332 43.82 13.12 -2.56
CA ALA B 332 44.45 11.82 -2.27
C ALA B 332 45.86 11.77 -2.84
N LYS B 333 45.97 12.12 -4.11
CA LYS B 333 47.25 12.13 -4.82
C LYS B 333 48.25 13.06 -4.16
N ALA B 334 47.80 14.26 -3.79
CA ALA B 334 48.66 15.24 -3.13
C ALA B 334 49.17 14.83 -1.72
N LEU B 335 48.56 13.82 -1.11
CA LEU B 335 49.04 13.24 0.16
C LEU B 335 49.74 11.87 -0.02
N GLY B 336 50.15 11.53 -1.23
CA GLY B 336 50.85 10.26 -1.50
C GLY B 336 50.02 8.97 -1.57
N VAL B 337 48.70 9.08 -1.44
CA VAL B 337 47.76 7.95 -1.57
C VAL B 337 47.31 7.86 -3.02
N ALA B 338 47.43 6.69 -3.63
CA ALA B 338 46.94 6.48 -5.00
C ALA B 338 45.42 6.30 -4.94
N PRO B 339 44.66 7.22 -5.56
CA PRO B 339 43.20 7.19 -5.40
C PRO B 339 42.52 6.08 -6.23
N GLU B 340 41.36 5.65 -5.78
CA GLU B 340 40.51 4.78 -6.60
C GLU B 340 39.61 5.69 -7.45
N VAL B 341 39.88 5.72 -8.77
CA VAL B 341 39.10 6.52 -9.73
C VAL B 341 38.31 5.60 -10.69
N PRO B 342 37.21 6.13 -11.29
CA PRO B 342 36.55 5.35 -12.33
C PRO B 342 37.51 4.97 -13.48
N PRO B 343 37.42 3.72 -13.99
CA PRO B 343 38.34 3.24 -15.06
C PRO B 343 38.39 4.14 -16.30
N GLN B 344 37.25 4.76 -16.63
CA GLN B 344 37.15 5.73 -17.71
C GLN B 344 38.12 6.94 -17.57
N TYR B 345 38.47 7.29 -16.33
CA TYR B 345 39.31 8.47 -16.02
C TYR B 345 40.75 8.13 -15.62
N GLN B 346 41.17 6.90 -15.87
CA GLN B 346 42.46 6.38 -15.37
C GLN B 346 43.68 7.15 -15.92
N ARG B 347 43.66 7.45 -17.21
N ARG B 347 43.66 7.45 -17.22
CA ARG B 347 44.72 8.24 -17.85
CA ARG B 347 44.70 8.27 -17.88
C ARG B 347 44.72 9.74 -17.49
C ARG B 347 44.75 9.74 -17.45
N GLY B 348 43.72 10.18 -16.72
CA GLY B 348 43.71 11.53 -16.13
C GLY B 348 44.47 11.68 -14.83
N PHE B 349 44.85 10.55 -14.21
CA PHE B 349 45.47 10.56 -12.86
C PHE B 349 46.87 9.91 -12.86
N ALA C 2 -45.79 -6.31 -16.59
CA ALA C 2 -44.85 -7.48 -16.65
C ALA C 2 -43.85 -7.45 -15.48
N LEU C 3 -43.95 -8.44 -14.59
CA LEU C 3 -43.01 -8.59 -13.46
C LEU C 3 -41.55 -8.78 -13.89
N LEU C 4 -41.35 -9.47 -15.01
CA LEU C 4 -40.01 -9.68 -15.55
C LEU C 4 -39.24 -8.37 -15.72
N PHE C 5 -39.94 -7.29 -16.09
CA PHE C 5 -39.29 -5.97 -16.22
C PHE C 5 -39.71 -4.92 -15.18
N THR C 6 -40.09 -5.38 -13.98
CA THR C 6 -40.31 -4.54 -12.78
C THR C 6 -39.05 -4.63 -11.88
N PRO C 7 -38.63 -3.50 -11.27
CA PRO C 7 -37.42 -3.55 -10.43
C PRO C 7 -37.53 -4.50 -9.22
N LEU C 8 -36.39 -5.05 -8.79
CA LEU C 8 -36.32 -5.98 -7.67
C LEU C 8 -35.40 -5.45 -6.56
N GLU C 9 -35.91 -5.36 -5.35
CA GLU C 9 -35.12 -4.88 -4.22
C GLU C 9 -34.48 -6.05 -3.47
N LEU C 10 -33.16 -5.95 -3.24
CA LEU C 10 -32.36 -6.98 -2.57
C LEU C 10 -31.24 -6.30 -1.77
N GLY C 11 -31.22 -6.54 -0.46
CA GLY C 11 -30.35 -5.79 0.44
C GLY C 11 -30.69 -4.31 0.32
N GLY C 12 -29.71 -3.51 -0.08
CA GLY C 12 -29.89 -2.07 -0.33
C GLY C 12 -29.82 -1.65 -1.79
N LEU C 13 -29.71 -2.61 -2.70
CA LEU C 13 -29.69 -2.32 -4.15
C LEU C 13 -31.10 -2.33 -4.72
N ARG C 14 -31.23 -1.76 -5.92
CA ARG C 14 -32.38 -2.00 -6.79
C ARG C 14 -31.84 -2.50 -8.12
N LEU C 15 -32.25 -3.70 -8.53
CA LEU C 15 -31.94 -4.22 -9.87
C LEU C 15 -33.07 -3.72 -10.78
N LYS C 16 -32.74 -3.33 -12.01
CA LYS C 16 -33.71 -2.68 -12.92
C LYS C 16 -34.73 -3.64 -13.53
N ASN C 17 -34.41 -4.93 -13.53
CA ASN C 17 -35.32 -5.98 -13.98
C ASN C 17 -34.98 -7.28 -13.24
N ARG C 18 -35.67 -8.38 -13.57
CA ARG C 18 -35.41 -9.67 -12.91
C ARG C 18 -34.75 -10.76 -13.74
N LEU C 19 -33.94 -10.36 -14.71
CA LEU C 19 -33.13 -11.29 -15.47
C LEU C 19 -31.67 -11.21 -14.99
N ALA C 20 -31.02 -12.36 -14.88
CA ALA C 20 -29.58 -12.43 -14.53
C ALA C 20 -28.83 -13.38 -15.45
N MET C 21 -27.55 -13.06 -15.69
CA MET C 21 -26.63 -13.96 -16.38
C MET C 21 -26.06 -14.95 -15.37
N SER C 22 -26.42 -16.22 -15.53
CA SER C 22 -25.93 -17.31 -14.71
C SER C 22 -24.42 -17.51 -14.93
N PRO C 23 -23.67 -17.91 -13.89
CA PRO C 23 -22.23 -18.14 -14.02
C PRO C 23 -21.89 -19.23 -15.05
N MET C 24 -20.99 -18.91 -15.98
CA MET C 24 -20.52 -19.86 -17.00
C MET C 24 -19.02 -19.71 -17.29
N ASP C 25 -18.22 -20.62 -16.73
CA ASP C 25 -16.78 -20.77 -16.99
C ASP C 25 -16.46 -20.67 -18.49
N GLN C 26 -15.48 -19.82 -18.81
CA GLN C 26 -15.00 -19.60 -20.18
C GLN C 26 -13.64 -20.26 -20.46
N TYR C 27 -12.98 -20.82 -19.44
CA TYR C 27 -11.66 -21.48 -19.61
C TYR C 27 -10.70 -20.66 -20.50
N SER C 28 -10.66 -19.34 -20.23
CA SER C 28 -9.92 -18.37 -21.06
C SER C 28 -9.02 -17.41 -20.25
N ALA C 29 -8.85 -17.65 -18.94
CA ALA C 29 -7.93 -16.88 -18.10
C ALA C 29 -6.49 -17.29 -18.40
N THR C 30 -5.54 -16.51 -17.91
CA THR C 30 -4.12 -16.90 -17.96
C THR C 30 -3.83 -18.10 -17.04
N LEU C 31 -2.63 -18.66 -17.19
CA LEU C 31 -2.13 -19.71 -16.31
C LEU C 31 -2.06 -19.30 -14.83
N GLU C 32 -1.96 -17.98 -14.57
CA GLU C 32 -2.01 -17.40 -13.21
C GLU C 32 -3.43 -17.01 -12.70
N GLY C 33 -4.46 -17.30 -13.48
CA GLY C 33 -5.85 -16.96 -13.11
C GLY C 33 -6.30 -15.52 -13.33
N GLU C 34 -5.69 -14.83 -14.29
CA GLU C 34 -5.96 -13.42 -14.56
C GLU C 34 -6.98 -13.18 -15.68
N VAL C 35 -7.69 -12.06 -15.57
CA VAL C 35 -8.64 -11.61 -16.59
C VAL C 35 -7.89 -11.28 -17.91
N THR C 36 -8.45 -11.73 -19.03
CA THR C 36 -7.92 -11.45 -20.39
C THR C 36 -8.90 -10.62 -21.23
N ASP C 37 -8.46 -10.23 -22.43
CA ASP C 37 -9.33 -9.61 -23.46
C ASP C 37 -10.61 -10.41 -23.76
N TRP C 38 -10.57 -11.75 -23.66
CA TRP C 38 -11.77 -12.56 -23.88
C TRP C 38 -12.90 -12.14 -22.92
N HIS C 39 -12.59 -12.02 -21.64
CA HIS C 39 -13.61 -11.69 -20.64
C HIS C 39 -14.12 -10.25 -20.80
N LEU C 40 -13.22 -9.35 -21.22
CA LEU C 40 -13.55 -7.92 -21.37
C LEU C 40 -14.45 -7.63 -22.59
N LEU C 41 -14.53 -8.54 -23.54
CA LEU C 41 -15.53 -8.45 -24.62
C LEU C 41 -16.83 -9.21 -24.28
N HIS C 42 -16.68 -10.45 -23.78
CA HIS C 42 -17.79 -11.35 -23.40
C HIS C 42 -18.83 -10.75 -22.44
N TYR C 43 -18.36 -10.19 -21.34
CA TYR C 43 -19.27 -9.77 -20.27
C TYR C 43 -19.96 -8.43 -20.57
N PRO C 44 -19.21 -7.40 -21.01
CA PRO C 44 -19.92 -6.18 -21.39
C PRO C 44 -20.96 -6.34 -22.51
N THR C 45 -20.72 -7.27 -23.43
CA THR C 45 -21.70 -7.57 -24.49
C THR C 45 -23.08 -7.92 -23.90
N ARG C 46 -23.09 -8.78 -22.88
CA ARG C 46 -24.34 -9.17 -22.23
C ARG C 46 -24.96 -8.08 -21.32
N ALA C 47 -24.13 -7.20 -20.76
CA ALA C 47 -24.63 -6.04 -19.98
C ALA C 47 -25.40 -5.06 -20.86
N LEU C 48 -24.84 -4.74 -22.04
CA LEU C 48 -25.52 -3.95 -23.07
C LEU C 48 -26.79 -4.66 -23.56
N GLY C 49 -26.71 -6.00 -23.67
CA GLY C 49 -27.84 -6.84 -24.00
C GLY C 49 -29.06 -6.77 -23.06
N GLY C 50 -28.91 -6.16 -21.87
CA GLY C 50 -30.06 -5.76 -21.05
C GLY C 50 -30.33 -6.41 -19.70
N VAL C 51 -29.52 -7.38 -19.26
CA VAL C 51 -29.71 -8.01 -17.93
C VAL C 51 -29.46 -7.01 -16.78
N GLY C 52 -30.24 -7.15 -15.69
CA GLY C 52 -30.02 -6.35 -14.48
C GLY C 52 -28.78 -6.70 -13.65
N LEU C 53 -28.36 -7.96 -13.71
CA LEU C 53 -27.28 -8.48 -12.87
C LEU C 53 -26.44 -9.46 -13.67
N ILE C 54 -25.12 -9.31 -13.60
CA ILE C 54 -24.21 -10.28 -14.18
C ILE C 54 -23.45 -11.01 -13.07
N LEU C 55 -23.59 -12.34 -13.03
CA LEU C 55 -22.78 -13.20 -12.16
C LEU C 55 -21.62 -13.78 -12.95
N VAL C 56 -20.43 -13.23 -12.72
CA VAL C 56 -19.18 -13.74 -13.29
C VAL C 56 -18.92 -15.19 -12.86
N GLU C 57 -18.44 -15.98 -13.82
CA GLU C 57 -18.06 -17.40 -13.67
C GLU C 57 -17.27 -17.76 -12.40
N ALA C 58 -17.26 -19.06 -12.11
CA ALA C 58 -16.58 -19.64 -10.94
C ALA C 58 -15.16 -19.11 -10.82
N THR C 59 -14.83 -18.53 -9.66
CA THR C 59 -13.54 -17.86 -9.45
C THR C 59 -12.88 -18.49 -8.21
N ALA C 60 -11.75 -19.14 -8.41
CA ALA C 60 -11.17 -20.04 -7.40
C ALA C 60 -10.51 -19.31 -6.23
N VAL C 61 -10.82 -19.76 -5.01
CA VAL C 61 -10.28 -19.15 -3.78
C VAL C 61 -8.85 -19.61 -3.41
N GLU C 62 -8.37 -20.67 -4.04
CA GLU C 62 -6.95 -21.04 -3.99
C GLU C 62 -6.61 -21.80 -5.29
N PRO C 63 -5.31 -21.90 -5.65
CA PRO C 63 -4.88 -22.64 -6.84
C PRO C 63 -5.45 -24.06 -7.02
N LEU C 64 -5.44 -24.87 -5.94
CA LEU C 64 -5.97 -26.25 -5.95
C LEU C 64 -7.50 -26.38 -6.04
N GLY C 65 -8.20 -25.27 -5.83
CA GLY C 65 -9.64 -25.17 -6.04
C GLY C 65 -10.12 -24.88 -7.45
N ARG C 66 -9.22 -24.68 -8.41
CA ARG C 66 -9.63 -24.46 -9.82
C ARG C 66 -10.15 -25.75 -10.47
N THR C 67 -11.17 -25.59 -11.31
CA THR C 67 -11.64 -26.66 -12.20
C THR C 67 -10.62 -26.93 -13.31
N SER C 68 -10.01 -25.88 -13.85
CA SER C 68 -9.05 -26.01 -14.96
C SER C 68 -7.83 -25.11 -14.74
N PRO C 69 -6.74 -25.34 -15.50
CA PRO C 69 -5.63 -24.39 -15.41
C PRO C 69 -5.92 -22.99 -15.98
N TYR C 70 -7.09 -22.79 -16.60
CA TYR C 70 -7.47 -21.51 -17.21
C TYR C 70 -8.69 -20.84 -16.53
N ASP C 71 -8.97 -21.21 -15.28
CA ASP C 71 -10.02 -20.59 -14.49
C ASP C 71 -9.56 -19.21 -13.98
N LEU C 72 -10.52 -18.32 -13.77
CA LEU C 72 -10.27 -17.10 -12.99
C LEU C 72 -9.95 -17.49 -11.56
N GLY C 73 -9.09 -16.71 -10.92
CA GLY C 73 -8.78 -16.85 -9.49
C GLY C 73 -8.92 -15.52 -8.77
N ILE C 74 -9.01 -15.61 -7.45
CA ILE C 74 -9.07 -14.43 -6.57
C ILE C 74 -8.18 -14.61 -5.32
N TRP C 75 -7.17 -15.50 -5.41
CA TRP C 75 -6.34 -15.86 -4.24
C TRP C 75 -5.20 -14.87 -3.90
N SER C 76 -5.03 -13.81 -4.71
CA SER C 76 -3.88 -12.91 -4.63
C SER C 76 -4.29 -11.45 -4.88
N GLU C 77 -3.56 -10.53 -4.25
CA GLU C 77 -3.77 -9.09 -4.46
C GLU C 77 -3.49 -8.66 -5.92
N ASP C 78 -2.65 -9.41 -6.63
CA ASP C 78 -2.38 -9.20 -8.07
C ASP C 78 -3.53 -9.56 -9.04
N HIS C 79 -4.57 -10.25 -8.57
CA HIS C 79 -5.81 -10.42 -9.37
C HIS C 79 -6.67 -9.15 -9.40
N LEU C 80 -6.40 -8.20 -8.52
CA LEU C 80 -7.26 -7.03 -8.31
C LEU C 80 -7.38 -6.10 -9.55
N PRO C 81 -6.26 -5.69 -10.17
CA PRO C 81 -6.44 -4.74 -11.32
C PRO C 81 -7.28 -5.28 -12.48
N GLY C 82 -7.15 -6.57 -12.79
CA GLY C 82 -7.99 -7.23 -13.80
C GLY C 82 -9.46 -7.32 -13.42
N LEU C 83 -9.76 -7.82 -12.23
CA LEU C 83 -11.14 -7.89 -11.72
C LEU C 83 -11.79 -6.50 -11.58
N LYS C 84 -11.01 -5.53 -11.14
CA LYS C 84 -11.46 -4.14 -11.06
C LYS C 84 -11.93 -3.61 -12.42
N GLU C 85 -11.12 -3.84 -13.46
CA GLU C 85 -11.44 -3.41 -14.82
C GLU C 85 -12.70 -4.13 -15.38
N LEU C 86 -12.82 -5.43 -15.08
CA LEU C 86 -14.00 -6.21 -15.47
C LEU C 86 -15.30 -5.67 -14.87
N ALA C 87 -15.30 -5.40 -13.57
CA ALA C 87 -16.48 -4.87 -12.87
C ALA C 87 -16.85 -3.48 -13.36
N ARG C 88 -15.83 -2.70 -13.68
CA ARG C 88 -16.01 -1.35 -14.20
C ARG C 88 -16.75 -1.35 -15.55
N ARG C 89 -16.28 -2.19 -16.48
CA ARG C 89 -16.87 -2.27 -17.80
C ARG C 89 -18.28 -2.88 -17.84
N ILE C 90 -18.57 -3.82 -16.95
CA ILE C 90 -19.95 -4.31 -16.76
C ILE C 90 -20.87 -3.19 -16.29
N ARG C 91 -20.43 -2.44 -15.27
CA ARG C 91 -21.23 -1.35 -14.71
C ARG C 91 -21.52 -0.27 -15.73
N GLU C 92 -20.50 0.12 -16.49
CA GLU C 92 -20.68 1.18 -17.48
C GLU C 92 -21.58 0.78 -18.66
N ALA C 93 -21.67 -0.52 -18.94
CA ALA C 93 -22.57 -1.08 -19.96
C ALA C 93 -24.02 -1.31 -19.49
N GLY C 94 -24.30 -1.09 -18.20
CA GLY C 94 -25.66 -1.04 -17.68
C GLY C 94 -26.07 -1.97 -16.54
N ALA C 95 -25.24 -2.95 -16.19
CA ALA C 95 -25.64 -4.02 -15.25
C ALA C 95 -24.92 -3.94 -13.93
N VAL C 96 -25.53 -4.47 -12.87
CA VAL C 96 -24.84 -4.67 -11.59
C VAL C 96 -23.82 -5.83 -11.71
N PRO C 97 -22.54 -5.59 -11.35
CA PRO C 97 -21.53 -6.67 -11.38
C PRO C 97 -21.53 -7.55 -10.12
N GLY C 98 -21.65 -8.86 -10.31
CA GLY C 98 -21.54 -9.87 -9.24
C GLY C 98 -20.51 -10.93 -9.62
N ILE C 99 -20.19 -11.81 -8.68
CA ILE C 99 -19.18 -12.86 -8.87
C ILE C 99 -19.46 -14.10 -8.01
N GLN C 100 -19.14 -15.28 -8.55
CA GLN C 100 -19.25 -16.56 -7.85
C GLN C 100 -17.88 -17.04 -7.31
N LEU C 101 -17.81 -17.28 -5.99
CA LEU C 101 -16.61 -17.86 -5.33
C LEU C 101 -16.66 -19.41 -5.20
N HIS C 102 -15.55 -20.06 -5.54
CA HIS C 102 -15.52 -21.49 -5.93
C HIS C 102 -14.36 -22.27 -5.28
N HIS C 103 -14.60 -23.54 -4.95
CA HIS C 103 -13.52 -24.54 -4.71
C HIS C 103 -13.94 -25.91 -5.29
N ALA C 104 -13.26 -26.31 -6.36
CA ALA C 104 -13.53 -27.54 -7.13
C ALA C 104 -13.46 -28.87 -6.39
N GLY C 105 -12.68 -28.96 -5.33
CA GLY C 105 -12.69 -30.14 -4.44
C GLY C 105 -12.13 -31.36 -5.16
N ARG C 106 -12.82 -32.50 -5.06
CA ARG C 106 -12.35 -33.75 -5.68
C ARG C 106 -12.49 -33.75 -7.22
N LYS C 107 -13.19 -32.76 -7.77
CA LYS C 107 -13.29 -32.55 -9.22
C LYS C 107 -12.29 -31.53 -9.79
N ALA C 108 -11.34 -31.09 -8.98
CA ALA C 108 -10.32 -30.14 -9.43
C ALA C 108 -9.36 -30.71 -10.50
N GLY C 109 -8.80 -29.81 -11.30
CA GLY C 109 -7.68 -30.12 -12.17
C GLY C 109 -7.98 -31.02 -13.35
N THR C 110 -8.95 -30.64 -14.17
CA THR C 110 -9.21 -31.27 -15.48
C THR C 110 -8.89 -30.30 -16.61
N ALA C 111 -8.65 -30.82 -17.80
CA ALA C 111 -8.37 -30.01 -19.00
C ALA C 111 -9.66 -29.37 -19.49
N ARG C 112 -9.55 -28.40 -20.39
CA ARG C 112 -10.73 -27.75 -21.01
C ARG C 112 -11.65 -28.75 -21.72
N PRO C 113 -12.98 -28.51 -21.74
CA PRO C 113 -13.95 -29.41 -22.40
C PRO C 113 -13.63 -29.78 -23.86
N TRP C 114 -13.08 -28.83 -24.61
CA TRP C 114 -12.71 -29.01 -26.01
C TRP C 114 -11.26 -29.45 -26.28
N GLU C 115 -10.49 -29.71 -25.21
CA GLU C 115 -9.20 -30.43 -25.30
C GLU C 115 -9.25 -31.75 -24.52
N GLY C 116 -10.43 -32.38 -24.49
CA GLY C 116 -10.61 -33.70 -23.87
C GLY C 116 -11.27 -33.69 -22.51
N GLY C 117 -10.93 -32.71 -21.68
CA GLY C 117 -11.49 -32.61 -20.34
C GLY C 117 -11.10 -33.71 -19.37
N LYS C 118 -9.91 -34.29 -19.55
CA LYS C 118 -9.43 -35.40 -18.71
C LYS C 118 -8.74 -34.91 -17.43
N PRO C 119 -8.74 -35.73 -16.35
CA PRO C 119 -8.01 -35.40 -15.12
C PRO C 119 -6.49 -35.24 -15.33
N LEU C 120 -5.91 -34.21 -14.69
CA LEU C 120 -4.48 -33.89 -14.81
C LEU C 120 -3.60 -34.43 -13.67
N GLY C 121 -4.15 -35.24 -12.78
CA GLY C 121 -3.37 -35.83 -11.67
C GLY C 121 -2.92 -34.88 -10.58
N TRP C 122 -3.73 -33.85 -10.30
CA TRP C 122 -3.46 -32.91 -9.20
C TRP C 122 -3.75 -33.56 -7.86
N ARG C 123 -3.18 -32.95 -6.84
CA ARG C 123 -3.26 -33.44 -5.48
C ARG C 123 -4.53 -32.90 -4.78
N VAL C 124 -5.69 -33.41 -5.20
CA VAL C 124 -7.00 -32.83 -4.85
C VAL C 124 -7.48 -33.23 -3.44
N VAL C 125 -8.31 -32.38 -2.82
CA VAL C 125 -8.84 -32.59 -1.44
C VAL C 125 -10.37 -32.81 -1.39
N GLY C 126 -10.84 -33.35 -0.26
CA GLY C 126 -12.26 -33.64 -0.05
C GLY C 126 -12.67 -34.05 1.36
N PRO C 127 -13.96 -34.36 1.57
CA PRO C 127 -14.40 -34.93 2.85
C PRO C 127 -13.91 -36.38 3.10
N SER C 128 -13.91 -37.20 2.05
CA SER C 128 -13.62 -38.64 2.16
C SER C 128 -12.80 -39.14 0.97
N PRO C 129 -11.98 -40.19 1.17
CA PRO C 129 -11.15 -40.72 0.07
C PRO C 129 -11.93 -41.61 -0.93
N ILE C 130 -12.79 -40.98 -1.71
CA ILE C 130 -13.61 -41.65 -2.74
C ILE C 130 -13.42 -40.87 -4.05
N PRO C 131 -12.90 -41.55 -5.10
CA PRO C 131 -12.73 -40.84 -6.37
C PRO C 131 -14.07 -40.55 -7.05
N PHE C 132 -14.10 -39.50 -7.87
CA PHE C 132 -15.30 -39.06 -8.59
C PHE C 132 -15.78 -40.11 -9.60
N ASP C 133 -14.90 -40.51 -10.51
CA ASP C 133 -15.14 -41.61 -11.49
C ASP C 133 -13.81 -42.30 -11.83
N GLU C 134 -13.90 -43.48 -12.47
CA GLU C 134 -12.73 -44.19 -13.03
C GLU C 134 -11.77 -43.23 -13.74
N GLY C 135 -10.51 -43.25 -13.33
CA GLY C 135 -9.49 -42.37 -13.88
C GLY C 135 -9.14 -41.17 -12.99
N TYR C 136 -10.11 -40.69 -12.23
CA TYR C 136 -9.90 -39.54 -11.35
C TYR C 136 -9.07 -39.92 -10.12
N PRO C 137 -8.28 -38.95 -9.60
CA PRO C 137 -7.46 -39.20 -8.42
C PRO C 137 -8.27 -39.39 -7.13
N VAL C 138 -7.64 -40.02 -6.14
CA VAL C 138 -8.26 -40.21 -4.83
C VAL C 138 -8.08 -38.92 -4.02
N PRO C 139 -9.18 -38.24 -3.66
CA PRO C 139 -9.00 -37.03 -2.87
C PRO C 139 -8.44 -37.29 -1.48
N GLU C 140 -7.61 -36.37 -1.01
CA GLU C 140 -7.06 -36.44 0.33
C GLU C 140 -8.06 -35.84 1.33
N PRO C 141 -8.49 -36.64 2.32
CA PRO C 141 -9.47 -36.12 3.28
C PRO C 141 -8.93 -34.94 4.08
N LEU C 142 -9.74 -33.90 4.20
CA LEU C 142 -9.37 -32.70 4.94
C LEU C 142 -9.40 -32.96 6.44
N ASP C 143 -8.43 -32.36 7.14
CA ASP C 143 -8.41 -32.29 8.61
C ASP C 143 -8.92 -30.91 9.03
N GLU C 144 -9.00 -30.70 10.34
CA GLU C 144 -9.60 -29.47 10.89
C GLU C 144 -8.90 -28.19 10.41
N ALA C 145 -7.57 -28.22 10.36
CA ALA C 145 -6.78 -27.05 9.94
C ALA C 145 -6.91 -26.80 8.44
N GLY C 146 -7.04 -27.86 7.65
CA GLY C 146 -7.30 -27.74 6.22
C GLY C 146 -8.63 -27.06 5.92
N MET C 147 -9.65 -27.38 6.72
CA MET C 147 -10.98 -26.75 6.63
C MET C 147 -10.93 -25.26 6.99
N GLU C 148 -10.16 -24.92 8.01
CA GLU C 148 -10.00 -23.53 8.48
C GLU C 148 -9.21 -22.66 7.47
N ARG C 149 -8.26 -23.28 6.77
CA ARG C 149 -7.52 -22.60 5.71
C ARG C 149 -8.43 -22.21 4.53
N ILE C 150 -9.25 -23.16 4.11
CA ILE C 150 -10.19 -22.97 3.00
C ILE C 150 -11.30 -21.98 3.41
N LEU C 151 -11.79 -22.09 4.64
CA LEU C 151 -12.73 -21.11 5.19
C LEU C 151 -12.19 -19.67 5.14
N GLN C 152 -10.92 -19.49 5.51
CA GLN C 152 -10.28 -18.17 5.46
C GLN C 152 -9.98 -17.70 4.04
N ALA C 153 -9.77 -18.63 3.11
CA ALA C 153 -9.63 -18.30 1.69
C ALA C 153 -10.95 -17.74 1.13
N PHE C 154 -12.08 -18.31 1.59
CA PHE C 154 -13.41 -17.84 1.19
C PHE C 154 -13.69 -16.43 1.74
N VAL C 155 -13.30 -16.20 3.00
CA VAL C 155 -13.46 -14.88 3.64
C VAL C 155 -12.59 -13.82 2.97
N GLU C 156 -11.33 -14.15 2.68
CA GLU C 156 -10.41 -13.22 2.02
C GLU C 156 -10.76 -12.98 0.54
N GLY C 157 -11.22 -14.02 -0.14
CA GLY C 157 -11.79 -13.91 -1.48
C GLY C 157 -12.95 -12.92 -1.57
N ALA C 158 -13.90 -13.02 -0.63
CA ALA C 158 -15.06 -12.10 -0.55
C ALA C 158 -14.63 -10.65 -0.35
N ARG C 159 -13.67 -10.44 0.55
CA ARG C 159 -13.09 -9.11 0.82
C ARG C 159 -12.46 -8.49 -0.42
N ARG C 160 -11.66 -9.27 -1.14
CA ARG C 160 -10.99 -8.82 -2.35
C ARG C 160 -11.99 -8.45 -3.46
N ALA C 161 -13.08 -9.23 -3.57
CA ALA C 161 -14.14 -8.97 -4.54
C ALA C 161 -14.92 -7.69 -4.25
N LEU C 162 -15.10 -7.38 -2.96
CA LEU C 162 -15.67 -6.09 -2.54
C LEU C 162 -14.74 -4.93 -2.93
N ARG C 163 -13.43 -5.09 -2.72
CA ARG C 163 -12.44 -4.07 -3.10
C ARG C 163 -12.41 -3.77 -4.61
N ALA C 164 -12.73 -4.77 -5.43
CA ALA C 164 -12.78 -4.63 -6.88
C ALA C 164 -14.07 -3.97 -7.40
N GLY C 165 -15.07 -3.82 -6.54
CA GLY C 165 -16.35 -3.20 -6.90
C GLY C 165 -17.55 -4.10 -7.21
N PHE C 166 -17.42 -5.41 -7.03
CA PHE C 166 -18.58 -6.31 -7.14
C PHE C 166 -19.56 -6.04 -6.00
N GLN C 167 -20.86 -6.13 -6.31
CA GLN C 167 -21.93 -5.79 -5.37
C GLN C 167 -22.85 -6.95 -4.96
N VAL C 168 -22.64 -8.13 -5.56
CA VAL C 168 -23.29 -9.38 -5.19
C VAL C 168 -22.22 -10.46 -5.16
N ILE C 169 -22.21 -11.28 -4.11
CA ILE C 169 -21.28 -12.40 -3.95
C ILE C 169 -22.08 -13.68 -3.87
N GLU C 170 -21.77 -14.66 -4.71
CA GLU C 170 -22.40 -16.01 -4.63
C GLU C 170 -21.38 -17.06 -4.17
N LEU C 171 -21.78 -17.90 -3.22
CA LEU C 171 -20.99 -19.05 -2.80
C LEU C 171 -21.45 -20.30 -3.56
N HIS C 172 -20.53 -20.92 -4.27
CA HIS C 172 -20.80 -22.08 -5.10
C HIS C 172 -20.69 -23.32 -4.21
N MET C 173 -21.83 -23.75 -3.68
CA MET C 173 -21.94 -24.94 -2.86
C MET C 173 -22.74 -26.04 -3.59
N ALA C 174 -22.48 -26.22 -4.90
CA ALA C 174 -23.29 -27.10 -5.78
C ALA C 174 -22.42 -27.92 -6.72
N HIS C 175 -23.06 -28.76 -7.54
CA HIS C 175 -22.45 -29.45 -8.69
C HIS C 175 -21.31 -30.43 -8.36
N GLY C 176 -21.30 -30.97 -7.13
CA GLY C 176 -20.30 -31.94 -6.71
C GLY C 176 -18.90 -31.41 -6.41
N TYR C 177 -18.72 -30.10 -6.37
CA TYR C 177 -17.43 -29.51 -5.96
C TYR C 177 -17.38 -29.58 -4.42
N LEU C 178 -16.47 -28.82 -3.78
CA LEU C 178 -16.11 -29.11 -2.39
C LEU C 178 -17.24 -29.09 -1.37
N LEU C 179 -17.93 -27.97 -1.25
CA LEU C 179 -19.00 -27.86 -0.25
C LEU C 179 -20.24 -28.71 -0.59
N SER C 180 -20.51 -28.89 -1.88
CA SER C 180 -21.57 -29.79 -2.33
C SER C 180 -21.31 -31.26 -1.92
N SER C 181 -20.03 -31.66 -1.93
CA SER C 181 -19.61 -33.02 -1.58
C SER C 181 -19.57 -33.31 -0.07
N PHE C 182 -19.53 -32.28 0.77
CA PHE C 182 -19.74 -32.49 2.21
C PHE C 182 -21.21 -32.78 2.53
N LEU C 183 -22.13 -32.15 1.78
CA LEU C 183 -23.57 -32.31 1.98
C LEU C 183 -24.08 -33.73 1.63
N SER C 184 -23.69 -34.23 0.47
CA SER C 184 -24.19 -35.50 -0.05
C SER C 184 -23.51 -36.69 0.66
N PRO C 185 -24.31 -37.69 1.12
CA PRO C 185 -23.69 -38.90 1.69
C PRO C 185 -23.09 -39.83 0.63
N LEU C 186 -23.40 -39.60 -0.65
CA LEU C 186 -22.71 -40.27 -1.75
C LEU C 186 -21.20 -39.98 -1.76
N SER C 187 -20.83 -38.75 -1.43
CA SER C 187 -19.41 -38.33 -1.37
C SER C 187 -18.84 -38.20 0.05
N ASN C 188 -19.70 -38.00 1.04
CA ASN C 188 -19.27 -37.83 2.44
C ASN C 188 -19.61 -39.07 3.30
N GLN C 189 -18.58 -39.85 3.64
CA GLN C 189 -18.71 -41.01 4.52
C GLN C 189 -17.87 -40.86 5.81
N ARG C 190 -17.71 -39.62 6.29
CA ARG C 190 -16.87 -39.37 7.48
C ARG C 190 -17.56 -39.81 8.77
N THR C 191 -16.75 -40.23 9.75
CA THR C 191 -17.23 -40.70 11.06
C THR C 191 -16.92 -39.75 12.24
N ASP C 192 -16.32 -38.60 11.93
CA ASP C 192 -16.08 -37.54 12.93
C ASP C 192 -17.28 -36.58 12.99
N ALA C 193 -17.10 -35.37 13.51
CA ALA C 193 -18.18 -34.36 13.55
C ALA C 193 -18.62 -33.70 12.19
N TYR C 194 -17.99 -34.07 11.07
CA TYR C 194 -18.32 -33.53 9.73
C TYR C 194 -18.94 -34.56 8.76
N GLY C 195 -19.44 -35.66 9.30
CA GLY C 195 -20.09 -36.72 8.51
C GLY C 195 -21.11 -37.48 9.33
N GLY C 196 -21.86 -38.38 8.66
CA GLY C 196 -22.93 -39.17 9.27
C GLY C 196 -24.29 -38.51 9.22
N SER C 197 -24.72 -37.91 10.32
CA SER C 197 -26.02 -37.22 10.39
C SER C 197 -26.13 -36.03 9.43
N LEU C 198 -27.35 -35.53 9.28
CA LEU C 198 -27.61 -34.37 8.44
C LEU C 198 -26.92 -33.15 9.05
N GLU C 199 -27.10 -32.97 10.36
CA GLU C 199 -26.43 -31.91 11.15
C GLU C 199 -24.93 -31.82 10.91
N ASN C 200 -24.25 -32.96 11.01
CA ASN C 200 -22.81 -33.04 10.78
C ASN C 200 -22.40 -32.66 9.36
N ARG C 201 -23.16 -33.13 8.39
CA ARG C 201 -22.89 -32.89 6.98
C ARG C 201 -23.12 -31.44 6.54
N MET C 202 -24.01 -30.73 7.23
CA MET C 202 -24.22 -29.28 7.00
C MET C 202 -23.20 -28.37 7.70
N ARG C 203 -22.42 -28.93 8.62
CA ARG C 203 -21.56 -28.17 9.53
C ARG C 203 -20.53 -27.28 8.83
N PHE C 204 -19.64 -27.88 8.04
CA PHE C 204 -18.60 -27.10 7.33
C PHE C 204 -19.21 -26.07 6.35
N PRO C 205 -20.13 -26.49 5.46
CA PRO C 205 -20.85 -25.49 4.62
C PRO C 205 -21.47 -24.29 5.35
N LEU C 206 -22.10 -24.51 6.50
CA LEU C 206 -22.71 -23.44 7.29
C LEU C 206 -21.70 -22.54 7.98
N GLN C 207 -20.58 -23.11 8.44
CA GLN C 207 -19.44 -22.33 8.97
C GLN C 207 -18.92 -21.33 7.94
N VAL C 208 -18.75 -21.79 6.69
CA VAL C 208 -18.28 -20.94 5.60
C VAL C 208 -19.29 -19.84 5.29
N ALA C 209 -20.58 -20.15 5.28
CA ALA C 209 -21.63 -19.15 5.05
C ALA C 209 -21.70 -18.05 6.14
N GLN C 210 -21.59 -18.48 7.40
CA GLN C 210 -21.58 -17.55 8.53
C GLN C 210 -20.41 -16.58 8.50
N ALA C 211 -19.21 -17.08 8.22
CA ALA C 211 -18.01 -16.24 8.24
C ALA C 211 -17.98 -15.23 7.09
N VAL C 212 -18.39 -15.66 5.90
CA VAL C 212 -18.50 -14.75 4.74
C VAL C 212 -19.57 -13.66 4.99
N ARG C 213 -20.71 -14.05 5.58
CA ARG C 213 -21.78 -13.10 5.89
C ARG C 213 -21.30 -11.95 6.79
N GLU C 214 -20.39 -12.26 7.71
CA GLU C 214 -19.88 -11.28 8.66
C GLU C 214 -18.95 -10.23 8.05
N VAL C 215 -18.34 -10.53 6.89
CA VAL C 215 -17.45 -9.57 6.20
C VAL C 215 -18.11 -8.81 5.02
N VAL C 216 -19.33 -9.20 4.67
CA VAL C 216 -20.08 -8.59 3.57
C VAL C 216 -21.15 -7.69 4.20
N PRO C 217 -21.16 -6.37 3.92
CA PRO C 217 -22.19 -5.52 4.57
C PRO C 217 -23.62 -5.89 4.15
N ARG C 218 -24.59 -5.66 5.03
CA ARG C 218 -25.99 -6.02 4.78
C ARG C 218 -26.59 -5.34 3.54
N GLU C 219 -26.05 -4.19 3.16
CA GLU C 219 -26.45 -3.50 1.94
C GLU C 219 -26.16 -4.33 0.69
N LEU C 220 -25.13 -5.18 0.75
CA LEU C 220 -24.77 -6.02 -0.41
C LEU C 220 -25.25 -7.48 -0.25
N PRO C 221 -26.06 -7.98 -1.23
CA PRO C 221 -26.61 -9.33 -1.07
C PRO C 221 -25.59 -10.47 -1.19
N LEU C 222 -25.77 -11.48 -0.33
CA LEU C 222 -25.05 -12.74 -0.39
C LEU C 222 -25.99 -13.84 -0.91
N PHE C 223 -25.59 -14.48 -2.02
CA PHE C 223 -26.28 -15.65 -2.59
C PHE C 223 -25.54 -16.94 -2.22
N VAL C 224 -26.27 -18.05 -2.26
CA VAL C 224 -25.71 -19.38 -2.20
C VAL C 224 -26.37 -20.22 -3.30
N ARG C 225 -25.55 -20.89 -4.11
CA ARG C 225 -26.02 -21.87 -5.09
C ARG C 225 -25.87 -23.28 -4.49
N VAL C 226 -26.90 -24.10 -4.64
CA VAL C 226 -26.93 -25.48 -4.12
C VAL C 226 -27.46 -26.44 -5.19
N SER C 227 -27.02 -27.69 -5.14
CA SER C 227 -27.73 -28.76 -5.84
C SER C 227 -28.90 -29.21 -4.95
N ALA C 228 -30.12 -28.93 -5.40
CA ALA C 228 -31.32 -29.20 -4.62
C ALA C 228 -31.56 -30.70 -4.44
N THR C 229 -31.17 -31.47 -5.45
CA THR C 229 -31.02 -32.92 -5.35
C THR C 229 -29.81 -33.39 -6.14
N ASP C 230 -29.33 -34.59 -5.80
CA ASP C 230 -28.27 -35.26 -6.57
C ASP C 230 -28.77 -36.33 -7.56
N TRP C 231 -30.10 -36.60 -7.55
CA TRP C 231 -30.73 -37.60 -8.45
C TRP C 231 -30.24 -39.05 -8.26
N GLY C 232 -29.63 -39.31 -7.10
CA GLY C 232 -29.00 -40.60 -6.82
C GLY C 232 -29.73 -41.32 -5.70
N GLU C 233 -29.77 -42.64 -5.82
CA GLU C 233 -30.43 -43.48 -4.81
C GLU C 233 -29.78 -43.31 -3.44
N GLY C 234 -30.60 -42.94 -2.46
CA GLY C 234 -30.12 -42.67 -1.09
C GLY C 234 -29.29 -41.41 -0.90
N GLY C 235 -29.34 -40.49 -1.86
CA GLY C 235 -28.52 -39.27 -1.85
C GLY C 235 -29.19 -38.06 -1.22
N TRP C 236 -28.67 -36.88 -1.52
CA TRP C 236 -29.24 -35.61 -1.04
C TRP C 236 -30.58 -35.28 -1.72
N SER C 237 -31.61 -35.03 -0.91
CA SER C 237 -32.99 -34.83 -1.40
C SER C 237 -33.51 -33.39 -1.29
N LEU C 238 -34.71 -33.16 -1.82
CA LEU C 238 -35.40 -31.87 -1.64
C LEU C 238 -35.66 -31.56 -0.16
N GLU C 239 -36.08 -32.56 0.61
CA GLU C 239 -36.33 -32.35 2.07
C GLU C 239 -35.08 -31.89 2.84
N ASP C 240 -33.92 -32.43 2.47
CA ASP C 240 -32.63 -32.00 3.02
C ASP C 240 -32.32 -30.54 2.66
N THR C 241 -32.55 -30.20 1.40
CA THR C 241 -32.45 -28.81 0.91
C THR C 241 -33.31 -27.81 1.67
N LEU C 242 -34.52 -28.21 2.09
CA LEU C 242 -35.40 -27.33 2.88
C LEU C 242 -34.85 -27.04 4.26
N ALA C 243 -34.33 -28.07 4.91
CA ALA C 243 -33.70 -27.91 6.22
C ALA C 243 -32.45 -27.03 6.14
N PHE C 244 -31.59 -27.32 5.16
CA PHE C 244 -30.41 -26.51 4.87
C PHE C 244 -30.76 -25.05 4.58
N ALA C 245 -31.80 -24.83 3.78
CA ALA C 245 -32.24 -23.47 3.44
C ALA C 245 -32.75 -22.70 4.66
N ARG C 246 -33.44 -23.39 5.57
CA ARG C 246 -33.87 -22.79 6.85
C ARG C 246 -32.66 -22.24 7.65
N ARG C 247 -31.58 -23.01 7.72
CA ARG C 247 -30.37 -22.56 8.46
C ARG C 247 -29.71 -21.37 7.76
N LEU C 248 -29.59 -21.42 6.43
CA LEU C 248 -29.03 -20.31 5.66
C LEU C 248 -29.77 -18.99 5.89
N LYS C 249 -31.10 -19.06 5.89
CA LYS C 249 -31.97 -17.92 6.18
C LYS C 249 -31.72 -17.32 7.56
N GLU C 250 -31.53 -18.17 8.55
CA GLU C 250 -31.21 -17.72 9.92
C GLU C 250 -29.85 -17.02 10.03
N LEU C 251 -28.88 -17.41 9.20
CA LEU C 251 -27.55 -16.76 9.16
C LEU C 251 -27.53 -15.43 8.43
N GLY C 252 -28.58 -15.10 7.68
CA GLY C 252 -28.67 -13.84 6.94
C GLY C 252 -28.36 -13.90 5.46
N VAL C 253 -28.37 -15.09 4.87
CA VAL C 253 -28.24 -15.26 3.43
C VAL C 253 -29.49 -14.66 2.76
N ASP C 254 -29.29 -13.96 1.64
CA ASP C 254 -30.35 -13.21 0.95
C ASP C 254 -31.18 -14.03 -0.08
N LEU C 255 -30.55 -15.02 -0.73
CA LEU C 255 -31.18 -15.77 -1.83
C LEU C 255 -30.51 -17.12 -2.10
N LEU C 256 -31.30 -18.19 -2.24
CA LEU C 256 -30.81 -19.50 -2.66
C LEU C 256 -30.96 -19.66 -4.19
N ASP C 257 -29.86 -19.81 -4.89
CA ASP C 257 -29.84 -20.12 -6.33
C ASP C 257 -29.98 -21.65 -6.49
N CYS C 258 -31.07 -22.11 -7.12
CA CYS C 258 -31.49 -23.53 -7.06
C CYS C 258 -31.16 -24.35 -8.30
N SER C 259 -30.05 -25.09 -8.22
CA SER C 259 -29.59 -25.96 -9.30
C SER C 259 -29.78 -27.42 -8.88
N SER C 260 -29.12 -28.37 -9.57
CA SER C 260 -29.15 -29.79 -9.21
C SER C 260 -28.04 -30.58 -9.89
N GLY C 261 -27.77 -31.78 -9.38
CA GLY C 261 -26.86 -32.73 -10.04
C GLY C 261 -25.40 -32.43 -9.81
N GLY C 262 -24.54 -33.16 -10.53
CA GLY C 262 -23.08 -32.95 -10.50
C GLY C 262 -22.25 -33.71 -9.48
N VAL C 263 -22.91 -34.27 -8.45
CA VAL C 263 -22.22 -34.95 -7.34
C VAL C 263 -21.63 -36.27 -7.79
N VAL C 264 -22.46 -37.07 -8.46
CA VAL C 264 -22.03 -38.31 -9.14
C VAL C 264 -22.45 -38.29 -10.60
N LEU C 265 -21.89 -39.22 -11.37
CA LEU C 265 -22.03 -39.22 -12.83
C LEU C 265 -23.10 -40.15 -13.45
N ARG C 266 -23.34 -41.32 -12.87
CA ARG C 266 -24.25 -42.33 -13.48
C ARG C 266 -25.67 -42.30 -12.87
N VAL C 267 -26.43 -41.28 -13.24
CA VAL C 267 -27.77 -41.04 -12.73
C VAL C 267 -28.67 -40.49 -13.84
N ARG C 268 -29.93 -40.92 -13.85
CA ARG C 268 -30.90 -40.46 -14.85
C ARG C 268 -31.47 -39.11 -14.39
N ILE C 269 -31.51 -38.14 -15.29
CA ILE C 269 -32.01 -36.78 -14.99
C ILE C 269 -33.15 -36.39 -15.97
N PRO C 270 -34.37 -36.14 -15.45
CA PRO C 270 -35.50 -35.84 -16.36
C PRO C 270 -35.46 -34.41 -16.93
N LEU C 271 -34.64 -34.20 -17.95
CA LEU C 271 -34.45 -32.88 -18.57
C LEU C 271 -35.69 -32.39 -19.31
N ALA C 272 -36.10 -31.15 -19.01
CA ALA C 272 -37.18 -30.46 -19.74
C ALA C 272 -37.15 -28.96 -19.42
N PRO C 273 -37.81 -28.12 -20.25
CA PRO C 273 -37.99 -26.73 -19.86
C PRO C 273 -38.51 -26.58 -18.41
N GLY C 274 -37.78 -25.79 -17.62
CA GLY C 274 -38.13 -25.55 -16.22
C GLY C 274 -38.07 -26.72 -15.23
N PHE C 275 -37.27 -27.75 -15.50
CA PHE C 275 -37.21 -28.94 -14.60
C PHE C 275 -36.61 -28.71 -13.20
N GLN C 276 -35.92 -27.58 -12.99
CA GLN C 276 -35.40 -27.21 -11.67
C GLN C 276 -36.24 -26.16 -10.93
N VAL C 277 -37.22 -25.58 -11.63
CA VAL C 277 -38.16 -24.61 -11.03
C VAL C 277 -38.95 -25.15 -9.79
N PRO C 278 -39.36 -26.44 -9.77
CA PRO C 278 -40.05 -26.89 -8.54
C PRO C 278 -39.22 -26.82 -7.26
N PHE C 279 -37.90 -26.88 -7.38
CA PHE C 279 -37.00 -26.78 -6.22
C PHE C 279 -36.97 -25.35 -5.67
N ALA C 280 -36.82 -24.36 -6.56
CA ALA C 280 -36.98 -22.94 -6.19
C ALA C 280 -38.33 -22.63 -5.57
N ASP C 281 -39.36 -23.33 -6.03
CA ASP C 281 -40.74 -23.08 -5.62
C ASP C 281 -40.98 -23.55 -4.18
N ALA C 282 -40.62 -24.81 -3.92
CA ALA C 282 -40.67 -25.38 -2.58
C ALA C 282 -39.93 -24.56 -1.51
N VAL C 283 -38.70 -24.10 -1.80
CA VAL C 283 -37.91 -23.32 -0.81
C VAL C 283 -38.59 -21.98 -0.49
N ARG C 284 -38.97 -21.26 -1.54
CA ARG C 284 -39.62 -19.96 -1.38
C ARG C 284 -40.99 -20.02 -0.67
N LYS C 285 -41.78 -21.06 -0.95
CA LYS C 285 -43.11 -21.22 -0.32
C LYS C 285 -43.10 -21.90 1.06
N ARG C 286 -42.24 -22.90 1.29
CA ARG C 286 -42.22 -23.62 2.58
C ARG C 286 -41.24 -23.06 3.63
N VAL C 287 -40.21 -22.33 3.19
CA VAL C 287 -39.22 -21.71 4.09
C VAL C 287 -39.33 -20.17 4.14
N GLY C 288 -39.70 -19.55 3.01
CA GLY C 288 -39.82 -18.09 2.93
C GLY C 288 -38.50 -17.39 2.64
N LEU C 289 -37.54 -18.12 2.10
CA LEU C 289 -36.27 -17.56 1.64
C LEU C 289 -36.39 -17.25 0.15
N ARG C 290 -35.96 -16.07 -0.27
CA ARG C 290 -35.97 -15.68 -1.70
C ARG C 290 -35.20 -16.70 -2.55
N THR C 291 -35.65 -16.90 -3.79
CA THR C 291 -34.99 -17.87 -4.68
C THR C 291 -34.70 -17.38 -6.09
N GLY C 292 -33.71 -18.01 -6.70
CA GLY C 292 -33.35 -17.84 -8.12
C GLY C 292 -33.65 -19.11 -8.90
N ALA C 293 -34.38 -18.99 -10.01
CA ALA C 293 -34.69 -20.14 -10.88
C ALA C 293 -33.75 -20.19 -12.10
N VAL C 294 -33.36 -21.42 -12.47
CA VAL C 294 -32.41 -21.66 -13.56
C VAL C 294 -32.67 -23.05 -14.11
N GLY C 295 -32.44 -23.23 -15.42
CA GLY C 295 -32.45 -24.56 -16.06
C GLY C 295 -33.41 -24.66 -17.22
N LEU C 296 -32.87 -24.46 -18.42
CA LEU C 296 -33.62 -24.50 -19.69
C LEU C 296 -34.78 -23.50 -19.72
N ILE C 297 -34.46 -22.25 -19.38
CA ILE C 297 -35.38 -21.12 -19.52
C ILE C 297 -34.90 -20.36 -20.74
N THR C 298 -35.76 -20.29 -21.77
CA THR C 298 -35.39 -19.73 -23.06
C THR C 298 -36.41 -18.77 -23.69
N THR C 299 -37.59 -18.59 -23.11
CA THR C 299 -38.61 -17.67 -23.66
C THR C 299 -39.10 -16.65 -22.62
N PRO C 300 -39.50 -15.41 -23.06
CA PRO C 300 -40.05 -14.39 -22.13
C PRO C 300 -41.33 -14.78 -21.41
N GLU C 301 -42.23 -15.46 -22.12
CA GLU C 301 -43.53 -15.90 -21.58
C GLU C 301 -43.34 -16.98 -20.48
N GLN C 302 -42.37 -17.87 -20.69
CA GLN C 302 -41.94 -18.84 -19.70
C GLN C 302 -41.44 -18.15 -18.43
N ALA C 303 -40.50 -17.23 -18.61
CA ALA C 303 -39.90 -16.54 -17.45
C ALA C 303 -40.92 -15.72 -16.66
N GLU C 304 -41.76 -14.96 -17.37
CA GLU C 304 -42.83 -14.19 -16.73
C GLU C 304 -43.80 -15.09 -15.94
N THR C 305 -44.11 -16.28 -16.47
CA THR C 305 -45.10 -17.17 -15.86
C THR C 305 -44.62 -17.76 -14.51
N LEU C 306 -43.38 -18.21 -14.45
CA LEU C 306 -42.85 -18.71 -13.18
C LEU C 306 -42.80 -17.59 -12.10
N LEU C 307 -42.55 -16.34 -12.50
CA LEU C 307 -42.66 -15.19 -11.56
C LEU C 307 -44.10 -14.93 -11.06
N GLN C 308 -45.05 -14.89 -12.01
CA GLN C 308 -46.47 -14.74 -11.66
C GLN C 308 -46.96 -15.81 -10.67
N ALA C 309 -46.50 -17.05 -10.84
CA ALA C 309 -46.84 -18.18 -9.95
C ALA C 309 -46.23 -18.17 -8.55
N GLY C 310 -45.31 -17.24 -8.29
CA GLY C 310 -44.59 -17.18 -7.03
C GLY C 310 -43.50 -18.23 -6.86
N SER C 311 -43.03 -18.84 -7.96
CA SER C 311 -41.96 -19.89 -7.87
C SER C 311 -40.57 -19.33 -7.54
N ALA C 312 -40.28 -18.11 -7.99
CA ALA C 312 -39.00 -17.45 -7.72
C ALA C 312 -39.07 -15.92 -7.70
N ASP C 313 -38.00 -15.30 -7.22
CA ASP C 313 -37.82 -13.84 -7.27
C ASP C 313 -36.94 -13.39 -8.45
N LEU C 314 -36.09 -14.27 -8.95
CA LEU C 314 -35.10 -13.93 -9.97
C LEU C 314 -34.94 -15.10 -10.93
N VAL C 315 -34.85 -14.76 -12.21
CA VAL C 315 -34.70 -15.72 -13.29
C VAL C 315 -33.27 -15.63 -13.81
N LEU C 316 -32.57 -16.76 -13.81
CA LEU C 316 -31.19 -16.82 -14.29
C LEU C 316 -31.08 -17.51 -15.64
N LEU C 317 -30.29 -16.91 -16.54
CA LEU C 317 -30.15 -17.34 -17.94
C LEU C 317 -28.68 -17.67 -18.27
N GLY C 318 -28.45 -18.89 -18.78
CA GLY C 318 -27.14 -19.35 -19.20
C GLY C 318 -27.01 -19.46 -20.71
N ARG C 319 -27.34 -20.64 -21.24
CA ARG C 319 -26.98 -21.02 -22.62
C ARG C 319 -27.60 -20.13 -23.71
N VAL C 320 -28.82 -19.62 -23.46
CA VAL C 320 -29.50 -18.72 -24.39
C VAL C 320 -28.69 -17.41 -24.63
N LEU C 321 -28.04 -16.91 -23.59
CA LEU C 321 -27.11 -15.75 -23.69
C LEU C 321 -25.73 -16.04 -24.29
N LEU C 322 -25.35 -17.31 -24.46
CA LEU C 322 -24.19 -17.65 -25.26
C LEU C 322 -24.49 -17.54 -26.76
N ARG C 323 -25.71 -17.89 -27.17
CA ARG C 323 -26.13 -17.80 -28.58
C ARG C 323 -26.93 -16.53 -28.95
N ASP C 324 -27.53 -15.87 -27.95
CA ASP C 324 -28.33 -14.64 -28.17
C ASP C 324 -28.10 -13.63 -27.03
N PRO C 325 -26.96 -12.90 -27.08
CA PRO C 325 -26.62 -11.98 -25.98
C PRO C 325 -27.64 -10.84 -25.72
N TYR C 326 -28.36 -10.39 -26.76
CA TYR C 326 -29.37 -9.31 -26.64
C TYR C 326 -30.82 -9.79 -26.41
N PHE C 327 -31.00 -11.05 -26.02
CA PHE C 327 -32.33 -11.62 -25.66
C PHE C 327 -33.21 -10.67 -24.81
N PRO C 328 -32.69 -10.16 -23.65
CA PRO C 328 -33.51 -9.30 -22.76
C PRO C 328 -34.15 -8.05 -23.39
N LEU C 329 -33.44 -7.41 -24.33
CA LEU C 329 -33.99 -6.24 -25.02
C LEU C 329 -35.18 -6.59 -25.92
N ARG C 330 -35.02 -7.66 -26.70
CA ARG C 330 -36.08 -8.18 -27.57
C ARG C 330 -37.20 -8.87 -26.77
N ALA C 331 -36.84 -9.50 -25.65
CA ALA C 331 -37.84 -10.04 -24.69
C ALA C 331 -38.84 -9.01 -24.17
N ALA C 332 -38.32 -7.84 -23.78
CA ALA C 332 -39.13 -6.72 -23.32
C ALA C 332 -40.19 -6.32 -24.33
N LYS C 333 -39.74 -6.09 -25.56
CA LYS C 333 -40.60 -5.71 -26.68
C LYS C 333 -41.67 -6.77 -26.95
N ALA C 334 -41.31 -8.04 -26.87
CA ALA C 334 -42.29 -9.14 -27.03
C ALA C 334 -43.37 -9.18 -25.90
N LEU C 335 -43.09 -8.59 -24.74
CA LEU C 335 -44.10 -8.47 -23.68
C LEU C 335 -44.80 -7.09 -23.60
N GLY C 336 -44.70 -6.29 -24.67
CA GLY C 336 -45.37 -4.99 -24.71
C GLY C 336 -44.73 -3.87 -23.93
N VAL C 337 -43.46 -4.02 -23.56
CA VAL C 337 -42.69 -3.02 -22.81
C VAL C 337 -41.65 -2.41 -23.74
N ALA C 338 -41.61 -1.09 -23.82
CA ALA C 338 -40.58 -0.39 -24.60
C ALA C 338 -39.25 -0.51 -23.84
N PRO C 339 -38.25 -1.19 -24.42
CA PRO C 339 -36.98 -1.39 -23.70
C PRO C 339 -36.10 -0.13 -23.62
N GLU C 340 -35.36 0.00 -22.52
CA GLU C 340 -34.31 1.01 -22.44
C GLU C 340 -33.09 0.50 -23.22
N VAL C 341 -32.83 1.12 -24.37
CA VAL C 341 -31.70 0.74 -25.25
C VAL C 341 -30.64 1.84 -25.37
N PRO C 342 -29.38 1.47 -25.69
CA PRO C 342 -28.39 2.50 -26.03
C PRO C 342 -28.92 3.41 -27.17
N PRO C 343 -28.76 4.74 -27.05
CA PRO C 343 -29.25 5.67 -28.10
C PRO C 343 -28.76 5.35 -29.53
N GLN C 344 -27.55 4.81 -29.65
CA GLN C 344 -27.00 4.40 -30.94
C GLN C 344 -27.84 3.32 -31.66
N TYR C 345 -28.56 2.50 -30.89
CA TYR C 345 -29.38 1.40 -31.41
C TYR C 345 -30.91 1.68 -31.48
N GLN C 346 -31.32 2.92 -31.18
CA GLN C 346 -32.75 3.34 -31.14
C GLN C 346 -33.59 2.91 -32.37
N ARG C 347 -33.04 3.12 -33.57
N ARG C 347 -33.04 3.14 -33.57
CA ARG C 347 -33.72 2.77 -34.81
CA ARG C 347 -33.65 2.75 -34.84
C ARG C 347 -33.71 1.25 -35.13
C ARG C 347 -33.75 1.24 -35.08
N GLY C 348 -32.91 0.48 -34.39
CA GLY C 348 -33.01 -0.99 -34.40
C GLY C 348 -34.26 -1.59 -33.75
N PHE C 349 -34.98 -0.84 -32.92
CA PHE C 349 -36.15 -1.35 -32.19
C PHE C 349 -37.43 -0.58 -32.53
N ALA D 2 10.64 -46.07 -13.68
CA ALA D 2 11.74 -45.25 -13.08
C ALA D 2 11.25 -44.32 -11.94
N LEU D 3 11.79 -44.52 -10.74
CA LEU D 3 11.62 -43.58 -9.62
C LEU D 3 12.04 -42.12 -9.89
N LEU D 4 13.03 -41.94 -10.77
CA LEU D 4 13.51 -40.61 -11.14
C LEU D 4 12.40 -39.75 -11.75
N PHE D 5 11.47 -40.39 -12.48
CA PHE D 5 10.35 -39.70 -13.08
C PHE D 5 8.98 -40.06 -12.48
N THR D 6 8.96 -40.50 -11.22
CA THR D 6 7.73 -40.72 -10.46
C THR D 6 7.48 -39.44 -9.62
N PRO D 7 6.21 -39.00 -9.50
CA PRO D 7 5.95 -37.80 -8.67
C PRO D 7 6.39 -37.93 -7.21
N LEU D 8 6.73 -36.79 -6.61
CA LEU D 8 7.19 -36.72 -5.21
C LEU D 8 6.33 -35.77 -4.38
N GLU D 9 5.77 -36.28 -3.29
CA GLU D 9 4.97 -35.44 -2.36
C GLU D 9 5.82 -34.83 -1.26
N LEU D 10 5.70 -33.51 -1.10
CA LEU D 10 6.39 -32.75 -0.06
C LEU D 10 5.48 -31.61 0.38
N GLY D 11 5.23 -31.51 1.68
CA GLY D 11 4.20 -30.62 2.21
C GLY D 11 2.87 -30.96 1.54
N GLY D 12 2.22 -29.95 0.97
CA GLY D 12 0.99 -30.13 0.17
C GLY D 12 1.19 -30.03 -1.33
N LEU D 13 2.44 -30.01 -1.80
CA LEU D 13 2.73 -30.02 -3.24
C LEU D 13 2.92 -31.44 -3.78
N ARG D 14 2.93 -31.52 -5.10
CA ARG D 14 3.43 -32.68 -5.81
C ARG D 14 4.38 -32.17 -6.87
N LEU D 15 5.66 -32.47 -6.72
CA LEU D 15 6.64 -32.25 -7.79
C LEU D 15 6.41 -33.36 -8.83
N LYS D 16 6.53 -33.03 -10.12
CA LYS D 16 6.22 -33.99 -11.21
C LYS D 16 7.30 -35.07 -11.43
N ASN D 17 8.52 -34.77 -10.98
CA ASN D 17 9.61 -35.75 -10.96
C ASN D 17 10.48 -35.51 -9.74
N ARG D 18 11.65 -36.14 -9.68
CA ARG D 18 12.58 -35.98 -8.56
C ARG D 18 13.93 -35.36 -8.89
N LEU D 19 13.96 -34.55 -9.94
CA LEU D 19 15.15 -33.76 -10.27
C LEU D 19 14.92 -32.29 -9.90
N ALA D 20 15.94 -31.67 -9.29
CA ALA D 20 15.92 -30.25 -8.94
C ALA D 20 17.17 -29.55 -9.41
N MET D 21 17.05 -28.27 -9.71
CA MET D 21 18.19 -27.43 -10.03
C MET D 21 18.78 -26.88 -8.74
N SER D 22 20.00 -27.29 -8.43
CA SER D 22 20.73 -26.84 -7.23
C SER D 22 21.01 -25.31 -7.32
N PRO D 23 20.98 -24.60 -6.17
CA PRO D 23 21.29 -23.16 -6.20
C PRO D 23 22.72 -22.86 -6.68
N MET D 24 22.83 -21.96 -7.67
CA MET D 24 24.12 -21.54 -8.24
C MET D 24 24.17 -20.03 -8.56
N ASP D 25 24.90 -19.28 -7.72
CA ASP D 25 25.13 -17.85 -7.87
C ASP D 25 25.69 -17.49 -9.25
N GLN D 26 24.99 -16.57 -9.91
CA GLN D 26 25.33 -16.08 -11.25
C GLN D 26 26.11 -14.76 -11.25
N TYR D 27 26.20 -14.11 -10.09
CA TYR D 27 26.89 -12.81 -9.98
C TYR D 27 26.48 -11.81 -11.10
N SER D 28 25.16 -11.72 -11.35
CA SER D 28 24.63 -10.89 -12.45
C SER D 28 23.45 -9.96 -12.07
N ALA D 29 23.22 -9.78 -10.77
CA ALA D 29 22.24 -8.80 -10.27
C ALA D 29 22.77 -7.37 -10.36
N THR D 30 21.88 -6.40 -10.15
CA THR D 30 22.28 -4.99 -10.04
C THR D 30 23.01 -4.76 -8.71
N LEU D 31 23.63 -3.59 -8.59
CA LEU D 31 24.30 -3.18 -7.36
C LEU D 31 23.36 -3.04 -6.16
N GLU D 32 22.06 -2.86 -6.43
CA GLU D 32 21.01 -2.95 -5.39
C GLU D 32 20.38 -4.36 -5.25
N GLY D 33 21.00 -5.37 -5.87
CA GLY D 33 20.54 -6.77 -5.77
C GLY D 33 19.25 -7.14 -6.48
N GLU D 34 18.94 -6.45 -7.57
CA GLU D 34 17.71 -6.68 -8.35
C GLU D 34 17.91 -7.70 -9.48
N VAL D 35 16.83 -8.39 -9.83
CA VAL D 35 16.78 -9.32 -10.96
C VAL D 35 16.99 -8.54 -12.28
N THR D 36 17.72 -9.15 -13.22
CA THR D 36 18.06 -8.59 -14.52
C THR D 36 17.63 -9.56 -15.64
N ASP D 37 17.85 -9.13 -16.88
CA ASP D 37 17.62 -9.96 -18.07
C ASP D 37 18.36 -11.31 -18.03
N TRP D 38 19.58 -11.35 -17.46
CA TRP D 38 20.35 -12.61 -17.36
C TRP D 38 19.59 -13.73 -16.63
N HIS D 39 19.07 -13.44 -15.44
CA HIS D 39 18.27 -14.41 -14.68
C HIS D 39 17.01 -14.85 -15.44
N LEU D 40 16.34 -13.90 -16.09
CA LEU D 40 15.09 -14.18 -16.84
C LEU D 40 15.29 -15.02 -18.12
N LEU D 41 16.53 -15.06 -18.64
CA LEU D 41 16.88 -16.05 -19.67
C LEU D 41 17.29 -17.40 -19.03
N HIS D 42 18.22 -17.33 -18.09
CA HIS D 42 18.91 -18.47 -17.47
C HIS D 42 17.98 -19.49 -16.77
N TYR D 43 17.13 -19.01 -15.86
CA TYR D 43 16.25 -19.92 -15.11
C TYR D 43 15.12 -20.58 -15.93
N PRO D 44 14.38 -19.82 -16.75
CA PRO D 44 13.33 -20.49 -17.54
C PRO D 44 13.83 -21.51 -18.58
N THR D 45 15.06 -21.35 -19.06
CA THR D 45 15.67 -22.33 -19.96
C THR D 45 15.72 -23.72 -19.31
N ARG D 46 16.12 -23.78 -18.05
CA ARG D 46 16.18 -25.05 -17.31
C ARG D 46 14.80 -25.57 -16.87
N ALA D 47 13.81 -24.70 -16.72
CA ALA D 47 12.44 -25.12 -16.49
C ALA D 47 11.85 -25.85 -17.72
N LEU D 48 12.00 -25.24 -18.90
CA LEU D 48 11.64 -25.92 -20.16
C LEU D 48 12.42 -27.23 -20.37
N GLY D 49 13.68 -27.22 -19.94
CA GLY D 49 14.55 -28.39 -19.98
C GLY D 49 14.15 -29.54 -19.08
N GLY D 50 13.24 -29.28 -18.12
CA GLY D 50 12.38 -30.35 -17.55
C GLY D 50 12.48 -30.76 -16.09
N VAL D 51 13.25 -30.03 -15.27
CA VAL D 51 13.26 -30.27 -13.81
C VAL D 51 11.89 -29.98 -13.16
N GLY D 52 11.53 -30.78 -12.16
CA GLY D 52 10.32 -30.54 -11.35
C GLY D 52 10.39 -29.33 -10.41
N LEU D 53 11.60 -29.00 -9.92
CA LEU D 53 11.82 -27.89 -8.99
C LEU D 53 13.05 -27.09 -9.35
N ILE D 54 12.93 -25.77 -9.35
CA ILE D 54 14.10 -24.88 -9.45
C ILE D 54 14.32 -24.14 -8.13
N LEU D 55 15.53 -24.30 -7.57
CA LEU D 55 15.99 -23.51 -6.44
C LEU D 55 16.88 -22.38 -6.93
N VAL D 56 16.34 -21.16 -6.93
CA VAL D 56 17.09 -19.95 -7.27
C VAL D 56 18.23 -19.74 -6.26
N GLU D 57 19.35 -19.26 -6.79
CA GLU D 57 20.61 -18.97 -6.04
C GLU D 57 20.49 -18.21 -4.71
N ALA D 58 21.53 -18.35 -3.90
CA ALA D 58 21.74 -17.59 -2.67
C ALA D 58 21.25 -16.14 -2.74
N THR D 59 20.18 -15.83 -2.01
CA THR D 59 19.59 -14.49 -1.98
C THR D 59 19.78 -13.88 -0.59
N ALA D 60 20.44 -12.73 -0.52
CA ALA D 60 20.88 -12.14 0.77
C ALA D 60 19.75 -11.48 1.56
N VAL D 61 19.67 -11.79 2.87
CA VAL D 61 18.64 -11.21 3.76
C VAL D 61 18.98 -9.79 4.29
N GLU D 62 20.24 -9.38 4.19
CA GLU D 62 20.65 -7.95 4.36
C GLU D 62 21.85 -7.65 3.46
N PRO D 63 22.19 -6.37 3.22
CA PRO D 63 23.34 -6.03 2.34
C PRO D 63 24.69 -6.60 2.80
N LEU D 64 24.96 -6.56 4.10
CA LEU D 64 26.16 -7.19 4.68
C LEU D 64 26.25 -8.72 4.54
N GLY D 65 25.12 -9.37 4.28
CA GLY D 65 25.07 -10.82 4.05
C GLY D 65 25.40 -11.32 2.64
N ARG D 66 25.66 -10.40 1.70
CA ARG D 66 25.97 -10.75 0.31
C ARG D 66 27.38 -11.34 0.13
N THR D 67 27.44 -12.43 -0.63
CA THR D 67 28.72 -12.98 -1.11
C THR D 67 29.49 -11.94 -1.93
N SER D 68 28.79 -11.20 -2.80
CA SER D 68 29.40 -10.24 -3.73
C SER D 68 28.48 -9.03 -3.97
N PRO D 69 29.02 -7.95 -4.57
CA PRO D 69 28.14 -6.81 -4.87
C PRO D 69 27.09 -7.06 -5.96
N TYR D 70 27.13 -8.25 -6.58
CA TYR D 70 26.16 -8.66 -7.63
C TYR D 70 25.26 -9.86 -7.27
N ASP D 71 25.18 -10.19 -5.98
CA ASP D 71 24.19 -11.18 -5.50
C ASP D 71 22.76 -10.62 -5.57
N LEU D 72 21.78 -11.49 -5.78
CA LEU D 72 20.39 -11.14 -5.55
C LEU D 72 20.17 -10.79 -4.06
N GLY D 73 19.22 -9.89 -3.81
CA GLY D 73 18.80 -9.53 -2.45
C GLY D 73 17.30 -9.65 -2.23
N ILE D 74 16.90 -9.77 -0.97
CA ILE D 74 15.49 -9.78 -0.57
C ILE D 74 15.21 -8.91 0.69
N TRP D 75 16.10 -7.95 0.98
CA TRP D 75 15.97 -7.06 2.18
C TRP D 75 14.99 -5.87 2.03
N SER D 76 14.35 -5.72 0.87
CA SER D 76 13.57 -4.53 0.52
C SER D 76 12.32 -4.91 -0.27
N GLU D 77 11.23 -4.17 -0.03
CA GLU D 77 10.01 -4.30 -0.83
C GLU D 77 10.21 -3.97 -2.33
N ASP D 78 11.22 -3.15 -2.64
CA ASP D 78 11.58 -2.86 -4.04
C ASP D 78 12.23 -4.04 -4.81
N HIS D 79 12.59 -5.13 -4.13
CA HIS D 79 12.98 -6.40 -4.80
C HIS D 79 11.79 -7.24 -5.28
N LEU D 80 10.59 -6.89 -4.85
CA LEU D 80 9.38 -7.69 -5.09
C LEU D 80 9.00 -7.81 -6.57
N PRO D 81 8.94 -6.68 -7.32
CA PRO D 81 8.54 -6.78 -8.75
C PRO D 81 9.44 -7.69 -9.60
N GLY D 82 10.75 -7.56 -9.42
CA GLY D 82 11.72 -8.43 -10.07
C GLY D 82 11.60 -9.92 -9.75
N LEU D 83 11.52 -10.27 -8.46
CA LEU D 83 11.42 -11.67 -8.03
C LEU D 83 10.13 -12.34 -8.49
N LYS D 84 9.06 -11.57 -8.42
CA LYS D 84 7.73 -11.93 -8.90
C LYS D 84 7.74 -12.32 -10.38
N GLU D 85 8.39 -11.51 -11.23
CA GLU D 85 8.53 -11.85 -12.65
C GLU D 85 9.40 -13.11 -12.86
N LEU D 86 10.45 -13.26 -12.06
CA LEU D 86 11.28 -14.48 -12.09
C LEU D 86 10.49 -15.74 -11.73
N ALA D 87 9.77 -15.71 -10.60
CA ALA D 87 8.94 -16.85 -10.20
C ALA D 87 7.85 -17.18 -11.21
N ARG D 88 7.18 -16.14 -11.72
CA ARG D 88 6.16 -16.28 -12.76
C ARG D 88 6.67 -16.97 -14.04
N ARG D 89 7.87 -16.60 -14.49
CA ARG D 89 8.40 -17.16 -15.73
C ARG D 89 8.88 -18.60 -15.58
N ILE D 90 9.49 -18.92 -14.44
CA ILE D 90 9.82 -20.30 -14.08
C ILE D 90 8.56 -21.19 -14.12
N ARG D 91 7.47 -20.72 -13.51
CA ARG D 91 6.22 -21.47 -13.41
C ARG D 91 5.59 -21.78 -14.76
N GLU D 92 5.47 -20.74 -15.60
CA GLU D 92 4.95 -20.90 -16.96
C GLU D 92 5.79 -21.79 -17.90
N ALA D 93 7.07 -21.98 -17.58
CA ALA D 93 7.93 -22.94 -18.32
C ALA D 93 7.87 -24.38 -17.78
N GLY D 94 7.21 -24.61 -16.65
CA GLY D 94 6.83 -25.95 -16.17
C GLY D 94 7.29 -26.43 -14.81
N ALA D 95 8.20 -25.69 -14.16
CA ALA D 95 8.77 -26.08 -12.85
C ALA D 95 8.18 -25.31 -11.69
N VAL D 96 8.22 -25.90 -10.50
CA VAL D 96 7.89 -25.21 -9.26
C VAL D 96 9.05 -24.25 -8.91
N PRO D 97 8.73 -22.96 -8.58
CA PRO D 97 9.77 -22.01 -8.20
C PRO D 97 10.08 -22.01 -6.69
N GLY D 98 11.34 -22.19 -6.34
CA GLY D 98 11.84 -22.05 -4.96
C GLY D 98 13.04 -21.12 -4.90
N ILE D 99 13.47 -20.81 -3.68
CA ILE D 99 14.56 -19.85 -3.45
C ILE D 99 15.35 -20.19 -2.18
N GLN D 100 16.66 -19.95 -2.21
CA GLN D 100 17.56 -20.09 -1.05
C GLN D 100 17.80 -18.73 -0.36
N LEU D 101 17.59 -18.68 0.97
CA LEU D 101 17.87 -17.50 1.81
C LEU D 101 19.27 -17.59 2.48
N HIS D 102 19.98 -16.47 2.55
CA HIS D 102 21.44 -16.46 2.70
C HIS D 102 21.98 -15.33 3.59
N HIS D 103 23.00 -15.64 4.38
CA HIS D 103 23.88 -14.65 5.02
C HIS D 103 25.32 -15.18 5.01
N ALA D 104 26.19 -14.47 4.29
CA ALA D 104 27.57 -14.86 4.04
C ALA D 104 28.49 -14.89 5.28
N GLY D 105 28.21 -14.03 6.26
CA GLY D 105 28.93 -14.09 7.54
C GLY D 105 30.35 -13.59 7.34
N ARG D 106 31.33 -14.32 7.88
CA ARG D 106 32.74 -13.92 7.76
C ARG D 106 33.32 -14.05 6.35
N LYS D 107 32.59 -14.66 5.42
CA LYS D 107 32.98 -14.71 3.99
C LYS D 107 32.29 -13.65 3.08
N ALA D 108 31.63 -12.66 3.68
CA ALA D 108 30.97 -11.61 2.91
C ALA D 108 31.94 -10.70 2.13
N GLY D 109 31.43 -10.14 1.04
CA GLY D 109 32.13 -9.08 0.30
C GLY D 109 33.43 -9.46 -0.37
N THR D 110 33.34 -10.40 -1.30
CA THR D 110 34.44 -10.74 -2.22
C THR D 110 34.03 -10.34 -3.63
N ALA D 111 35.01 -10.09 -4.50
CA ALA D 111 34.73 -9.84 -5.92
C ALA D 111 34.24 -11.12 -6.64
N ARG D 112 33.67 -10.97 -7.82
CA ARG D 112 33.28 -12.10 -8.67
C ARG D 112 34.46 -13.05 -8.93
N PRO D 113 34.20 -14.37 -9.10
CA PRO D 113 35.26 -15.36 -9.42
C PRO D 113 36.13 -15.04 -10.64
N TRP D 114 35.52 -14.46 -11.69
CA TRP D 114 36.23 -14.05 -12.91
C TRP D 114 36.81 -12.60 -12.91
N GLU D 115 36.73 -11.91 -11.77
CA GLU D 115 37.42 -10.63 -11.55
C GLU D 115 38.45 -10.71 -10.40
N GLY D 116 38.92 -11.91 -10.09
CA GLY D 116 39.96 -12.13 -9.08
C GLY D 116 39.47 -12.79 -7.80
N GLY D 117 38.24 -12.52 -7.40
CA GLY D 117 37.66 -13.12 -6.20
C GLY D 117 38.22 -12.64 -4.87
N LYS D 118 38.73 -11.42 -4.83
CA LYS D 118 39.44 -10.89 -3.65
C LYS D 118 38.50 -10.21 -2.65
N PRO D 119 38.80 -10.31 -1.33
CA PRO D 119 38.03 -9.58 -0.32
C PRO D 119 38.05 -8.05 -0.52
N LEU D 120 36.90 -7.42 -0.34
CA LEU D 120 36.75 -5.98 -0.56
C LEU D 120 36.86 -5.13 0.72
N GLY D 121 37.10 -5.77 1.87
CA GLY D 121 37.32 -5.05 3.13
C GLY D 121 36.06 -4.60 3.86
N TRP D 122 34.96 -5.33 3.69
CA TRP D 122 33.69 -5.00 4.34
C TRP D 122 33.75 -5.28 5.83
N ARG D 123 32.83 -4.66 6.56
CA ARG D 123 32.73 -4.82 8.01
C ARG D 123 31.92 -6.08 8.39
N VAL D 124 32.52 -7.24 8.16
CA VAL D 124 31.82 -8.53 8.22
C VAL D 124 31.59 -8.99 9.66
N VAL D 125 30.53 -9.78 9.89
CA VAL D 125 30.19 -10.31 11.24
C VAL D 125 30.38 -11.82 11.34
N GLY D 126 30.36 -12.33 12.57
CA GLY D 126 30.53 -13.77 12.84
C GLY D 126 30.34 -14.15 14.29
N PRO D 127 30.55 -15.43 14.64
CA PRO D 127 30.54 -15.83 16.05
C PRO D 127 31.79 -15.38 16.85
N SER D 128 32.96 -15.54 16.25
CA SER D 128 34.25 -15.29 16.91
C SER D 128 35.18 -14.49 16.00
N PRO D 129 36.09 -13.69 16.59
CA PRO D 129 36.99 -12.85 15.78
C PRO D 129 38.15 -13.62 15.11
N ILE D 130 37.81 -14.52 14.17
CA ILE D 130 38.81 -15.34 13.46
C ILE D 130 38.64 -15.16 11.95
N PRO D 131 39.69 -14.66 11.25
CA PRO D 131 39.54 -14.51 9.80
C PRO D 131 39.51 -15.85 9.05
N PHE D 132 38.85 -15.84 7.88
CA PHE D 132 38.73 -17.04 7.04
C PHE D 132 40.09 -17.53 6.55
N ASP D 133 40.82 -16.63 5.90
CA ASP D 133 42.19 -16.88 5.42
C ASP D 133 43.00 -15.58 5.44
N GLU D 134 44.30 -15.68 5.11
CA GLU D 134 45.15 -14.52 4.80
C GLU D 134 44.41 -13.51 3.94
N GLY D 135 44.46 -12.24 4.33
CA GLY D 135 43.84 -11.16 3.56
C GLY D 135 42.40 -10.84 3.91
N TYR D 136 41.70 -11.74 4.58
CA TYR D 136 40.30 -11.54 4.91
C TYR D 136 40.15 -10.70 6.19
N PRO D 137 39.10 -9.87 6.26
CA PRO D 137 38.87 -9.09 7.48
C PRO D 137 38.56 -9.94 8.71
N VAL D 138 38.93 -9.44 9.89
CA VAL D 138 38.57 -10.08 11.14
C VAL D 138 37.08 -9.80 11.36
N PRO D 139 36.24 -10.86 11.44
CA PRO D 139 34.82 -10.57 11.71
C PRO D 139 34.57 -9.99 13.10
N GLU D 140 33.52 -9.17 13.23
CA GLU D 140 33.13 -8.62 14.53
C GLU D 140 32.20 -9.63 15.21
N PRO D 141 32.59 -10.14 16.39
CA PRO D 141 31.68 -11.06 17.07
C PRO D 141 30.31 -10.43 17.35
N LEU D 142 29.24 -11.18 17.04
CA LEU D 142 27.87 -10.72 17.26
C LEU D 142 27.50 -10.76 18.74
N ASP D 143 26.68 -9.78 19.15
CA ASP D 143 26.02 -9.80 20.46
C ASP D 143 24.59 -10.29 20.29
N GLU D 144 23.85 -10.41 21.38
CA GLU D 144 22.50 -10.99 21.35
C GLU D 144 21.48 -10.16 20.56
N ALA D 145 21.66 -8.83 20.54
CA ALA D 145 20.83 -7.94 19.72
C ALA D 145 21.16 -8.06 18.22
N GLY D 146 22.43 -8.28 17.90
CA GLY D 146 22.87 -8.56 16.51
C GLY D 146 22.30 -9.86 15.97
N MET D 147 22.26 -10.90 16.81
CA MET D 147 21.65 -12.17 16.46
C MET D 147 20.14 -12.06 16.21
N GLU D 148 19.48 -11.18 16.96
CA GLU D 148 18.03 -10.95 16.82
C GLU D 148 17.67 -10.17 15.55
N ARG D 149 18.50 -9.20 15.16
CA ARG D 149 18.30 -8.44 13.91
C ARG D 149 18.37 -9.35 12.68
N ILE D 150 19.36 -10.24 12.69
CA ILE D 150 19.61 -11.17 11.58
C ILE D 150 18.49 -12.22 11.49
N LEU D 151 18.06 -12.73 12.64
CA LEU D 151 16.92 -13.64 12.71
C LEU D 151 15.64 -13.01 12.12
N GLN D 152 15.35 -11.76 12.48
CA GLN D 152 14.19 -11.04 11.92
C GLN D 152 14.35 -10.78 10.42
N ALA D 153 15.58 -10.53 9.96
CA ALA D 153 15.84 -10.41 8.53
C ALA D 153 15.53 -11.72 7.78
N PHE D 154 15.85 -12.85 8.40
CA PHE D 154 15.52 -14.18 7.82
C PHE D 154 14.00 -14.43 7.74
N VAL D 155 13.28 -14.05 8.79
CA VAL D 155 11.82 -14.16 8.90
C VAL D 155 11.09 -13.25 7.91
N GLU D 156 11.54 -12.00 7.81
CA GLU D 156 10.97 -11.06 6.81
C GLU D 156 11.34 -11.47 5.39
N GLY D 157 12.56 -11.97 5.19
CA GLY D 157 12.98 -12.54 3.91
C GLY D 157 12.03 -13.62 3.39
N ALA D 158 11.68 -14.55 4.29
CA ALA D 158 10.77 -15.67 4.00
C ALA D 158 9.34 -15.24 3.67
N ARG D 159 8.81 -14.26 4.41
CA ARG D 159 7.53 -13.62 4.12
C ARG D 159 7.51 -13.00 2.73
N ARG D 160 8.57 -12.26 2.40
CA ARG D 160 8.66 -11.55 1.13
C ARG D 160 8.74 -12.50 -0.07
N ALA D 161 9.45 -13.62 0.10
CA ALA D 161 9.55 -14.69 -0.92
C ALA D 161 8.19 -15.36 -1.18
N LEU D 162 7.36 -15.48 -0.15
CA LEU D 162 5.99 -15.99 -0.31
C LEU D 162 5.11 -15.03 -1.12
N ARG D 163 5.20 -13.73 -0.81
CA ARG D 163 4.48 -12.69 -1.57
C ARG D 163 4.84 -12.64 -3.08
N ALA D 164 6.08 -13.01 -3.43
CA ALA D 164 6.52 -13.10 -4.83
C ALA D 164 6.12 -14.38 -5.58
N GLY D 165 5.55 -15.35 -4.86
CA GLY D 165 5.06 -16.59 -5.47
C GLY D 165 5.94 -17.84 -5.39
N PHE D 166 7.03 -17.79 -4.63
CA PHE D 166 7.86 -18.97 -4.39
C PHE D 166 7.15 -19.95 -3.45
N GLN D 167 7.22 -21.23 -3.78
CA GLN D 167 6.55 -22.30 -3.02
C GLN D 167 7.47 -23.29 -2.26
N VAL D 168 8.79 -23.13 -2.42
CA VAL D 168 9.80 -23.81 -1.57
C VAL D 168 10.83 -22.80 -1.08
N ILE D 169 11.08 -22.79 0.23
CA ILE D 169 12.12 -21.95 0.85
C ILE D 169 13.25 -22.83 1.38
N GLU D 170 14.50 -22.51 1.02
CA GLU D 170 15.67 -23.19 1.60
C GLU D 170 16.54 -22.23 2.45
N LEU D 171 16.93 -22.68 3.63
CA LEU D 171 17.84 -21.94 4.53
C LEU D 171 19.25 -22.47 4.30
N HIS D 172 20.18 -21.55 4.10
CA HIS D 172 21.56 -21.86 3.74
C HIS D 172 22.41 -21.81 5.02
N MET D 173 22.52 -22.95 5.67
CA MET D 173 23.34 -23.13 6.87
C MET D 173 24.59 -23.97 6.58
N ALA D 174 25.24 -23.70 5.44
CA ALA D 174 26.33 -24.50 4.90
C ALA D 174 27.47 -23.64 4.36
N HIS D 175 28.53 -24.31 3.91
CA HIS D 175 29.65 -23.74 3.16
C HIS D 175 30.48 -22.64 3.87
N GLY D 176 30.46 -22.66 5.20
CA GLY D 176 31.23 -21.69 5.99
C GLY D 176 30.68 -20.28 6.12
N TYR D 177 29.47 -20.06 5.64
CA TYR D 177 28.81 -18.76 5.82
C TYR D 177 28.23 -18.70 7.24
N LEU D 178 27.43 -17.67 7.54
CA LEU D 178 27.13 -17.34 8.95
C LEU D 178 26.67 -18.50 9.82
N LEU D 179 25.53 -19.10 9.50
CA LEU D 179 24.97 -20.14 10.36
C LEU D 179 25.83 -21.43 10.40
N SER D 180 26.53 -21.72 9.31
CA SER D 180 27.50 -22.83 9.25
C SER D 180 28.69 -22.60 10.19
N SER D 181 29.18 -21.37 10.25
CA SER D 181 30.31 -21.01 11.10
C SER D 181 29.99 -21.06 12.61
N PHE D 182 28.74 -20.86 12.99
CA PHE D 182 28.29 -21.08 14.38
C PHE D 182 28.32 -22.57 14.78
N LEU D 183 28.00 -23.46 13.85
CA LEU D 183 28.00 -24.91 14.09
C LEU D 183 29.42 -25.48 14.33
N SER D 184 30.35 -25.11 13.46
CA SER D 184 31.70 -25.67 13.49
C SER D 184 32.57 -25.03 14.58
N PRO D 185 33.29 -25.87 15.39
CA PRO D 185 34.23 -25.33 16.38
C PRO D 185 35.53 -24.79 15.77
N LEU D 186 35.78 -25.08 14.49
CA LEU D 186 36.90 -24.48 13.77
C LEU D 186 36.75 -22.97 13.55
N SER D 187 35.51 -22.48 13.57
CA SER D 187 35.18 -21.05 13.46
C SER D 187 34.40 -20.47 14.68
N ASN D 188 33.85 -21.33 15.54
CA ASN D 188 33.16 -20.89 16.76
C ASN D 188 33.94 -21.30 18.02
N GLN D 189 34.56 -20.28 18.64
CA GLN D 189 35.24 -20.39 19.93
C GLN D 189 34.59 -19.51 21.01
N ARG D 190 33.27 -19.29 20.94
CA ARG D 190 32.57 -18.48 21.94
C ARG D 190 32.51 -19.17 23.30
N THR D 191 32.49 -18.36 24.37
CA THR D 191 32.39 -18.86 25.76
C THR D 191 31.07 -18.51 26.47
N ASP D 192 30.13 -17.88 25.77
CA ASP D 192 28.78 -17.66 26.30
C ASP D 192 27.90 -18.86 25.95
N ALA D 193 26.58 -18.72 26.03
CA ALA D 193 25.64 -19.82 25.71
C ALA D 193 25.52 -20.24 24.22
N TYR D 194 26.22 -19.56 23.31
CA TYR D 194 26.20 -19.84 21.87
C TYR D 194 27.52 -20.40 21.34
N GLY D 195 28.35 -20.96 22.23
CA GLY D 195 29.62 -21.62 21.88
C GLY D 195 30.04 -22.64 22.93
N GLY D 196 31.09 -23.41 22.63
CA GLY D 196 31.57 -24.48 23.51
C GLY D 196 30.94 -25.84 23.19
N SER D 197 29.93 -26.22 23.96
CA SER D 197 29.26 -27.51 23.80
C SER D 197 28.57 -27.66 22.43
N LEU D 198 28.13 -28.88 22.13
CA LEU D 198 27.34 -29.13 20.92
C LEU D 198 26.01 -28.39 21.00
N GLU D 199 25.29 -28.57 22.11
CA GLU D 199 24.01 -27.88 22.38
C GLU D 199 24.09 -26.36 22.13
N ASN D 200 25.12 -25.73 22.70
CA ASN D 200 25.37 -24.30 22.53
C ASN D 200 25.59 -23.87 21.09
N ARG D 201 26.39 -24.67 20.37
CA ARG D 201 26.72 -24.36 18.98
C ARG D 201 25.51 -24.50 18.03
N MET D 202 24.56 -25.38 18.37
CA MET D 202 23.33 -25.51 17.59
C MET D 202 22.25 -24.46 17.92
N ARG D 203 22.44 -23.66 18.97
CA ARG D 203 21.38 -22.79 19.53
C ARG D 203 20.88 -21.70 18.59
N PHE D 204 21.78 -20.91 18.02
CA PHE D 204 21.40 -19.80 17.12
C PHE D 204 20.83 -20.31 15.79
N PRO D 205 21.52 -21.29 15.14
CA PRO D 205 20.92 -21.95 13.98
C PRO D 205 19.49 -22.50 14.17
N LEU D 206 19.25 -23.21 15.27
CA LEU D 206 17.90 -23.73 15.59
C LEU D 206 16.85 -22.65 15.87
N GLN D 207 17.25 -21.55 16.47
CA GLN D 207 16.34 -20.40 16.68
C GLN D 207 15.84 -19.83 15.34
N VAL D 208 16.76 -19.66 14.40
CA VAL D 208 16.42 -19.18 13.06
C VAL D 208 15.45 -20.14 12.34
N ALA D 209 15.74 -21.44 12.37
CA ALA D 209 14.84 -22.45 11.76
C ALA D 209 13.42 -22.44 12.37
N GLN D 210 13.35 -22.31 13.70
CA GLN D 210 12.10 -22.26 14.44
C GLN D 210 11.24 -21.07 14.01
N ALA D 211 11.85 -19.89 14.01
CA ALA D 211 11.16 -18.64 13.63
C ALA D 211 10.62 -18.64 12.19
N VAL D 212 11.42 -19.15 11.24
CA VAL D 212 11.00 -19.22 9.83
C VAL D 212 9.86 -20.23 9.65
N ARG D 213 9.99 -21.39 10.28
CA ARG D 213 8.92 -22.39 10.27
C ARG D 213 7.56 -21.80 10.68
N GLU D 214 7.56 -20.90 11.67
CA GLU D 214 6.33 -20.27 12.17
C GLU D 214 5.60 -19.40 11.15
N VAL D 215 6.36 -18.73 10.27
CA VAL D 215 5.76 -17.88 9.22
C VAL D 215 5.54 -18.58 7.85
N VAL D 216 6.06 -19.80 7.70
CA VAL D 216 5.85 -20.58 6.47
C VAL D 216 4.75 -21.62 6.74
N PRO D 217 3.60 -21.55 6.04
CA PRO D 217 2.54 -22.55 6.26
C PRO D 217 2.96 -24.00 5.93
N ARG D 218 2.44 -24.97 6.68
CA ARG D 218 2.78 -26.39 6.48
C ARG D 218 2.62 -26.94 5.06
N GLU D 219 1.75 -26.32 4.25
CA GLU D 219 1.57 -26.71 2.86
C GLU D 219 2.82 -26.51 2.02
N LEU D 220 3.63 -25.50 2.37
CA LEU D 220 4.82 -25.16 1.60
C LEU D 220 6.08 -25.65 2.32
N PRO D 221 6.96 -26.43 1.62
CA PRO D 221 8.10 -27.06 2.31
C PRO D 221 9.24 -26.12 2.64
N LEU D 222 9.87 -26.39 3.78
CA LEU D 222 11.04 -25.68 4.26
C LEU D 222 12.23 -26.65 4.28
N PHE D 223 13.20 -26.36 3.41
CA PHE D 223 14.47 -27.09 3.32
C PHE D 223 15.50 -26.39 4.21
N VAL D 224 16.51 -27.16 4.62
CA VAL D 224 17.72 -26.62 5.26
C VAL D 224 18.91 -27.27 4.55
N ARG D 225 19.89 -26.48 4.17
CA ARG D 225 21.12 -26.99 3.56
C ARG D 225 22.23 -26.88 4.58
N VAL D 226 23.04 -27.93 4.67
CA VAL D 226 24.11 -27.96 5.67
C VAL D 226 25.39 -28.62 5.15
N SER D 227 26.54 -28.24 5.70
CA SER D 227 27.79 -29.00 5.46
C SER D 227 27.86 -30.15 6.48
N ALA D 228 27.64 -31.37 6.00
CA ALA D 228 27.54 -32.54 6.87
C ALA D 228 28.87 -32.92 7.55
N THR D 229 29.97 -32.49 6.94
CA THR D 229 31.29 -32.50 7.57
C THR D 229 32.09 -31.33 7.05
N ASP D 230 33.06 -30.88 7.86
CA ASP D 230 34.00 -29.84 7.42
C ASP D 230 35.39 -30.37 6.98
N TRP D 231 35.56 -31.70 7.02
CA TRP D 231 36.77 -32.40 6.52
C TRP D 231 38.07 -32.03 7.28
N GLY D 232 37.91 -31.44 8.46
CA GLY D 232 39.03 -30.87 9.23
C GLY D 232 39.14 -31.54 10.59
N GLU D 233 40.37 -31.65 11.09
CA GLU D 233 40.65 -32.42 12.29
C GLU D 233 40.07 -31.73 13.54
N GLY D 234 39.34 -32.50 14.35
CA GLY D 234 38.58 -31.97 15.50
C GLY D 234 37.37 -31.12 15.12
N GLY D 235 36.94 -31.17 13.86
CA GLY D 235 35.88 -30.31 13.34
C GLY D 235 34.49 -30.92 13.44
N TRP D 236 33.54 -30.33 12.73
CA TRP D 236 32.15 -30.82 12.65
C TRP D 236 32.07 -32.13 11.84
N SER D 237 31.48 -33.17 12.45
CA SER D 237 31.39 -34.52 11.87
C SER D 237 29.98 -34.92 11.43
N LEU D 238 29.92 -36.09 10.78
CA LEU D 238 28.65 -36.74 10.43
C LEU D 238 27.78 -37.00 11.66
N GLU D 239 28.37 -37.52 12.74
CA GLU D 239 27.66 -37.73 14.01
C GLU D 239 26.96 -36.46 14.56
N ASP D 240 27.66 -35.32 14.49
CA ASP D 240 27.08 -34.02 14.87
C ASP D 240 25.86 -33.68 14.00
N THR D 241 26.03 -33.83 12.69
CA THR D 241 24.94 -33.64 11.70
C THR D 241 23.69 -34.50 11.97
N LEU D 242 23.88 -35.73 12.46
CA LEU D 242 22.74 -36.57 12.84
C LEU D 242 21.99 -35.99 14.04
N ALA D 243 22.72 -35.58 15.07
CA ALA D 243 22.13 -34.91 16.25
C ALA D 243 21.34 -33.65 15.84
N PHE D 244 21.93 -32.85 14.96
CA PHE D 244 21.31 -31.63 14.41
C PHE D 244 20.08 -31.94 13.54
N ALA D 245 20.18 -32.95 12.70
CA ALA D 245 19.06 -33.40 11.85
C ALA D 245 17.81 -33.80 12.65
N ARG D 246 18.03 -34.52 13.76
CA ARG D 246 16.97 -34.90 14.72
C ARG D 246 16.21 -33.68 15.30
N ARG D 247 16.96 -32.64 15.67
CA ARG D 247 16.37 -31.40 16.20
C ARG D 247 15.56 -30.61 15.16
N LEU D 248 16.08 -30.50 13.93
CA LEU D 248 15.34 -29.87 12.81
C LEU D 248 14.02 -30.58 12.48
N LYS D 249 14.05 -31.91 12.49
CA LYS D 249 12.86 -32.74 12.26
C LYS D 249 11.78 -32.49 13.30
N GLU D 250 12.18 -32.34 14.56
CA GLU D 250 11.25 -32.02 15.65
C GLU D 250 10.63 -30.62 15.49
N LEU D 251 11.36 -29.70 14.86
CA LEU D 251 10.85 -28.36 14.55
C LEU D 251 9.88 -28.32 13.37
N GLY D 252 9.82 -29.39 12.59
CA GLY D 252 8.93 -29.48 11.41
C GLY D 252 9.58 -29.14 10.06
N VAL D 253 10.91 -29.15 10.00
CA VAL D 253 11.64 -29.00 8.73
C VAL D 253 11.33 -30.20 7.82
N ASP D 254 11.13 -29.96 6.54
CA ASP D 254 10.69 -31.00 5.57
C ASP D 254 11.79 -31.84 4.91
N LEU D 255 12.95 -31.22 4.65
CA LEU D 255 14.06 -31.89 3.94
C LEU D 255 15.43 -31.28 4.29
N LEU D 256 16.42 -32.13 4.51
CA LEU D 256 17.81 -31.71 4.69
C LEU D 256 18.60 -31.82 3.35
N ASP D 257 19.11 -30.69 2.87
CA ASP D 257 19.98 -30.68 1.67
C ASP D 257 21.44 -30.91 2.10
N CYS D 258 22.01 -32.06 1.72
CA CYS D 258 23.29 -32.57 2.32
C CYS D 258 24.54 -32.32 1.47
N SER D 259 25.23 -31.23 1.80
CA SER D 259 26.47 -30.84 1.12
C SER D 259 27.64 -31.07 2.07
N SER D 260 28.78 -30.42 1.83
CA SER D 260 29.93 -30.47 2.75
C SER D 260 30.96 -29.38 2.43
N GLY D 261 31.91 -29.23 3.32
CA GLY D 261 33.04 -28.32 3.12
C GLY D 261 32.69 -26.84 3.31
N GLY D 262 33.65 -25.99 2.93
CA GLY D 262 33.48 -24.53 2.91
C GLY D 262 33.80 -23.75 4.19
N VAL D 263 33.93 -24.44 5.32
CA VAL D 263 34.17 -23.78 6.62
C VAL D 263 35.60 -23.28 6.70
N VAL D 264 36.54 -24.15 6.33
CA VAL D 264 37.98 -23.80 6.22
C VAL D 264 38.51 -24.24 4.86
N LEU D 265 39.69 -23.73 4.52
CA LEU D 265 40.22 -23.84 3.17
C LEU D 265 41.25 -24.97 2.95
N ARG D 266 42.15 -25.19 3.90
CA ARG D 266 43.27 -26.14 3.71
C ARG D 266 42.97 -27.55 4.26
N VAL D 267 42.00 -28.21 3.61
CA VAL D 267 41.62 -29.58 3.97
C VAL D 267 41.56 -30.45 2.73
N ARG D 268 41.76 -31.75 2.89
CA ARG D 268 41.70 -32.71 1.79
C ARG D 268 40.27 -33.21 1.65
N ILE D 269 39.74 -33.19 0.43
CA ILE D 269 38.37 -33.65 0.15
C ILE D 269 38.42 -34.79 -0.87
N PRO D 270 37.88 -35.98 -0.52
CA PRO D 270 37.91 -37.12 -1.46
C PRO D 270 36.85 -37.01 -2.58
N LEU D 271 37.15 -36.21 -3.59
CA LEU D 271 36.22 -35.92 -4.69
C LEU D 271 36.02 -37.12 -5.60
N ALA D 272 34.76 -37.43 -5.89
CA ALA D 272 34.39 -38.56 -6.76
C ALA D 272 32.87 -38.51 -7.02
N PRO D 273 32.40 -39.20 -8.07
CA PRO D 273 30.95 -39.29 -8.27
C PRO D 273 30.23 -39.78 -7.00
N GLY D 274 29.18 -39.06 -6.61
CA GLY D 274 28.40 -39.39 -5.43
C GLY D 274 29.11 -39.36 -4.09
N PHE D 275 30.15 -38.53 -3.94
CA PHE D 275 30.93 -38.48 -2.67
C PHE D 275 30.18 -37.94 -1.41
N GLN D 276 29.06 -37.25 -1.62
CA GLN D 276 28.26 -36.70 -0.52
C GLN D 276 26.97 -37.51 -0.29
N VAL D 277 26.67 -38.44 -1.21
CA VAL D 277 25.52 -39.35 -1.05
C VAL D 277 25.49 -40.11 0.28
N PRO D 278 26.66 -40.57 0.81
CA PRO D 278 26.57 -41.28 2.10
C PRO D 278 26.05 -40.45 3.27
N PHE D 279 26.21 -39.13 3.19
CA PHE D 279 25.69 -38.19 4.19
C PHE D 279 24.15 -38.13 4.13
N ALA D 280 23.61 -37.97 2.93
CA ALA D 280 22.16 -38.08 2.73
C ALA D 280 21.60 -39.42 3.20
N ASP D 281 22.35 -40.50 2.93
CA ASP D 281 21.93 -41.88 3.21
C ASP D 281 21.84 -42.13 4.71
N ALA D 282 22.86 -41.68 5.45
CA ALA D 282 22.92 -41.84 6.90
C ALA D 282 21.78 -41.09 7.59
N VAL D 283 21.56 -39.82 7.18
CA VAL D 283 20.50 -38.97 7.77
C VAL D 283 19.13 -39.63 7.57
N ARG D 284 18.83 -40.00 6.34
CA ARG D 284 17.55 -40.62 5.97
C ARG D 284 17.23 -41.95 6.65
N LYS D 285 18.23 -42.82 6.85
CA LYS D 285 17.99 -44.17 7.40
C LYS D 285 18.08 -44.24 8.92
N ARG D 286 18.91 -43.39 9.53
CA ARG D 286 19.10 -43.34 11.00
C ARG D 286 18.23 -42.31 11.74
N VAL D 287 17.78 -41.26 11.05
CA VAL D 287 16.93 -40.20 11.64
C VAL D 287 15.48 -40.24 11.14
N GLY D 288 15.25 -40.67 9.90
CA GLY D 288 13.91 -40.67 9.31
C GLY D 288 13.49 -39.35 8.66
N LEU D 289 14.44 -38.43 8.48
CA LEU D 289 14.17 -37.15 7.82
C LEU D 289 14.47 -37.27 6.33
N ARG D 290 13.58 -36.75 5.49
CA ARG D 290 13.80 -36.70 4.04
C ARG D 290 15.08 -35.93 3.66
N THR D 291 15.76 -36.39 2.60
CA THR D 291 17.04 -35.81 2.18
C THR D 291 17.17 -35.58 0.67
N GLY D 292 18.00 -34.58 0.34
CA GLY D 292 18.39 -34.22 -1.01
C GLY D 292 19.85 -34.57 -1.20
N ALA D 293 20.16 -35.34 -2.24
CA ALA D 293 21.53 -35.71 -2.58
C ALA D 293 22.08 -34.77 -3.65
N VAL D 294 23.33 -34.36 -3.47
CA VAL D 294 24.02 -33.48 -4.38
C VAL D 294 25.53 -33.79 -4.33
N GLY D 295 26.19 -33.66 -5.49
CA GLY D 295 27.66 -33.73 -5.57
C GLY D 295 28.15 -34.68 -6.65
N LEU D 296 28.43 -34.12 -7.83
CA LEU D 296 28.98 -34.85 -8.98
C LEU D 296 28.04 -35.98 -9.45
N ILE D 297 26.77 -35.63 -9.59
CA ILE D 297 25.74 -36.51 -10.15
C ILE D 297 25.51 -36.05 -11.58
N THR D 298 25.80 -36.92 -12.55
CA THR D 298 25.84 -36.52 -13.97
C THR D 298 25.17 -37.48 -14.97
N THR D 299 24.80 -38.69 -14.56
CA THR D 299 24.11 -39.64 -15.47
C THR D 299 22.73 -40.06 -14.92
N PRO D 300 21.76 -40.37 -15.81
CA PRO D 300 20.42 -40.82 -15.35
C PRO D 300 20.41 -42.14 -14.57
N GLU D 301 21.29 -43.07 -14.96
CA GLU D 301 21.43 -44.36 -14.30
C GLU D 301 21.95 -44.22 -12.86
N GLN D 302 22.90 -43.31 -12.68
CA GLN D 302 23.44 -42.96 -11.35
C GLN D 302 22.34 -42.40 -10.45
N ALA D 303 21.63 -41.42 -10.96
CA ALA D 303 20.54 -40.78 -10.22
C ALA D 303 19.47 -41.79 -9.82
N GLU D 304 19.10 -42.68 -10.75
CA GLU D 304 18.10 -43.73 -10.46
C GLU D 304 18.55 -44.73 -9.40
N THR D 305 19.84 -45.11 -9.42
CA THR D 305 20.37 -46.14 -8.52
C THR D 305 20.37 -45.68 -7.04
N LEU D 306 20.81 -44.45 -6.82
CA LEU D 306 20.77 -43.89 -5.47
C LEU D 306 19.32 -43.81 -4.91
N LEU D 307 18.35 -43.44 -5.74
CA LEU D 307 16.93 -43.49 -5.34
C LEU D 307 16.45 -44.92 -4.99
N GLN D 308 16.79 -45.90 -5.83
CA GLN D 308 16.43 -47.31 -5.58
C GLN D 308 16.98 -47.86 -4.24
N ALA D 309 18.19 -47.42 -3.87
CA ALA D 309 18.83 -47.84 -2.61
C ALA D 309 18.32 -47.15 -1.34
N GLY D 310 17.44 -46.16 -1.48
CA GLY D 310 16.94 -45.39 -0.35
C GLY D 310 17.91 -44.37 0.21
N SER D 311 18.87 -43.92 -0.62
CA SER D 311 19.88 -42.94 -0.18
C SER D 311 19.29 -41.54 0.01
N ALA D 312 18.31 -41.18 -0.81
CA ALA D 312 17.70 -39.87 -0.82
C ALA D 312 16.27 -39.90 -1.38
N ASP D 313 15.55 -38.79 -1.21
CA ASP D 313 14.24 -38.58 -1.82
C ASP D 313 14.31 -37.68 -3.05
N LEU D 314 15.27 -36.75 -3.07
CA LEU D 314 15.41 -35.77 -4.15
C LEU D 314 16.86 -35.76 -4.65
N VAL D 315 17.04 -35.59 -5.96
CA VAL D 315 18.35 -35.50 -6.59
C VAL D 315 18.54 -34.08 -7.11
N LEU D 316 19.59 -33.41 -6.62
CA LEU D 316 19.87 -32.03 -7.03
C LEU D 316 21.03 -31.97 -8.00
N LEU D 317 20.86 -31.25 -9.10
CA LEU D 317 21.88 -31.11 -10.16
C LEU D 317 22.39 -29.65 -10.27
N GLY D 318 23.72 -29.49 -10.22
CA GLY D 318 24.34 -28.20 -10.40
C GLY D 318 25.00 -28.06 -11.76
N ARG D 319 26.27 -28.44 -11.82
CA ARG D 319 27.13 -28.15 -12.98
C ARG D 319 26.65 -28.74 -14.31
N VAL D 320 26.07 -29.94 -14.30
CA VAL D 320 25.57 -30.56 -15.55
C VAL D 320 24.49 -29.72 -16.26
N LEU D 321 23.71 -28.96 -15.49
CA LEU D 321 22.70 -28.03 -16.04
C LEU D 321 23.26 -26.68 -16.51
N LEU D 322 24.47 -26.32 -16.11
CA LEU D 322 25.18 -25.18 -16.69
C LEU D 322 25.56 -25.47 -18.14
N ARG D 323 26.07 -26.68 -18.39
CA ARG D 323 26.56 -27.06 -19.73
C ARG D 323 25.55 -27.85 -20.55
N ASP D 324 24.49 -28.36 -19.92
CA ASP D 324 23.46 -29.13 -20.62
C ASP D 324 22.05 -28.91 -19.99
N PRO D 325 21.40 -27.79 -20.33
CA PRO D 325 20.14 -27.41 -19.66
C PRO D 325 18.96 -28.39 -19.87
N TYR D 326 18.91 -29.07 -21.02
CA TYR D 326 17.83 -30.01 -21.37
C TYR D 326 18.10 -31.48 -20.96
N PHE D 327 19.10 -31.72 -20.12
CA PHE D 327 19.44 -33.06 -19.61
C PHE D 327 18.24 -33.92 -19.18
N PRO D 328 17.31 -33.37 -18.34
CA PRO D 328 16.16 -34.16 -17.86
C PRO D 328 15.23 -34.76 -18.92
N LEU D 329 14.97 -34.01 -19.98
CA LEU D 329 14.21 -34.52 -21.14
C LEU D 329 14.87 -35.72 -21.83
N ARG D 330 16.19 -35.64 -22.04
CA ARG D 330 16.95 -36.74 -22.64
C ARG D 330 17.21 -37.89 -21.63
N ALA D 331 17.33 -37.56 -20.35
CA ALA D 331 17.40 -38.58 -19.27
C ALA D 331 16.20 -39.54 -19.27
N ALA D 332 15.00 -38.99 -19.38
CA ALA D 332 13.77 -39.78 -19.39
C ALA D 332 13.76 -40.82 -20.52
N LYS D 333 14.05 -40.35 -21.72
CA LYS D 333 14.13 -41.17 -22.93
C LYS D 333 15.11 -42.33 -22.77
N ALA D 334 16.29 -42.02 -22.22
CA ALA D 334 17.30 -43.02 -21.90
C ALA D 334 16.88 -44.08 -20.83
N LEU D 335 15.92 -43.76 -19.98
CA LEU D 335 15.35 -44.74 -19.05
C LEU D 335 14.00 -45.32 -19.52
N GLY D 336 13.72 -45.24 -20.82
CA GLY D 336 12.48 -45.77 -21.40
C GLY D 336 11.16 -45.07 -21.08
N VAL D 337 11.21 -43.85 -20.55
CA VAL D 337 10.03 -42.99 -20.32
C VAL D 337 9.92 -41.95 -21.44
N ALA D 338 8.78 -41.90 -22.12
CA ALA D 338 8.51 -40.89 -23.14
C ALA D 338 8.28 -39.56 -22.43
N PRO D 339 9.16 -38.57 -22.65
CA PRO D 339 9.06 -37.32 -21.88
C PRO D 339 7.93 -36.39 -22.36
N GLU D 340 7.42 -35.56 -21.46
CA GLU D 340 6.53 -34.46 -21.83
C GLU D 340 7.39 -33.29 -22.29
N VAL D 341 7.30 -32.97 -23.57
CA VAL D 341 8.05 -31.88 -24.18
C VAL D 341 7.11 -30.82 -24.75
N PRO D 342 7.57 -29.56 -24.87
CA PRO D 342 6.75 -28.58 -25.57
C PRO D 342 6.36 -29.09 -26.96
N PRO D 343 5.11 -28.84 -27.40
CA PRO D 343 4.66 -29.26 -28.74
C PRO D 343 5.54 -28.75 -29.90
N GLN D 344 6.16 -27.59 -29.70
CA GLN D 344 7.09 -27.02 -30.66
C GLN D 344 8.31 -27.93 -30.90
N TYR D 345 8.70 -28.70 -29.88
CA TYR D 345 9.92 -29.54 -29.93
C TYR D 345 9.67 -31.03 -30.14
N GLN D 346 8.46 -31.37 -30.60
CA GLN D 346 7.98 -32.76 -30.62
C GLN D 346 8.76 -33.65 -31.59
N ARG D 347 9.08 -33.12 -32.77
N ARG D 347 9.09 -33.12 -32.77
CA ARG D 347 9.89 -33.82 -33.78
CA ARG D 347 9.90 -33.86 -33.76
C ARG D 347 11.38 -33.96 -33.39
C ARG D 347 11.39 -33.96 -33.40
N GLY D 348 11.84 -33.20 -32.41
CA GLY D 348 13.19 -33.35 -31.85
C GLY D 348 13.40 -34.59 -31.02
N PHE D 349 12.33 -35.21 -30.54
CA PHE D 349 12.42 -36.42 -29.70
C PHE D 349 11.74 -37.63 -30.35
N1 FMN E . -24.10 25.20 -3.56
C2 FMN E . -23.60 24.17 -2.84
O2 FMN E . -23.62 24.29 -1.59
N3 FMN E . -23.13 23.03 -3.45
C4 FMN E . -23.11 22.90 -4.80
O4 FMN E . -22.68 21.90 -5.40
C4A FMN E . -23.67 24.00 -5.62
N5 FMN E . -23.72 23.91 -6.97
C5A FMN E . -24.19 24.95 -7.71
C6 FMN E . -24.19 24.86 -9.10
C7 FMN E . -24.68 25.88 -9.90
C7M FMN E . -24.66 25.73 -11.40
C8 FMN E . -25.19 27.13 -9.25
C8M FMN E . -25.72 28.29 -10.04
C9 FMN E . -25.18 27.22 -7.86
C9A FMN E . -24.70 26.20 -7.05
N10 FMN E . -24.70 26.28 -5.64
C10 FMN E . -24.18 25.19 -4.90
C1' FMN E . -25.16 27.50 -4.92
C2' FMN E . -24.00 28.52 -4.96
O2' FMN E . -22.83 28.02 -4.30
C3' FMN E . -24.36 29.85 -4.33
O3' FMN E . -24.60 29.62 -2.92
C4' FMN E . -25.58 30.54 -4.96
O4' FMN E . -25.54 30.47 -6.38
C5' FMN E . -25.71 32.01 -4.59
O5' FMN E . -24.52 32.74 -4.89
P FMN E . -24.35 33.65 -6.22
O1P FMN E . -25.58 34.56 -6.29
O2P FMN E . -24.27 32.64 -7.33
O3P FMN E . -23.07 34.37 -5.88
N1 FMN F . 24.10 24.49 6.17
C2 FMN F . 23.08 23.71 6.64
O2 FMN F . 23.19 23.21 7.78
N3 FMN F . 21.98 23.50 5.91
C4 FMN F . 21.82 24.03 4.68
O4 FMN F . 20.79 23.79 4.01
C4A FMN F . 22.88 24.89 4.11
N5 FMN F . 22.77 25.46 2.88
C5A FMN F . 23.79 26.22 2.39
C6 FMN F . 23.69 26.77 1.10
C7 FMN F . 24.70 27.57 0.55
C7M FMN F . 24.54 28.14 -0.83
C8 FMN F . 25.94 27.80 1.35
C8M FMN F . 27.06 28.64 0.82
C9 FMN F . 26.07 27.25 2.63
C9A FMN F . 25.04 26.46 3.19
N10 FMN F . 25.15 25.88 4.49
C10 FMN F . 24.06 25.10 4.96
C1' FMN F . 26.34 26.04 5.33
C2' FMN F . 27.38 25.02 4.84
O2' FMN F . 26.89 23.69 4.98
C3' FMN F . 28.71 25.13 5.58
O3' FMN F . 28.50 24.75 6.96
C4' FMN F . 29.36 26.53 5.57
O4' FMN F . 29.25 27.11 4.29
C5' FMN F . 30.86 26.52 5.95
O5' FMN F . 31.60 25.58 5.18
P FMN F . 32.43 26.06 3.89
O1P FMN F . 33.35 27.18 4.37
O2P FMN F . 31.39 26.54 2.91
O3P FMN F . 33.15 24.80 3.53
N1 FMN G . -22.57 -23.16 -13.16
C2 FMN G . -21.88 -22.66 -12.12
O2 FMN G . -22.46 -22.63 -10.99
N3 FMN G . -20.61 -22.21 -12.25
C4 FMN G . -19.96 -22.22 -13.42
O4 FMN G . -18.79 -21.80 -13.54
C4A FMN G . -20.66 -22.76 -14.61
N5 FMN G . -20.07 -22.83 -15.81
C5A FMN G . -20.74 -23.30 -16.89
C6 FMN G . -20.11 -23.31 -18.13
C7 FMN G . -20.75 -23.78 -19.25
C7M FMN G . -20.03 -23.80 -20.57
C8 FMN G . -22.16 -24.28 -19.13
C8M FMN G . -22.92 -24.81 -20.32
C9 FMN G . -22.80 -24.26 -17.90
C9A FMN G . -22.15 -23.78 -16.77
N10 FMN G . -22.77 -23.75 -15.49
C10 FMN G . -22.04 -23.24 -14.40
C1' FMN G . -24.17 -24.18 -15.30
C2' FMN G . -25.04 -22.99 -15.76
O2' FMN G . -24.69 -21.78 -15.05
C3' FMN G . -26.54 -23.25 -15.61
O3' FMN G . -26.81 -23.53 -14.22
C4' FMN G . -27.02 -24.40 -16.51
O4' FMN G . -26.42 -24.38 -17.81
C5' FMN G . -28.54 -24.42 -16.75
O5' FMN G . -29.00 -23.18 -17.31
P FMN G . -29.20 -22.98 -18.89
O1P FMN G . -30.11 -24.10 -19.35
O2P FMN G . -27.82 -23.05 -19.49
O3P FMN G . -29.83 -21.62 -18.95
N1 FMN H . 25.60 -23.71 -3.41
C2 FMN H . 24.79 -23.00 -2.61
O2 FMN H . 24.32 -23.60 -1.61
N3 FMN H . 24.46 -21.71 -2.86
C4 FMN H . 24.93 -21.05 -3.93
O4 FMN H . 24.63 -19.85 -4.16
C4A FMN H . 25.85 -21.76 -4.85
N5 FMN H . 26.37 -21.17 -5.95
C5A FMN H . 27.19 -21.87 -6.78
C6 FMN H . 27.72 -21.24 -7.92
C7 FMN H . 28.55 -21.95 -8.80
C7M FMN H . 29.09 -21.24 -10.02
C8 FMN H . 28.88 -23.36 -8.52
C8M FMN H . 29.77 -24.18 -9.41
C9 FMN H . 28.36 -23.99 -7.40
C9A FMN H . 27.53 -23.31 -6.51
N10 FMN H . 27.01 -23.93 -5.35
C10 FMN H . 26.16 -23.17 -4.51
C1' FMN H . 27.26 -25.34 -5.03
C2' FMN H . 26.30 -26.15 -5.92
O2' FMN H . 24.94 -25.80 -5.67
C3' FMN H . 26.46 -27.65 -5.72
O3' FMN H . 26.15 -27.99 -4.34
C4' FMN H . 27.86 -28.17 -6.09
O4' FMN H . 28.34 -27.56 -7.28
C5' FMN H . 27.95 -29.68 -6.32
O5' FMN H . 27.02 -30.16 -7.31
P FMN H . 27.47 -30.46 -8.83
O1P FMN H . 28.70 -31.33 -8.74
O2P FMN H . 27.76 -29.09 -9.36
O3P FMN H . 26.25 -31.11 -9.41
#